data_5BZT
# 
_entry.id   5BZT 
# 
_audit_conform.dict_name       mmcif_pdbx.dic 
_audit_conform.dict_version    5.397 
_audit_conform.dict_location   http://mmcif.pdb.org/dictionaries/ascii/mmcif_pdbx.dic 
# 
loop_
_database_2.database_id 
_database_2.database_code 
_database_2.pdbx_database_accession 
_database_2.pdbx_DOI 
PDB   5BZT         pdb_00005bzt 10.2210/pdb5bzt/pdb 
WWPDB D_1000210196 ?            ?                   
# 
loop_
_pdbx_audit_revision_history.ordinal 
_pdbx_audit_revision_history.data_content_type 
_pdbx_audit_revision_history.major_revision 
_pdbx_audit_revision_history.minor_revision 
_pdbx_audit_revision_history.revision_date 
1 'Structure model' 1 0 2016-06-29 
2 'Structure model' 1 1 2024-10-16 
# 
_pdbx_audit_revision_details.ordinal             1 
_pdbx_audit_revision_details.revision_ordinal    1 
_pdbx_audit_revision_details.data_content_type   'Structure model' 
_pdbx_audit_revision_details.provider            repository 
_pdbx_audit_revision_details.type                'Initial release' 
_pdbx_audit_revision_details.description         ? 
_pdbx_audit_revision_details.details             ? 
# 
loop_
_pdbx_audit_revision_group.ordinal 
_pdbx_audit_revision_group.revision_ordinal 
_pdbx_audit_revision_group.data_content_type 
_pdbx_audit_revision_group.group 
1 2 'Structure model' 'Data collection'      
2 2 'Structure model' 'Database references'  
3 2 'Structure model' 'Derived calculations' 
4 2 'Structure model' 'Structure summary'    
# 
loop_
_pdbx_audit_revision_category.ordinal 
_pdbx_audit_revision_category.revision_ordinal 
_pdbx_audit_revision_category.data_content_type 
_pdbx_audit_revision_category.category 
1 2 'Structure model' chem_comp_atom            
2 2 'Structure model' chem_comp_bond            
3 2 'Structure model' citation                  
4 2 'Structure model' database_2                
5 2 'Structure model' pdbx_entry_details        
6 2 'Structure model' pdbx_modification_feature 
7 2 'Structure model' pdbx_struct_oper_list     
# 
loop_
_pdbx_audit_revision_item.ordinal 
_pdbx_audit_revision_item.revision_ordinal 
_pdbx_audit_revision_item.data_content_type 
_pdbx_audit_revision_item.item 
1 2 'Structure model' '_citation.journal_id_CSD'                  
2 2 'Structure model' '_database_2.pdbx_DOI'                      
3 2 'Structure model' '_database_2.pdbx_database_accession'       
4 2 'Structure model' '_pdbx_struct_oper_list.symmetry_operation' 
# 
_pdbx_database_status.status_code                     REL 
_pdbx_database_status.status_code_sf                  REL 
_pdbx_database_status.status_code_mr                  ? 
_pdbx_database_status.entry_id                        5BZT 
_pdbx_database_status.recvd_initial_deposition_date   2015-06-11 
_pdbx_database_status.SG_entry                        N 
_pdbx_database_status.deposit_site                    RCSB 
_pdbx_database_status.process_site                    RCSB 
_pdbx_database_status.status_code_cs                  ? 
_pdbx_database_status.methods_development_category    ? 
_pdbx_database_status.pdb_format_compatible           Y 
_pdbx_database_status.status_code_nmr_data            ? 
# 
loop_
_pdbx_database_related.content_type 
_pdbx_database_related.db_id 
_pdbx_database_related.db_name 
_pdbx_database_related.details 
unspecified 5BZC PDB . 
unspecified 5BZE PDB . 
unspecified 5BZF PDB . 
unspecified 5BZG PDB . 
unspecified 5BZH PDB . 
unspecified 5BZI PDB . 
unspecified 5BZJ PDB . 
unspecified 5BZM PDB . 
unspecified 5BZN PDB . 
unspecified 5BZO PDB . 
unspecified 5BZQ PDB . 
unspecified 5BZP PDB . 
unspecified 5BZR PDB . 
unspecified 5BZS PDB . 
# 
loop_
_audit_author.name 
_audit_author.pdbx_ordinal 
'Liu, L.K.'    1 
'Finzel, B.C.' 2 
# 
_citation.abstract                  ? 
_citation.abstract_id_CAS           ? 
_citation.book_id_ISBN              ? 
_citation.book_publisher            ? 
_citation.book_publisher_city       ? 
_citation.book_title                ? 
_citation.coordinate_linkage        ? 
_citation.country                   ? 
_citation.database_id_Medline       ? 
_citation.details                   ? 
_citation.id                        primary 
_citation.journal_abbrev            'To Be Published' 
_citation.journal_id_ASTM           ? 
_citation.journal_id_CSD            0353 
_citation.journal_id_ISSN           ? 
_citation.journal_full              ? 
_citation.journal_issue             ? 
_citation.journal_volume            ? 
_citation.language                  ? 
_citation.page_first                ? 
_citation.page_last                 ? 
_citation.title                     'Crystal structure of the murine cd44 hyaluronan binding domain complex with a small molecule' 
_citation.year                      ? 
_citation.database_id_CSD           ? 
_citation.pdbx_database_id_DOI      ? 
_citation.pdbx_database_id_PubMed   ? 
_citation.unpublished_flag          ? 
# 
loop_
_citation_author.citation_id 
_citation_author.name 
_citation_author.ordinal 
_citation_author.identifier_ORCID 
primary 'Liu, L.K.'    1 ? 
primary 'Finzel, B.C.' 2 ? 
# 
loop_
_entity.id 
_entity.type 
_entity.src_method 
_entity.pdbx_description 
_entity.formula_weight 
_entity.pdbx_number_of_molecules 
_entity.pdbx_ec 
_entity.pdbx_mutation 
_entity.pdbx_fragment 
_entity.details 
1 polymer     man 'CD44 antigen'                                                       16855.803 1  ? 'H23M; Q24N' 
'HYALURONAN BINDING DOMAIN, RESIDUES 21-171' ? 
2 non-polymer syn 'DIMETHYL SULFOXIDE'                                                 78.133    1  ? ?            ? ? 
3 non-polymer syn 'SULFATE ION'                                                        96.063    1  ? ?            ? ? 
4 non-polymer syn '2-(1,3-dimethoxypropan-2-yl)-1,2,3,4-tetrahydroisoquinolin-8-amine' 250.337   2  ? ?            ? ? 
5 non-polymer syn GLYCEROL                                                             92.094    1  ? ?            ? ? 
6 water       nat water                                                                18.015    88 ? ?            ? ? 
# 
_entity_name_com.entity_id   1 
_entity_name_com.name        
;Extracellular matrix receptor III,ECMR-III,GP90 lymphocyte homing/adhesion receptor,HUTCH-I,Hermes antigen,Hyaluronate receptor,Lymphocyte antigen 24,Ly-24,Phagocytic glycoprotein 1,PGP-1,Phagocytic glycoprotein I,PGP-I
;
# 
_entity_poly.entity_id                      1 
_entity_poly.type                           'polypeptide(L)' 
_entity_poly.nstd_linkage                   no 
_entity_poly.nstd_monomer                   no 
_entity_poly.pdbx_seq_one_letter_code       
;MNQIDLNVTCRYAGVFHVEKNGRYSISRTEAADLCQAFNSTLPTMDQMKLALSKGFETCRYGFIEGNVVIPRIHPNAICA
ANHTGVYILVTSNTSHYDTYCFNASAPPEEDCTSVTDLPNSFDGPVTITIVNRDGTRYSKKGEYRTHQEDI
;
_entity_poly.pdbx_seq_one_letter_code_can   
;MNQIDLNVTCRYAGVFHVEKNGRYSISRTEAADLCQAFNSTLPTMDQMKLALSKGFETCRYGFIEGNVVIPRIHPNAICA
ANHTGVYILVTSNTSHYDTYCFNASAPPEEDCTSVTDLPNSFDGPVTITIVNRDGTRYSKKGEYRTHQEDI
;
_entity_poly.pdbx_strand_id                 A 
_entity_poly.pdbx_target_identifier         ? 
# 
loop_
_pdbx_entity_nonpoly.entity_id 
_pdbx_entity_nonpoly.name 
_pdbx_entity_nonpoly.comp_id 
2 'DIMETHYL SULFOXIDE'                                                 DMS 
3 'SULFATE ION'                                                        SO4 
4 '2-(1,3-dimethoxypropan-2-yl)-1,2,3,4-tetrahydroisoquinolin-8-amine' 4XJ 
5 GLYCEROL                                                             GOL 
6 water                                                                HOH 
# 
loop_
_entity_poly_seq.entity_id 
_entity_poly_seq.num 
_entity_poly_seq.mon_id 
_entity_poly_seq.hetero 
1 1   MET n 
1 2   ASN n 
1 3   GLN n 
1 4   ILE n 
1 5   ASP n 
1 6   LEU n 
1 7   ASN n 
1 8   VAL n 
1 9   THR n 
1 10  CYS n 
1 11  ARG n 
1 12  TYR n 
1 13  ALA n 
1 14  GLY n 
1 15  VAL n 
1 16  PHE n 
1 17  HIS n 
1 18  VAL n 
1 19  GLU n 
1 20  LYS n 
1 21  ASN n 
1 22  GLY n 
1 23  ARG n 
1 24  TYR n 
1 25  SER n 
1 26  ILE n 
1 27  SER n 
1 28  ARG n 
1 29  THR n 
1 30  GLU n 
1 31  ALA n 
1 32  ALA n 
1 33  ASP n 
1 34  LEU n 
1 35  CYS n 
1 36  GLN n 
1 37  ALA n 
1 38  PHE n 
1 39  ASN n 
1 40  SER n 
1 41  THR n 
1 42  LEU n 
1 43  PRO n 
1 44  THR n 
1 45  MET n 
1 46  ASP n 
1 47  GLN n 
1 48  MET n 
1 49  LYS n 
1 50  LEU n 
1 51  ALA n 
1 52  LEU n 
1 53  SER n 
1 54  LYS n 
1 55  GLY n 
1 56  PHE n 
1 57  GLU n 
1 58  THR n 
1 59  CYS n 
1 60  ARG n 
1 61  TYR n 
1 62  GLY n 
1 63  PHE n 
1 64  ILE n 
1 65  GLU n 
1 66  GLY n 
1 67  ASN n 
1 68  VAL n 
1 69  VAL n 
1 70  ILE n 
1 71  PRO n 
1 72  ARG n 
1 73  ILE n 
1 74  HIS n 
1 75  PRO n 
1 76  ASN n 
1 77  ALA n 
1 78  ILE n 
1 79  CYS n 
1 80  ALA n 
1 81  ALA n 
1 82  ASN n 
1 83  HIS n 
1 84  THR n 
1 85  GLY n 
1 86  VAL n 
1 87  TYR n 
1 88  ILE n 
1 89  LEU n 
1 90  VAL n 
1 91  THR n 
1 92  SER n 
1 93  ASN n 
1 94  THR n 
1 95  SER n 
1 96  HIS n 
1 97  TYR n 
1 98  ASP n 
1 99  THR n 
1 100 TYR n 
1 101 CYS n 
1 102 PHE n 
1 103 ASN n 
1 104 ALA n 
1 105 SER n 
1 106 ALA n 
1 107 PRO n 
1 108 PRO n 
1 109 GLU n 
1 110 GLU n 
1 111 ASP n 
1 112 CYS n 
1 113 THR n 
1 114 SER n 
1 115 VAL n 
1 116 THR n 
1 117 ASP n 
1 118 LEU n 
1 119 PRO n 
1 120 ASN n 
1 121 SER n 
1 122 PHE n 
1 123 ASP n 
1 124 GLY n 
1 125 PRO n 
1 126 VAL n 
1 127 THR n 
1 128 ILE n 
1 129 THR n 
1 130 ILE n 
1 131 VAL n 
1 132 ASN n 
1 133 ARG n 
1 134 ASP n 
1 135 GLY n 
1 136 THR n 
1 137 ARG n 
1 138 TYR n 
1 139 SER n 
1 140 LYS n 
1 141 LYS n 
1 142 GLY n 
1 143 GLU n 
1 144 TYR n 
1 145 ARG n 
1 146 THR n 
1 147 HIS n 
1 148 GLN n 
1 149 GLU n 
1 150 ASP n 
1 151 ILE n 
# 
_entity_src_gen.entity_id                          1 
_entity_src_gen.pdbx_src_id                        1 
_entity_src_gen.pdbx_alt_source_flag               sample 
_entity_src_gen.pdbx_seq_type                      'Biological sequence' 
_entity_src_gen.pdbx_beg_seq_num                   1 
_entity_src_gen.pdbx_end_seq_num                   151 
_entity_src_gen.gene_src_common_name               Mouse 
_entity_src_gen.gene_src_genus                     ? 
_entity_src_gen.pdbx_gene_src_gene                 'Cd44, Ly-24' 
_entity_src_gen.gene_src_species                   ? 
_entity_src_gen.gene_src_strain                    ? 
_entity_src_gen.gene_src_tissue                    ? 
_entity_src_gen.gene_src_tissue_fraction           ? 
_entity_src_gen.gene_src_details                   ? 
_entity_src_gen.pdbx_gene_src_fragment             ? 
_entity_src_gen.pdbx_gene_src_scientific_name      'Mus musculus' 
_entity_src_gen.pdbx_gene_src_ncbi_taxonomy_id     10090 
_entity_src_gen.pdbx_gene_src_variant              ? 
_entity_src_gen.pdbx_gene_src_cell_line            ? 
_entity_src_gen.pdbx_gene_src_atcc                 ? 
_entity_src_gen.pdbx_gene_src_organ                ? 
_entity_src_gen.pdbx_gene_src_organelle            ? 
_entity_src_gen.pdbx_gene_src_cell                 ? 
_entity_src_gen.pdbx_gene_src_cellular_location    ? 
_entity_src_gen.host_org_common_name               ? 
_entity_src_gen.pdbx_host_org_scientific_name      'Escherichia coli' 
_entity_src_gen.pdbx_host_org_ncbi_taxonomy_id     469008 
_entity_src_gen.host_org_genus                     ? 
_entity_src_gen.pdbx_host_org_gene                 ? 
_entity_src_gen.pdbx_host_org_organ                ? 
_entity_src_gen.host_org_species                   ? 
_entity_src_gen.pdbx_host_org_tissue               ? 
_entity_src_gen.pdbx_host_org_tissue_fraction      ? 
_entity_src_gen.pdbx_host_org_strain               'BL21(DE3)' 
_entity_src_gen.pdbx_host_org_variant              ? 
_entity_src_gen.pdbx_host_org_cell_line            ? 
_entity_src_gen.pdbx_host_org_atcc                 ? 
_entity_src_gen.pdbx_host_org_culture_collection   ? 
_entity_src_gen.pdbx_host_org_cell                 ? 
_entity_src_gen.pdbx_host_org_organelle            ? 
_entity_src_gen.pdbx_host_org_cellular_location    ? 
_entity_src_gen.pdbx_host_org_vector_type          plasmid 
_entity_src_gen.pdbx_host_org_vector               ? 
_entity_src_gen.host_org_details                   ? 
_entity_src_gen.expression_system_id               ? 
_entity_src_gen.plasmid_name                       pMCSG7 
_entity_src_gen.plasmid_details                    ? 
_entity_src_gen.pdbx_description                   ? 
# 
loop_
_chem_comp.id 
_chem_comp.type 
_chem_comp.mon_nstd_flag 
_chem_comp.name 
_chem_comp.pdbx_synonyms 
_chem_comp.formula 
_chem_comp.formula_weight 
4XJ non-polymer         . '2-(1,3-dimethoxypropan-2-yl)-1,2,3,4-tetrahydroisoquinolin-8-amine' ?                               
'C14 H22 N2 O2'  250.337 
ALA 'L-peptide linking' y ALANINE                                                              ?                               
'C3 H7 N O2'     89.093  
ARG 'L-peptide linking' y ARGININE                                                             ?                               
'C6 H15 N4 O2 1' 175.209 
ASN 'L-peptide linking' y ASPARAGINE                                                           ?                               
'C4 H8 N2 O3'    132.118 
ASP 'L-peptide linking' y 'ASPARTIC ACID'                                                      ?                               
'C4 H7 N O4'     133.103 
CYS 'L-peptide linking' y CYSTEINE                                                             ?                               
'C3 H7 N O2 S'   121.158 
DMS non-polymer         . 'DIMETHYL SULFOXIDE'                                                 ?                               
'C2 H6 O S'      78.133  
GLN 'L-peptide linking' y GLUTAMINE                                                            ?                               
'C5 H10 N2 O3'   146.144 
GLU 'L-peptide linking' y 'GLUTAMIC ACID'                                                      ?                               
'C5 H9 N O4'     147.129 
GLY 'peptide linking'   y GLYCINE                                                              ?                               
'C2 H5 N O2'     75.067  
GOL non-polymer         . GLYCEROL                                                             'GLYCERIN; PROPANE-1,2,3-TRIOL' 
'C3 H8 O3'       92.094  
HIS 'L-peptide linking' y HISTIDINE                                                            ?                               
'C6 H10 N3 O2 1' 156.162 
HOH non-polymer         . WATER                                                                ?                               
'H2 O'           18.015  
ILE 'L-peptide linking' y ISOLEUCINE                                                           ?                               
'C6 H13 N O2'    131.173 
LEU 'L-peptide linking' y LEUCINE                                                              ?                               
'C6 H13 N O2'    131.173 
LYS 'L-peptide linking' y LYSINE                                                               ?                               
'C6 H15 N2 O2 1' 147.195 
MET 'L-peptide linking' y METHIONINE                                                           ?                               
'C5 H11 N O2 S'  149.211 
PHE 'L-peptide linking' y PHENYLALANINE                                                        ?                               
'C9 H11 N O2'    165.189 
PRO 'L-peptide linking' y PROLINE                                                              ?                               
'C5 H9 N O2'     115.130 
SER 'L-peptide linking' y SERINE                                                               ?                               
'C3 H7 N O3'     105.093 
SO4 non-polymer         . 'SULFATE ION'                                                        ?                               
'O4 S -2'        96.063  
THR 'L-peptide linking' y THREONINE                                                            ?                               
'C4 H9 N O3'     119.119 
TYR 'L-peptide linking' y TYROSINE                                                             ?                               
'C9 H11 N O3'    181.189 
VAL 'L-peptide linking' y VALINE                                                               ?                               
'C5 H11 N O2'    117.146 
# 
loop_
_pdbx_poly_seq_scheme.asym_id 
_pdbx_poly_seq_scheme.entity_id 
_pdbx_poly_seq_scheme.seq_id 
_pdbx_poly_seq_scheme.mon_id 
_pdbx_poly_seq_scheme.ndb_seq_num 
_pdbx_poly_seq_scheme.pdb_seq_num 
_pdbx_poly_seq_scheme.auth_seq_num 
_pdbx_poly_seq_scheme.pdb_mon_id 
_pdbx_poly_seq_scheme.auth_mon_id 
_pdbx_poly_seq_scheme.pdb_strand_id 
_pdbx_poly_seq_scheme.pdb_ins_code 
_pdbx_poly_seq_scheme.hetero 
A 1 1   MET 1   23  ?   ?   ?   A . n 
A 1 2   ASN 2   24  24  ASN ASN A . n 
A 1 3   GLN 3   25  25  GLN GLN A . n 
A 1 4   ILE 4   26  26  ILE ILE A . n 
A 1 5   ASP 5   27  27  ASP ASP A . n 
A 1 6   LEU 6   28  28  LEU LEU A . n 
A 1 7   ASN 7   29  29  ASN ASN A . n 
A 1 8   VAL 8   30  30  VAL VAL A . n 
A 1 9   THR 9   31  31  THR THR A . n 
A 1 10  CYS 10  32  32  CYS CYS A . n 
A 1 11  ARG 11  33  33  ARG ARG A . n 
A 1 12  TYR 12  34  34  TYR TYR A . n 
A 1 13  ALA 13  35  35  ALA ALA A . n 
A 1 14  GLY 14  36  36  GLY GLY A . n 
A 1 15  VAL 15  37  37  VAL VAL A . n 
A 1 16  PHE 16  38  38  PHE PHE A . n 
A 1 17  HIS 17  39  39  HIS HIS A . n 
A 1 18  VAL 18  40  40  VAL VAL A . n 
A 1 19  GLU 19  41  41  GLU GLU A . n 
A 1 20  LYS 20  42  42  LYS LYS A . n 
A 1 21  ASN 21  43  43  ASN ASN A . n 
A 1 22  GLY 22  44  44  GLY GLY A . n 
A 1 23  ARG 23  45  45  ARG ARG A . n 
A 1 24  TYR 24  46  46  TYR TYR A . n 
A 1 25  SER 25  47  47  SER SER A . n 
A 1 26  ILE 26  48  48  ILE ILE A . n 
A 1 27  SER 27  49  49  SER SER A . n 
A 1 28  ARG 28  50  50  ARG ARG A . n 
A 1 29  THR 29  51  51  THR THR A . n 
A 1 30  GLU 30  52  52  GLU GLU A . n 
A 1 31  ALA 31  53  53  ALA ALA A . n 
A 1 32  ALA 32  54  54  ALA ALA A . n 
A 1 33  ASP 33  55  55  ASP ASP A . n 
A 1 34  LEU 34  56  56  LEU LEU A . n 
A 1 35  CYS 35  57  57  CYS CYS A . n 
A 1 36  GLN 36  58  58  GLN GLN A . n 
A 1 37  ALA 37  59  59  ALA ALA A . n 
A 1 38  PHE 38  60  60  PHE PHE A . n 
A 1 39  ASN 39  61  61  ASN ASN A . n 
A 1 40  SER 40  62  62  SER SER A . n 
A 1 41  THR 41  63  63  THR THR A . n 
A 1 42  LEU 42  64  64  LEU LEU A . n 
A 1 43  PRO 43  65  65  PRO PRO A . n 
A 1 44  THR 44  66  66  THR THR A . n 
A 1 45  MET 45  67  67  MET MET A . n 
A 1 46  ASP 46  68  68  ASP ASP A . n 
A 1 47  GLN 47  69  69  GLN GLN A . n 
A 1 48  MET 48  70  70  MET MET A . n 
A 1 49  LYS 49  71  71  LYS LYS A . n 
A 1 50  LEU 50  72  72  LEU LEU A . n 
A 1 51  ALA 51  73  73  ALA ALA A . n 
A 1 52  LEU 52  74  74  LEU LEU A . n 
A 1 53  SER 53  75  75  SER SER A . n 
A 1 54  LYS 54  76  76  LYS LYS A . n 
A 1 55  GLY 55  77  77  GLY GLY A . n 
A 1 56  PHE 56  78  78  PHE PHE A . n 
A 1 57  GLU 57  79  79  GLU GLU A . n 
A 1 58  THR 58  80  80  THR THR A . n 
A 1 59  CYS 59  81  81  CYS CYS A . n 
A 1 60  ARG 60  82  82  ARG ARG A . n 
A 1 61  TYR 61  83  83  TYR TYR A . n 
A 1 62  GLY 62  84  84  GLY GLY A . n 
A 1 63  PHE 63  85  85  PHE PHE A . n 
A 1 64  ILE 64  86  86  ILE ILE A . n 
A 1 65  GLU 65  87  87  GLU GLU A . n 
A 1 66  GLY 66  88  88  GLY GLY A . n 
A 1 67  ASN 67  89  89  ASN ASN A . n 
A 1 68  VAL 68  90  90  VAL VAL A . n 
A 1 69  VAL 69  91  91  VAL VAL A . n 
A 1 70  ILE 70  92  92  ILE ILE A . n 
A 1 71  PRO 71  93  93  PRO PRO A . n 
A 1 72  ARG 72  94  94  ARG ARG A . n 
A 1 73  ILE 73  95  95  ILE ILE A . n 
A 1 74  HIS 74  96  96  HIS HIS A . n 
A 1 75  PRO 75  97  97  PRO PRO A . n 
A 1 76  ASN 76  98  98  ASN ASN A . n 
A 1 77  ALA 77  99  99  ALA ALA A . n 
A 1 78  ILE 78  100 100 ILE ILE A . n 
A 1 79  CYS 79  101 101 CYS CYS A . n 
A 1 80  ALA 80  102 102 ALA ALA A . n 
A 1 81  ALA 81  103 103 ALA ALA A . n 
A 1 82  ASN 82  104 104 ASN ASN A . n 
A 1 83  HIS 83  105 105 HIS HIS A . n 
A 1 84  THR 84  106 106 THR THR A . n 
A 1 85  GLY 85  107 107 GLY GLY A . n 
A 1 86  VAL 86  108 108 VAL VAL A . n 
A 1 87  TYR 87  109 109 TYR TYR A . n 
A 1 88  ILE 88  110 110 ILE ILE A . n 
A 1 89  LEU 89  111 111 LEU LEU A . n 
A 1 90  VAL 90  112 112 VAL VAL A . n 
A 1 91  THR 91  113 113 THR THR A . n 
A 1 92  SER 92  114 114 SER SER A . n 
A 1 93  ASN 93  115 115 ASN ASN A . n 
A 1 94  THR 94  116 116 THR THR A . n 
A 1 95  SER 95  117 117 SER SER A . n 
A 1 96  HIS 96  118 118 HIS HIS A . n 
A 1 97  TYR 97  119 119 TYR TYR A . n 
A 1 98  ASP 98  120 120 ASP ASP A . n 
A 1 99  THR 99  121 121 THR THR A . n 
A 1 100 TYR 100 122 122 TYR TYR A . n 
A 1 101 CYS 101 123 123 CYS CYS A . n 
A 1 102 PHE 102 124 124 PHE PHE A . n 
A 1 103 ASN 103 125 125 ASN ASN A . n 
A 1 104 ALA 104 126 126 ALA ALA A . n 
A 1 105 SER 105 127 127 SER SER A . n 
A 1 106 ALA 106 128 128 ALA ALA A . n 
A 1 107 PRO 107 129 129 PRO PRO A . n 
A 1 108 PRO 108 130 130 PRO PRO A . n 
A 1 109 GLU 109 131 131 GLU GLU A . n 
A 1 110 GLU 110 132 132 GLU GLU A . n 
A 1 111 ASP 111 133 133 ASP ASP A . n 
A 1 112 CYS 112 134 134 CYS CYS A . n 
A 1 113 THR 113 135 135 THR THR A . n 
A 1 114 SER 114 136 136 SER SER A . n 
A 1 115 VAL 115 137 137 VAL VAL A . n 
A 1 116 THR 116 138 138 THR THR A . n 
A 1 117 ASP 117 139 139 ASP ASP A . n 
A 1 118 LEU 118 140 140 LEU LEU A . n 
A 1 119 PRO 119 141 141 PRO PRO A . n 
A 1 120 ASN 120 142 142 ASN ASN A . n 
A 1 121 SER 121 143 143 SER SER A . n 
A 1 122 PHE 122 144 144 PHE PHE A . n 
A 1 123 ASP 123 145 145 ASP ASP A . n 
A 1 124 GLY 124 146 146 GLY GLY A . n 
A 1 125 PRO 125 147 147 PRO PRO A . n 
A 1 126 VAL 126 148 148 VAL VAL A . n 
A 1 127 THR 127 149 149 THR THR A . n 
A 1 128 ILE 128 150 150 ILE ILE A . n 
A 1 129 THR 129 151 151 THR THR A . n 
A 1 130 ILE 130 152 152 ILE ILE A . n 
A 1 131 VAL 131 153 153 VAL VAL A . n 
A 1 132 ASN 132 154 154 ASN ASN A . n 
A 1 133 ARG 133 155 155 ARG ARG A . n 
A 1 134 ASP 134 156 156 ASP ASP A . n 
A 1 135 GLY 135 157 157 GLY GLY A . n 
A 1 136 THR 136 158 158 THR THR A . n 
A 1 137 ARG 137 159 159 ARG ARG A . n 
A 1 138 TYR 138 160 160 TYR TYR A . n 
A 1 139 SER 139 161 161 SER SER A . n 
A 1 140 LYS 140 162 162 LYS LYS A . n 
A 1 141 LYS 141 163 163 LYS LYS A . n 
A 1 142 GLY 142 164 164 GLY GLY A . n 
A 1 143 GLU 143 165 165 GLU GLU A . n 
A 1 144 TYR 144 166 166 TYR TYR A . n 
A 1 145 ARG 145 167 167 ARG ARG A . n 
A 1 146 THR 146 168 168 THR THR A . n 
A 1 147 HIS 147 169 169 HIS HIS A . n 
A 1 148 GLN 148 170 170 GLN GLN A . n 
A 1 149 GLU 149 171 171 GLU GLU A . n 
A 1 150 ASP 150 172 172 ASP ASP A . n 
A 1 151 ILE 151 173 173 ILE ILE A . n 
# 
loop_
_pdbx_nonpoly_scheme.asym_id 
_pdbx_nonpoly_scheme.entity_id 
_pdbx_nonpoly_scheme.mon_id 
_pdbx_nonpoly_scheme.ndb_seq_num 
_pdbx_nonpoly_scheme.pdb_seq_num 
_pdbx_nonpoly_scheme.auth_seq_num 
_pdbx_nonpoly_scheme.pdb_mon_id 
_pdbx_nonpoly_scheme.auth_mon_id 
_pdbx_nonpoly_scheme.pdb_strand_id 
_pdbx_nonpoly_scheme.pdb_ins_code 
B 2 DMS 1  201 1  DMS DMS A . 
C 3 SO4 1  202 1  SO4 SO4 A . 
D 4 4XJ 1  203 1  4XJ DRG A . 
E 4 4XJ 1  204 1  4XJ DRG A . 
F 5 GOL 1  205 1  GOL GOL A . 
G 6 HOH 1  301 87 HOH HOH A . 
G 6 HOH 2  302 50 HOH HOH A . 
G 6 HOH 3  303 35 HOH HOH A . 
G 6 HOH 4  304 5  HOH HOH A . 
G 6 HOH 5  305 25 HOH HOH A . 
G 6 HOH 6  306 68 HOH HOH A . 
G 6 HOH 7  307 17 HOH HOH A . 
G 6 HOH 8  308 86 HOH HOH A . 
G 6 HOH 9  309 10 HOH HOH A . 
G 6 HOH 10 310 61 HOH HOH A . 
G 6 HOH 11 311 45 HOH HOH A . 
G 6 HOH 12 312 57 HOH HOH A . 
G 6 HOH 13 313 16 HOH HOH A . 
G 6 HOH 14 314 1  HOH HOH A . 
G 6 HOH 15 315 32 HOH HOH A . 
G 6 HOH 16 316 2  HOH HOH A . 
G 6 HOH 17 317 11 HOH HOH A . 
G 6 HOH 18 318 79 HOH HOH A . 
G 6 HOH 19 319 8  HOH HOH A . 
G 6 HOH 20 320 28 HOH HOH A . 
G 6 HOH 21 321 84 HOH HOH A . 
G 6 HOH 22 322 7  HOH HOH A . 
G 6 HOH 23 323 63 HOH HOH A . 
G 6 HOH 24 324 40 HOH HOH A . 
G 6 HOH 25 325 66 HOH HOH A . 
G 6 HOH 26 326 3  HOH HOH A . 
G 6 HOH 27 327 52 HOH HOH A . 
G 6 HOH 28 328 55 HOH HOH A . 
G 6 HOH 29 329 64 HOH HOH A . 
G 6 HOH 30 330 88 HOH HOH A . 
G 6 HOH 31 331 9  HOH HOH A . 
G 6 HOH 32 332 36 HOH HOH A . 
G 6 HOH 33 333 14 HOH HOH A . 
G 6 HOH 34 334 62 HOH HOH A . 
G 6 HOH 35 335 46 HOH HOH A . 
G 6 HOH 36 336 22 HOH HOH A . 
G 6 HOH 37 337 15 HOH HOH A . 
G 6 HOH 38 338 12 HOH HOH A . 
G 6 HOH 39 339 59 HOH HOH A . 
G 6 HOH 40 340 83 HOH HOH A . 
G 6 HOH 41 341 77 HOH HOH A . 
G 6 HOH 42 342 49 HOH HOH A . 
G 6 HOH 43 343 6  HOH HOH A . 
G 6 HOH 44 344 70 HOH HOH A . 
G 6 HOH 45 345 69 HOH HOH A . 
G 6 HOH 46 346 24 HOH HOH A . 
G 6 HOH 47 347 82 HOH HOH A . 
G 6 HOH 48 348 48 HOH HOH A . 
G 6 HOH 49 349 60 HOH HOH A . 
G 6 HOH 50 350 44 HOH HOH A . 
G 6 HOH 51 351 53 HOH HOH A . 
G 6 HOH 52 352 47 HOH HOH A . 
G 6 HOH 53 353 65 HOH HOH A . 
G 6 HOH 54 354 27 HOH HOH A . 
G 6 HOH 55 355 39 HOH HOH A . 
G 6 HOH 56 356 37 HOH HOH A . 
G 6 HOH 57 357 18 HOH HOH A . 
G 6 HOH 58 358 30 HOH HOH A . 
G 6 HOH 59 359 85 HOH HOH A . 
G 6 HOH 60 360 33 HOH HOH A . 
G 6 HOH 61 361 42 HOH HOH A . 
G 6 HOH 62 362 51 HOH HOH A . 
G 6 HOH 63 363 43 HOH HOH A . 
G 6 HOH 64 364 31 HOH HOH A . 
G 6 HOH 65 365 20 HOH HOH A . 
G 6 HOH 66 366 19 HOH HOH A . 
G 6 HOH 67 367 78 HOH HOH A . 
G 6 HOH 68 368 29 HOH HOH A . 
G 6 HOH 69 369 56 HOH HOH A . 
G 6 HOH 70 370 13 HOH HOH A . 
G 6 HOH 71 371 81 HOH HOH A . 
G 6 HOH 72 372 4  HOH HOH A . 
G 6 HOH 73 373 23 HOH HOH A . 
G 6 HOH 74 374 26 HOH HOH A . 
G 6 HOH 75 375 58 HOH HOH A . 
G 6 HOH 76 376 21 HOH HOH A . 
G 6 HOH 77 377 38 HOH HOH A . 
G 6 HOH 78 378 76 HOH HOH A . 
G 6 HOH 79 379 80 HOH HOH A . 
G 6 HOH 80 380 72 HOH HOH A . 
G 6 HOH 81 381 74 HOH HOH A . 
G 6 HOH 82 382 34 HOH HOH A . 
G 6 HOH 83 383 67 HOH HOH A . 
G 6 HOH 84 384 54 HOH HOH A . 
G 6 HOH 85 385 71 HOH HOH A . 
G 6 HOH 86 386 73 HOH HOH A . 
G 6 HOH 87 387 41 HOH HOH A . 
G 6 HOH 88 388 75 HOH HOH A . 
# 
loop_
_software.citation_id 
_software.classification 
_software.compiler_name 
_software.compiler_version 
_software.contact_author 
_software.contact_author_email 
_software.date 
_software.description 
_software.dependencies 
_software.hardware 
_software.language 
_software.location 
_software.mods 
_software.name 
_software.os 
_software.os_version 
_software.type 
_software.version 
_software.pdbx_ordinal 
? 'data scaling'    ? ? ? ? ? ? ? ? ? ? ? XSCALE      ? ? ? .     1 
? phasing           ? ? ? ? ? ? ? ? ? ? ? PHASER      ? ? ? 2.1.4 2 
? refinement        ? ? ? ? ? ? ? ? ? ? ? REFMAC      ? ? ? .     3 
? 'data extraction' ? ? ? ? ? ? ? ? ? ? ? PDB_EXTRACT ? ? ? 3.15  4 
# 
_cell.angle_alpha                  90.000 
_cell.angle_alpha_esd              ? 
_cell.angle_beta                   117.980 
_cell.angle_beta_esd               ? 
_cell.angle_gamma                  90.000 
_cell.angle_gamma_esd              ? 
_cell.entry_id                     5BZT 
_cell.details                      ? 
_cell.formula_units_Z              ? 
_cell.length_a                     30.791 
_cell.length_a_esd                 ? 
_cell.length_b                     81.779 
_cell.length_b_esd                 ? 
_cell.length_c                     32.133 
_cell.length_c_esd                 ? 
_cell.volume                       ? 
_cell.volume_esd                   ? 
_cell.Z_PDB                        2 
_cell.reciprocal_angle_alpha       ? 
_cell.reciprocal_angle_beta        ? 
_cell.reciprocal_angle_gamma       ? 
_cell.reciprocal_angle_alpha_esd   ? 
_cell.reciprocal_angle_beta_esd    ? 
_cell.reciprocal_angle_gamma_esd   ? 
_cell.reciprocal_length_a          ? 
_cell.reciprocal_length_b          ? 
_cell.reciprocal_length_c          ? 
_cell.reciprocal_length_a_esd      ? 
_cell.reciprocal_length_b_esd      ? 
_cell.reciprocal_length_c_esd      ? 
_cell.pdbx_unique_axis             ? 
# 
_symmetry.entry_id                         5BZT 
_symmetry.cell_setting                     ? 
_symmetry.Int_Tables_number                4 
_symmetry.space_group_name_Hall            ? 
_symmetry.space_group_name_H-M             'P 1 21 1' 
_symmetry.pdbx_full_space_group_name_H-M   ? 
# 
_exptl.absorpt_coefficient_mu     ? 
_exptl.absorpt_correction_T_max   ? 
_exptl.absorpt_correction_T_min   ? 
_exptl.absorpt_correction_type    ? 
_exptl.absorpt_process_details    ? 
_exptl.entry_id                   5BZT 
_exptl.crystals_number            1 
_exptl.details                    ? 
_exptl.method                     'X-RAY DIFFRACTION' 
_exptl.method_details             ? 
# 
_exptl_crystal.colour                      ? 
_exptl_crystal.density_diffrn              ? 
_exptl_crystal.density_Matthews            2.14 
_exptl_crystal.density_method              ? 
_exptl_crystal.density_percent_sol         42.42 
_exptl_crystal.description                 ? 
_exptl_crystal.F_000                       ? 
_exptl_crystal.id                          1 
_exptl_crystal.preparation                 ? 
_exptl_crystal.size_max                    ? 
_exptl_crystal.size_mid                    ? 
_exptl_crystal.size_min                    ? 
_exptl_crystal.size_rad                    ? 
_exptl_crystal.colour_lustre               ? 
_exptl_crystal.colour_modifier             ? 
_exptl_crystal.colour_primary              ? 
_exptl_crystal.density_meas                ? 
_exptl_crystal.density_meas_esd            ? 
_exptl_crystal.density_meas_gt             ? 
_exptl_crystal.density_meas_lt             ? 
_exptl_crystal.density_meas_temp           ? 
_exptl_crystal.density_meas_temp_esd       ? 
_exptl_crystal.density_meas_temp_gt        ? 
_exptl_crystal.density_meas_temp_lt        ? 
_exptl_crystal.pdbx_crystal_image_url      ? 
_exptl_crystal.pdbx_crystal_image_format   ? 
_exptl_crystal.pdbx_mosaicity              ? 
_exptl_crystal.pdbx_mosaicity_esd          ? 
# 
_exptl_crystal_grow.apparatus       ? 
_exptl_crystal_grow.atmosphere      ? 
_exptl_crystal_grow.crystal_id      1 
_exptl_crystal_grow.details         ? 
_exptl_crystal_grow.method          'VAPOR DIFFUSION, HANGING DROP' 
_exptl_crystal_grow.method_ref      ? 
_exptl_crystal_grow.pH              6.5 
_exptl_crystal_grow.pressure        ? 
_exptl_crystal_grow.pressure_esd    ? 
_exptl_crystal_grow.seeding         ? 
_exptl_crystal_grow.seeding_ref     ? 
_exptl_crystal_grow.temp            298 
_exptl_crystal_grow.temp_details    ? 
_exptl_crystal_grow.temp_esd        ? 
_exptl_crystal_grow.time            ? 
_exptl_crystal_grow.pdbx_details    'PEG MME 5000, MES, (NH4)2SO4' 
_exptl_crystal_grow.pdbx_pH_range   ? 
# 
_diffrn.ambient_environment    ? 
_diffrn.ambient_temp           100 
_diffrn.ambient_temp_details   ? 
_diffrn.ambient_temp_esd       ? 
_diffrn.crystal_id             1 
_diffrn.crystal_support        ? 
_diffrn.crystal_treatment      ? 
_diffrn.details                ? 
_diffrn.id                     1 
_diffrn.ambient_pressure       ? 
_diffrn.ambient_pressure_esd   ? 
_diffrn.ambient_pressure_gt    ? 
_diffrn.ambient_pressure_lt    ? 
_diffrn.ambient_temp_gt        ? 
_diffrn.ambient_temp_lt        ? 
# 
_diffrn_detector.details                      ? 
_diffrn_detector.detector                     PIXEL 
_diffrn_detector.diffrn_id                    1 
_diffrn_detector.type                         'DECTRIS PILATUS 6M' 
_diffrn_detector.area_resol_mean              ? 
_diffrn_detector.dtime                        ? 
_diffrn_detector.pdbx_frames_total            ? 
_diffrn_detector.pdbx_collection_time_total   ? 
_diffrn_detector.pdbx_collection_date         2015-04-18 
# 
_diffrn_radiation.collimation                      ? 
_diffrn_radiation.diffrn_id                        1 
_diffrn_radiation.filter_edge                      ? 
_diffrn_radiation.inhomogeneity                    ? 
_diffrn_radiation.monochromator                    'Si(111)' 
_diffrn_radiation.polarisn_norm                    ? 
_diffrn_radiation.polarisn_ratio                   ? 
_diffrn_radiation.probe                            ? 
_diffrn_radiation.type                             ? 
_diffrn_radiation.xray_symbol                      ? 
_diffrn_radiation.wavelength_id                    1 
_diffrn_radiation.pdbx_monochromatic_or_laue_m_l   M 
_diffrn_radiation.pdbx_wavelength_list             ? 
_diffrn_radiation.pdbx_wavelength                  ? 
_diffrn_radiation.pdbx_diffrn_protocol             'SINGLE WAVELENGTH' 
_diffrn_radiation.pdbx_analyzer                    ? 
_diffrn_radiation.pdbx_scattering_type             x-ray 
# 
_diffrn_radiation_wavelength.id           1 
_diffrn_radiation_wavelength.wavelength   1.000 
_diffrn_radiation_wavelength.wt           1.0 
# 
_diffrn_source.current                     ? 
_diffrn_source.details                     ? 
_diffrn_source.diffrn_id                   1 
_diffrn_source.power                       ? 
_diffrn_source.size                        ? 
_diffrn_source.source                      SYNCHROTRON 
_diffrn_source.target                      ? 
_diffrn_source.type                        'APS BEAMLINE 17-ID' 
_diffrn_source.voltage                     ? 
_diffrn_source.take-off_angle              ? 
_diffrn_source.pdbx_wavelength_list        1.000 
_diffrn_source.pdbx_wavelength             ? 
_diffrn_source.pdbx_synchrotron_beamline   17-ID 
_diffrn_source.pdbx_synchrotron_site       APS 
# 
_reflns.B_iso_Wilson_estimate            ? 
_reflns.entry_id                         5BZT 
_reflns.data_reduction_details           ? 
_reflns.data_reduction_method            ? 
_reflns.d_resolution_high                1.250 
_reflns.d_resolution_low                 5.797 
_reflns.details                          ? 
_reflns.limit_h_max                      ? 
_reflns.limit_h_min                      ? 
_reflns.limit_k_max                      ? 
_reflns.limit_k_min                      ? 
_reflns.limit_l_max                      ? 
_reflns.limit_l_min                      ? 
_reflns.number_all                       ? 
_reflns.number_obs                       36555 
_reflns.observed_criterion               ? 
_reflns.observed_criterion_F_max         ? 
_reflns.observed_criterion_F_min         ? 
_reflns.observed_criterion_I_max         ? 
_reflns.observed_criterion_I_min         ? 
_reflns.observed_criterion_sigma_F       ? 
_reflns.observed_criterion_sigma_I       ? 
_reflns.percent_possible_obs             94.3 
_reflns.R_free_details                   ? 
_reflns.Rmerge_F_all                     ? 
_reflns.Rmerge_F_obs                     ? 
_reflns.Friedel_coverage                 ? 
_reflns.number_gt                        ? 
_reflns.threshold_expression             ? 
_reflns.pdbx_redundancy                  3.4 
_reflns.pdbx_Rmerge_I_obs                ? 
_reflns.pdbx_Rmerge_I_all                ? 
_reflns.pdbx_Rsym_value                  ? 
_reflns.pdbx_netI_over_av_sigmaI         ? 
_reflns.pdbx_netI_over_sigmaI            26.6 
_reflns.pdbx_res_netI_over_av_sigmaI_2   ? 
_reflns.pdbx_res_netI_over_sigmaI_2      ? 
_reflns.pdbx_chi_squared                 ? 
_reflns.pdbx_scaling_rejects             ? 
_reflns.pdbx_d_res_high_opt              ? 
_reflns.pdbx_d_res_low_opt               ? 
_reflns.pdbx_d_res_opt_method            ? 
_reflns.phase_calculation_details        ? 
_reflns.pdbx_Rrim_I_all                  ? 
_reflns.pdbx_Rpim_I_all                  ? 
_reflns.pdbx_d_opt                       ? 
_reflns.pdbx_number_measured_all         ? 
_reflns.pdbx_diffrn_id                   1 
_reflns.pdbx_ordinal                     1 
_reflns.pdbx_CC_half                     ? 
_reflns.pdbx_R_split                     ? 
# 
_reflns_shell.d_res_high                  1.250 
_reflns_shell.d_res_low                   1.254 
_reflns_shell.meanI_over_sigI_all         ? 
_reflns_shell.meanI_over_sigI_obs         11.6 
_reflns_shell.number_measured_all         ? 
_reflns_shell.number_measured_obs         ? 
_reflns_shell.number_possible             ? 
_reflns_shell.number_unique_all           ? 
_reflns_shell.number_unique_obs           ? 
_reflns_shell.percent_possible_all        91.0 
_reflns_shell.percent_possible_obs        ? 
_reflns_shell.Rmerge_F_all                ? 
_reflns_shell.Rmerge_F_obs                ? 
_reflns_shell.Rmerge_I_all                ? 
_reflns_shell.Rmerge_I_obs                0.102 
_reflns_shell.meanI_over_sigI_gt          ? 
_reflns_shell.meanI_over_uI_all           ? 
_reflns_shell.meanI_over_uI_gt            ? 
_reflns_shell.number_measured_gt          ? 
_reflns_shell.number_unique_gt            ? 
_reflns_shell.percent_possible_gt         ? 
_reflns_shell.Rmerge_F_gt                 ? 
_reflns_shell.Rmerge_I_gt                 ? 
_reflns_shell.pdbx_redundancy             3.5 
_reflns_shell.pdbx_Rsym_value             ? 
_reflns_shell.pdbx_chi_squared            ? 
_reflns_shell.pdbx_netI_over_sigmaI_all   ? 
_reflns_shell.pdbx_netI_over_sigmaI_obs   ? 
_reflns_shell.pdbx_Rrim_I_all             ? 
_reflns_shell.pdbx_Rpim_I_all             ? 
_reflns_shell.pdbx_rejects                ? 
_reflns_shell.pdbx_ordinal                1 
_reflns_shell.pdbx_diffrn_id              1 
_reflns_shell.pdbx_CC_half                ? 
_reflns_shell.pdbx_R_split                ? 
# 
_refine.aniso_B[1][1]                            -0.1800 
_refine.aniso_B[1][2]                            0.0000 
_refine.aniso_B[1][3]                            -0.3300 
_refine.aniso_B[2][2]                            0.1300 
_refine.aniso_B[2][3]                            0.0000 
_refine.aniso_B[3][3]                            -0.2700 
_refine.B_iso_max                                34.800 
_refine.B_iso_mean                               12.3220 
_refine.B_iso_min                                4.300 
_refine.correlation_coeff_Fo_to_Fc               0.9630 
_refine.correlation_coeff_Fo_to_Fc_free          0.9510 
_refine.details                                  
'HYDROGENS HAVE BEEN ADDED IN THE RIDING POSITIONS U VALUES      : REFINED INDIVIDUALLY' 
_refine.diff_density_max                         ? 
_refine.diff_density_max_esd                     ? 
_refine.diff_density_min                         ? 
_refine.diff_density_min_esd                     ? 
_refine.diff_density_rms                         ? 
_refine.diff_density_rms_esd                     ? 
_refine.entry_id                                 5BZT 
_refine.pdbx_refine_id                           'X-RAY DIFFRACTION' 
_refine.ls_abs_structure_details                 ? 
_refine.ls_abs_structure_Flack                   ? 
_refine.ls_abs_structure_Flack_esd               ? 
_refine.ls_abs_structure_Rogers                  ? 
_refine.ls_abs_structure_Rogers_esd              ? 
_refine.ls_d_res_high                            1.2500 
_refine.ls_d_res_low                             5.797 
_refine.ls_extinction_coef                       ? 
_refine.ls_extinction_coef_esd                   ? 
_refine.ls_extinction_expression                 ? 
_refine.ls_extinction_method                     ? 
_refine.ls_goodness_of_fit_all                   ? 
_refine.ls_goodness_of_fit_all_esd               ? 
_refine.ls_goodness_of_fit_obs                   ? 
_refine.ls_goodness_of_fit_obs_esd               ? 
_refine.ls_hydrogen_treatment                    ? 
_refine.ls_matrix_type                           ? 
_refine.ls_number_constraints                    ? 
_refine.ls_number_parameters                     ? 
_refine.ls_number_reflns_all                     ? 
_refine.ls_number_reflns_obs                     34647 
_refine.ls_number_reflns_R_free                  1868 
_refine.ls_number_reflns_R_work                  ? 
_refine.ls_number_restraints                     ? 
_refine.ls_percent_reflns_obs                    94.2300 
_refine.ls_percent_reflns_R_free                 5.1000 
_refine.ls_R_factor_all                          ? 
_refine.ls_R_factor_obs                          0.1791 
_refine.ls_R_factor_R_free                       0.1924 
_refine.ls_R_factor_R_free_error                 ? 
_refine.ls_R_factor_R_free_error_details         ? 
_refine.ls_R_factor_R_work                       0.1784 
_refine.ls_R_Fsqd_factor_obs                     ? 
_refine.ls_R_I_factor_obs                        ? 
_refine.ls_redundancy_reflns_all                 ? 
_refine.ls_redundancy_reflns_obs                 ? 
_refine.ls_restrained_S_all                      ? 
_refine.ls_restrained_S_obs                      ? 
_refine.ls_shift_over_esd_max                    ? 
_refine.ls_shift_over_esd_mean                   ? 
_refine.ls_structure_factor_coef                 ? 
_refine.ls_weighting_details                     ? 
_refine.ls_weighting_scheme                      ? 
_refine.ls_wR_factor_all                         ? 
_refine.ls_wR_factor_obs                         ? 
_refine.ls_wR_factor_R_free                      0.2014 
_refine.ls_wR_factor_R_work                      0.1910 
_refine.occupancy_max                            ? 
_refine.occupancy_min                            ? 
_refine.solvent_model_details                    MASK 
_refine.solvent_model_param_bsol                 ? 
_refine.solvent_model_param_ksol                 ? 
_refine.ls_R_factor_gt                           ? 
_refine.ls_goodness_of_fit_gt                    ? 
_refine.ls_goodness_of_fit_ref                   ? 
_refine.ls_shift_over_su_max                     ? 
_refine.ls_shift_over_su_max_lt                  ? 
_refine.ls_shift_over_su_mean                    ? 
_refine.ls_shift_over_su_mean_lt                 ? 
_refine.pdbx_ls_sigma_I                          ? 
_refine.pdbx_ls_sigma_F                          0.000 
_refine.pdbx_ls_sigma_Fsqd                       ? 
_refine.pdbx_data_cutoff_high_absF               ? 
_refine.pdbx_data_cutoff_high_rms_absF           ? 
_refine.pdbx_data_cutoff_low_absF                ? 
_refine.pdbx_isotropic_thermal_model             ? 
_refine.pdbx_ls_cross_valid_method               THROUGHOUT 
_refine.pdbx_method_to_determine_struct          'MOLECULAR REPLACEMENT' 
_refine.pdbx_starting_model                      ? 
_refine.pdbx_stereochemistry_target_values       'MAXIMUM LIKELIHOOD' 
_refine.pdbx_R_Free_selection_details            RANDOM 
_refine.pdbx_stereochem_target_val_spec_case     ? 
_refine.pdbx_overall_ESU_R                       0.0500 
_refine.pdbx_overall_ESU_R_Free                  0.0500 
_refine.pdbx_solvent_vdw_probe_radii             1.4000 
_refine.pdbx_solvent_ion_probe_radii             0.8000 
_refine.pdbx_solvent_shrinkage_radii             0.8000 
_refine.pdbx_real_space_R                        ? 
_refine.pdbx_density_correlation                 ? 
_refine.pdbx_pd_number_of_powder_patterns        ? 
_refine.pdbx_pd_number_of_points                 ? 
_refine.pdbx_pd_meas_number_of_points            ? 
_refine.pdbx_pd_proc_ls_prof_R_factor            ? 
_refine.pdbx_pd_proc_ls_prof_wR_factor           ? 
_refine.pdbx_pd_Marquardt_correlation_coeff      ? 
_refine.pdbx_pd_Fsqrd_R_factor                   ? 
_refine.pdbx_pd_ls_matrix_band_width             ? 
_refine.pdbx_overall_phase_error                 ? 
_refine.pdbx_overall_SU_R_free_Cruickshank_DPI   ? 
_refine.pdbx_overall_SU_R_free_Blow_DPI          ? 
_refine.pdbx_overall_SU_R_Blow_DPI               ? 
_refine.pdbx_TLS_residual_ADP_flag               ? 
_refine.pdbx_diffrn_id                           1 
_refine.overall_SU_B                             0.6170 
_refine.overall_SU_ML                            0.0280 
_refine.overall_SU_R_Cruickshank_DPI             0.0505 
_refine.overall_SU_R_free                        0.0499 
_refine.overall_FOM_free_R_set                   ? 
_refine.overall_FOM_work_R_set                   0.8958 
_refine.pdbx_average_fsc_overall                 ? 
_refine.pdbx_average_fsc_work                    ? 
_refine.pdbx_average_fsc_free                    ? 
# 
_refine_hist.cycle_id                         final 
_refine_hist.pdbx_refine_id                   'X-RAY DIFFRACTION' 
_refine_hist.d_res_high                       1.2500 
_refine_hist.d_res_low                        5.797 
_refine_hist.pdbx_number_atoms_ligand         51 
_refine_hist.number_atoms_solvent             88 
_refine_hist.number_atoms_total               1310 
_refine_hist.pdbx_number_residues_total       150 
_refine_hist.pdbx_B_iso_mean_ligand           19.55 
_refine_hist.pdbx_B_iso_mean_solvent          19.27 
_refine_hist.pdbx_number_atoms_protein        1171 
_refine_hist.pdbx_number_atoms_nucleic_acid   0 
# 
loop_
_refine_ls_restr.pdbx_refine_id 
_refine_ls_restr.criterion 
_refine_ls_restr.dev_ideal 
_refine_ls_restr.dev_ideal_target 
_refine_ls_restr.number 
_refine_ls_restr.rejects 
_refine_ls_restr.type 
_refine_ls_restr.weight 
_refine_ls_restr.pdbx_restraint_function 
'X-RAY DIFFRACTION' ? 0.010  0.022  1331 ? r_bond_refined_d       ? ? 
'X-RAY DIFFRACTION' ? 1.341  1.978  1820 ? r_angle_refined_deg    ? ? 
'X-RAY DIFFRACTION' ? 7.202  5.000  166  ? r_dihedral_angle_1_deg ? ? 
'X-RAY DIFFRACTION' ? 31.916 24.032 62   ? r_dihedral_angle_2_deg ? ? 
'X-RAY DIFFRACTION' ? 11.046 15.000 203  ? r_dihedral_angle_3_deg ? ? 
'X-RAY DIFFRACTION' ? 19.840 15.000 9    ? r_dihedral_angle_4_deg ? ? 
'X-RAY DIFFRACTION' ? 0.086  0.200  199  ? r_chiral_restr         ? ? 
'X-RAY DIFFRACTION' ? 0.007  0.021  1031 ? r_gen_planes_refined   ? ? 
'X-RAY DIFFRACTION' ? 0.741  1.500  804  ? r_mcbond_it            ? ? 
'X-RAY DIFFRACTION' ? 1.397  2.000  1320 ? r_mcangle_it           ? ? 
'X-RAY DIFFRACTION' ? 2.060  3.000  527  ? r_scbond_it            ? ? 
'X-RAY DIFFRACTION' ? 3.308  4.500  500  ? r_scangle_it           ? ? 
# 
_refine_ls_shell.pdbx_refine_id                   'X-RAY DIFFRACTION' 
_refine_ls_shell.d_res_high                       1.2500 
_refine_ls_shell.d_res_low                        1.2830 
_refine_ls_shell.number_reflns_all                2654 
_refine_ls_shell.number_reflns_obs                ? 
_refine_ls_shell.number_reflns_R_free             144 
_refine_ls_shell.number_reflns_R_work             2510 
_refine_ls_shell.percent_reflns_obs               91.9300 
_refine_ls_shell.percent_reflns_R_free            ? 
_refine_ls_shell.R_factor_all                     ? 
_refine_ls_shell.R_factor_obs                     ? 
_refine_ls_shell.R_factor_R_free                  0.2130 
_refine_ls_shell.R_factor_R_free_error            ? 
_refine_ls_shell.R_factor_R_work                  0.1890 
_refine_ls_shell.redundancy_reflns_all            ? 
_refine_ls_shell.redundancy_reflns_obs            ? 
_refine_ls_shell.wR_factor_all                    ? 
_refine_ls_shell.wR_factor_obs                    ? 
_refine_ls_shell.wR_factor_R_free                 ? 
_refine_ls_shell.wR_factor_R_work                 ? 
_refine_ls_shell.pdbx_total_number_of_bins_used   20 
_refine_ls_shell.pdbx_phase_error                 ? 
_refine_ls_shell.pdbx_fsc_work                    ? 
_refine_ls_shell.pdbx_fsc_free                    ? 
# 
_struct.entry_id                     5BZT 
_struct.title                        'Crystal structure of the murine cd44 hyaluronan binding domain complex with a small molecule' 
_struct.pdbx_model_details           ? 
_struct.pdbx_formula_weight          ? 
_struct.pdbx_formula_weight_method   ? 
_struct.pdbx_model_type_details      ? 
_struct.pdbx_CASP_flag               ? 
# 
_struct_keywords.entry_id        5BZT 
_struct_keywords.text            'Link module, PROTEIN BINDING' 
_struct_keywords.pdbx_keywords   'PROTEIN BINDING' 
# 
loop_
_struct_asym.id 
_struct_asym.pdbx_blank_PDB_chainid_flag 
_struct_asym.pdbx_modified 
_struct_asym.entity_id 
_struct_asym.details 
A N N 1 ? 
B N N 2 ? 
C N N 3 ? 
D N N 4 ? 
E N N 4 ? 
F N N 5 ? 
G N N 6 ? 
# 
_struct_ref.id                         1 
_struct_ref.db_name                    UNP 
_struct_ref.db_code                    CD44_MOUSE 
_struct_ref.pdbx_db_accession          P15379 
_struct_ref.pdbx_db_isoform            ? 
_struct_ref.entity_id                  1 
_struct_ref.pdbx_seq_one_letter_code   
;HQQIDLNVTCRYAGVFHVEKNGRYSISRTEAADLCQAFNSTLPTMDQMKLALSKGFETCRYGFIEGNVVIPRIHPNAICA
ANHTGVYILVTSNTSHYDTYCFNASAPPEEDCTSVTDLPNSFDGPVTITIVNRDGTRYSKKGEYRTHQEDI
;
_struct_ref.pdbx_align_begin           21 
# 
_struct_ref_seq.align_id                      1 
_struct_ref_seq.ref_id                        1 
_struct_ref_seq.pdbx_PDB_id_code              5BZT 
_struct_ref_seq.pdbx_strand_id                A 
_struct_ref_seq.seq_align_beg                 1 
_struct_ref_seq.pdbx_seq_align_beg_ins_code   ? 
_struct_ref_seq.seq_align_end                 151 
_struct_ref_seq.pdbx_seq_align_end_ins_code   ? 
_struct_ref_seq.pdbx_db_accession             P15379 
_struct_ref_seq.db_align_beg                  21 
_struct_ref_seq.pdbx_db_align_beg_ins_code    ? 
_struct_ref_seq.db_align_end                  171 
_struct_ref_seq.pdbx_db_align_end_ins_code    ? 
_struct_ref_seq.pdbx_auth_seq_align_beg       23 
_struct_ref_seq.pdbx_auth_seq_align_end       173 
# 
loop_
_struct_ref_seq_dif.align_id 
_struct_ref_seq_dif.pdbx_pdb_id_code 
_struct_ref_seq_dif.mon_id 
_struct_ref_seq_dif.pdbx_pdb_strand_id 
_struct_ref_seq_dif.seq_num 
_struct_ref_seq_dif.pdbx_pdb_ins_code 
_struct_ref_seq_dif.pdbx_seq_db_name 
_struct_ref_seq_dif.pdbx_seq_db_accession_code 
_struct_ref_seq_dif.db_mon_id 
_struct_ref_seq_dif.pdbx_seq_db_seq_num 
_struct_ref_seq_dif.details 
_struct_ref_seq_dif.pdbx_auth_seq_num 
_struct_ref_seq_dif.pdbx_ordinal 
1 5BZT MET A 1 ? UNP P15379 HIS 21 'initiating methionine' 23 1 
1 5BZT ASN A 2 ? UNP P15379 GLN 22 'engineered mutation'   24 2 
# 
_pdbx_struct_assembly.id                   1 
_pdbx_struct_assembly.details              author_and_software_defined_assembly 
_pdbx_struct_assembly.method_details       PISA 
_pdbx_struct_assembly.oligomeric_details   monomeric 
_pdbx_struct_assembly.oligomeric_count     1 
# 
_pdbx_struct_assembly_gen.assembly_id       1 
_pdbx_struct_assembly_gen.oper_expression   1 
_pdbx_struct_assembly_gen.asym_id_list      A,B,C,D,E,F,G 
# 
_pdbx_struct_oper_list.id                   1 
_pdbx_struct_oper_list.type                 'identity operation' 
_pdbx_struct_oper_list.name                 1_555 
_pdbx_struct_oper_list.symmetry_operation   x,y,z 
_pdbx_struct_oper_list.matrix[1][1]         1.0000000000 
_pdbx_struct_oper_list.matrix[1][2]         0.0000000000 
_pdbx_struct_oper_list.matrix[1][3]         0.0000000000 
_pdbx_struct_oper_list.vector[1]            0.0000000000 
_pdbx_struct_oper_list.matrix[2][1]         0.0000000000 
_pdbx_struct_oper_list.matrix[2][2]         1.0000000000 
_pdbx_struct_oper_list.matrix[2][3]         0.0000000000 
_pdbx_struct_oper_list.vector[2]            0.0000000000 
_pdbx_struct_oper_list.matrix[3][1]         0.0000000000 
_pdbx_struct_oper_list.matrix[3][2]         0.0000000000 
_pdbx_struct_oper_list.matrix[3][3]         1.0000000000 
_pdbx_struct_oper_list.vector[3]            0.0000000000 
# 
loop_
_struct_conf.conf_type_id 
_struct_conf.id 
_struct_conf.pdbx_PDB_helix_id 
_struct_conf.beg_label_comp_id 
_struct_conf.beg_label_asym_id 
_struct_conf.beg_label_seq_id 
_struct_conf.pdbx_beg_PDB_ins_code 
_struct_conf.end_label_comp_id 
_struct_conf.end_label_asym_id 
_struct_conf.end_label_seq_id 
_struct_conf.pdbx_end_PDB_ins_code 
_struct_conf.beg_auth_comp_id 
_struct_conf.beg_auth_asym_id 
_struct_conf.beg_auth_seq_id 
_struct_conf.end_auth_comp_id 
_struct_conf.end_auth_asym_id 
_struct_conf.end_auth_seq_id 
_struct_conf.pdbx_PDB_helix_class 
_struct_conf.details 
_struct_conf.pdbx_PDB_helix_length 
HELX_P HELX_P1 AA1 SER A 27  ? PHE A 38  ? SER A 49  PHE A 60  1 ? 12 
HELX_P HELX_P2 AA2 THR A 44  ? LYS A 54  ? THR A 66  LYS A 76  1 ? 11 
HELX_P HELX_P3 AA3 CYS A 79  ? HIS A 83  ? CYS A 101 HIS A 105 5 ? 5  
HELX_P HELX_P4 AA4 HIS A 147 ? ILE A 151 ? HIS A 169 ILE A 173 5 ? 5  
# 
_struct_conf_type.id          HELX_P 
_struct_conf_type.criteria    ? 
_struct_conf_type.reference   ? 
# 
loop_
_struct_conn.id 
_struct_conn.conn_type_id 
_struct_conn.pdbx_leaving_atom_flag 
_struct_conn.pdbx_PDB_id 
_struct_conn.ptnr1_label_asym_id 
_struct_conn.ptnr1_label_comp_id 
_struct_conn.ptnr1_label_seq_id 
_struct_conn.ptnr1_label_atom_id 
_struct_conn.pdbx_ptnr1_label_alt_id 
_struct_conn.pdbx_ptnr1_PDB_ins_code 
_struct_conn.pdbx_ptnr1_standard_comp_id 
_struct_conn.ptnr1_symmetry 
_struct_conn.ptnr2_label_asym_id 
_struct_conn.ptnr2_label_comp_id 
_struct_conn.ptnr2_label_seq_id 
_struct_conn.ptnr2_label_atom_id 
_struct_conn.pdbx_ptnr2_label_alt_id 
_struct_conn.pdbx_ptnr2_PDB_ins_code 
_struct_conn.ptnr1_auth_asym_id 
_struct_conn.ptnr1_auth_comp_id 
_struct_conn.ptnr1_auth_seq_id 
_struct_conn.ptnr2_auth_asym_id 
_struct_conn.ptnr2_auth_comp_id 
_struct_conn.ptnr2_auth_seq_id 
_struct_conn.ptnr2_symmetry 
_struct_conn.pdbx_ptnr3_label_atom_id 
_struct_conn.pdbx_ptnr3_label_seq_id 
_struct_conn.pdbx_ptnr3_label_comp_id 
_struct_conn.pdbx_ptnr3_label_asym_id 
_struct_conn.pdbx_ptnr3_label_alt_id 
_struct_conn.pdbx_ptnr3_PDB_ins_code 
_struct_conn.details 
_struct_conn.pdbx_dist_value 
_struct_conn.pdbx_value_order 
_struct_conn.pdbx_role 
disulf1 disulf ? ? A CYS 10 SG ? ? ? 1_555 A CYS 112 SG ? ? A CYS 32 A CYS 134 1_555 ? ? ? ? ? ? ? 2.052 ? ? 
disulf2 disulf ? ? A CYS 35 SG ? ? ? 1_555 A CYS 101 SG ? ? A CYS 57 A CYS 123 1_555 ? ? ? ? ? ? ? 2.094 ? ? 
disulf3 disulf ? ? A CYS 59 SG ? ? ? 1_555 A CYS 79  SG ? ? A CYS 81 A CYS 101 1_555 ? ? ? ? ? ? ? 2.024 ? ? 
# 
_struct_conn_type.id          disulf 
_struct_conn_type.criteria    ? 
_struct_conn_type.reference   ? 
# 
loop_
_pdbx_modification_feature.ordinal 
_pdbx_modification_feature.label_comp_id 
_pdbx_modification_feature.label_asym_id 
_pdbx_modification_feature.label_seq_id 
_pdbx_modification_feature.label_alt_id 
_pdbx_modification_feature.modified_residue_label_comp_id 
_pdbx_modification_feature.modified_residue_label_asym_id 
_pdbx_modification_feature.modified_residue_label_seq_id 
_pdbx_modification_feature.modified_residue_label_alt_id 
_pdbx_modification_feature.auth_comp_id 
_pdbx_modification_feature.auth_asym_id 
_pdbx_modification_feature.auth_seq_id 
_pdbx_modification_feature.PDB_ins_code 
_pdbx_modification_feature.symmetry 
_pdbx_modification_feature.modified_residue_auth_comp_id 
_pdbx_modification_feature.modified_residue_auth_asym_id 
_pdbx_modification_feature.modified_residue_auth_seq_id 
_pdbx_modification_feature.modified_residue_PDB_ins_code 
_pdbx_modification_feature.modified_residue_symmetry 
_pdbx_modification_feature.comp_id_linking_atom 
_pdbx_modification_feature.modified_residue_id_linking_atom 
_pdbx_modification_feature.modified_residue_id 
_pdbx_modification_feature.ref_pcm_id 
_pdbx_modification_feature.ref_comp_id 
_pdbx_modification_feature.type 
_pdbx_modification_feature.category 
1 CYS A 10 ? CYS A 112 ? CYS A 32 ? 1_555 CYS A 134 ? 1_555 SG SG . . . None 'Disulfide bridge' 
2 CYS A 35 ? CYS A 101 ? CYS A 57 ? 1_555 CYS A 123 ? 1_555 SG SG . . . None 'Disulfide bridge' 
3 CYS A 59 ? CYS A 79  ? CYS A 81 ? 1_555 CYS A 101 ? 1_555 SG SG . . . None 'Disulfide bridge' 
# 
loop_
_struct_sheet.id 
_struct_sheet.type 
_struct_sheet.number_strands 
_struct_sheet.details 
AA1 ? 8 ? 
AA2 ? 2 ? 
# 
loop_
_struct_sheet_order.sheet_id 
_struct_sheet_order.range_id_1 
_struct_sheet_order.range_id_2 
_struct_sheet_order.offset 
_struct_sheet_order.sense 
AA1 1 2 ? anti-parallel 
AA1 2 3 ? anti-parallel 
AA1 3 4 ? parallel      
AA1 4 5 ? anti-parallel 
AA1 5 6 ? anti-parallel 
AA1 6 7 ? parallel      
AA1 7 8 ? anti-parallel 
AA2 1 2 ? anti-parallel 
# 
loop_
_struct_sheet_range.sheet_id 
_struct_sheet_range.id 
_struct_sheet_range.beg_label_comp_id 
_struct_sheet_range.beg_label_asym_id 
_struct_sheet_range.beg_label_seq_id 
_struct_sheet_range.pdbx_beg_PDB_ins_code 
_struct_sheet_range.end_label_comp_id 
_struct_sheet_range.end_label_asym_id 
_struct_sheet_range.end_label_seq_id 
_struct_sheet_range.pdbx_end_PDB_ins_code 
_struct_sheet_range.beg_auth_comp_id 
_struct_sheet_range.beg_auth_asym_id 
_struct_sheet_range.beg_auth_seq_id 
_struct_sheet_range.end_auth_comp_id 
_struct_sheet_range.end_auth_asym_id 
_struct_sheet_range.end_auth_seq_id 
AA1 1 GLY A 85  ? ILE A 88  ? GLY A 107 ILE A 110 
AA1 2 VAL A 68  ? ARG A 72  ? VAL A 90  ARG A 94  
AA1 3 GLY A 62  ? PHE A 63  ? GLY A 84  PHE A 85  
AA1 4 ASP A 98  ? PHE A 102 ? ASP A 120 PHE A 124 
AA1 5 VAL A 15  ? LYS A 20  ? VAL A 37  LYS A 42  
AA1 6 GLN A 3   ? VAL A 8   ? GLN A 25  VAL A 30  
AA1 7 PHE A 122 ? ASN A 132 ? PHE A 144 ASN A 154 
AA1 8 ARG A 137 ? GLU A 143 ? ARG A 159 GLU A 165 
AA2 1 ARG A 11  ? TYR A 12  ? ARG A 33  TYR A 34  
AA2 2 GLU A 110 ? ASP A 111 ? GLU A 132 ASP A 133 
# 
loop_
_pdbx_struct_sheet_hbond.sheet_id 
_pdbx_struct_sheet_hbond.range_id_1 
_pdbx_struct_sheet_hbond.range_id_2 
_pdbx_struct_sheet_hbond.range_1_label_atom_id 
_pdbx_struct_sheet_hbond.range_1_label_comp_id 
_pdbx_struct_sheet_hbond.range_1_label_asym_id 
_pdbx_struct_sheet_hbond.range_1_label_seq_id 
_pdbx_struct_sheet_hbond.range_1_PDB_ins_code 
_pdbx_struct_sheet_hbond.range_1_auth_atom_id 
_pdbx_struct_sheet_hbond.range_1_auth_comp_id 
_pdbx_struct_sheet_hbond.range_1_auth_asym_id 
_pdbx_struct_sheet_hbond.range_1_auth_seq_id 
_pdbx_struct_sheet_hbond.range_2_label_atom_id 
_pdbx_struct_sheet_hbond.range_2_label_comp_id 
_pdbx_struct_sheet_hbond.range_2_label_asym_id 
_pdbx_struct_sheet_hbond.range_2_label_seq_id 
_pdbx_struct_sheet_hbond.range_2_PDB_ins_code 
_pdbx_struct_sheet_hbond.range_2_auth_atom_id 
_pdbx_struct_sheet_hbond.range_2_auth_comp_id 
_pdbx_struct_sheet_hbond.range_2_auth_asym_id 
_pdbx_struct_sheet_hbond.range_2_auth_seq_id 
AA1 1 2 O GLY A 85  ? O GLY A 107 N ARG A 72  ? N ARG A 94  
AA1 2 3 O VAL A 69  ? O VAL A 91  N GLY A 62  ? N GLY A 84  
AA1 3 4 N PHE A 63  ? N PHE A 85  O TYR A 100 ? O TYR A 122 
AA1 4 5 O THR A 99  ? O THR A 121 N VAL A 18  ? N VAL A 40  
AA1 5 6 O GLU A 19  ? O GLU A 41  N ASN A 7   ? N ASN A 29  
AA1 6 7 N LEU A 6   ? N LEU A 28  O THR A 129 ? O THR A 151 
AA1 7 8 N ILE A 130 ? N ILE A 152 O TYR A 138 ? O TYR A 160 
AA2 1 2 N ARG A 11  ? N ARG A 33  O ASP A 111 ? O ASP A 133 
# 
loop_
_struct_site.id 
_struct_site.pdbx_evidence_code 
_struct_site.pdbx_auth_asym_id 
_struct_site.pdbx_auth_comp_id 
_struct_site.pdbx_auth_seq_id 
_struct_site.pdbx_auth_ins_code 
_struct_site.pdbx_num_residues 
_struct_site.details 
AC1 Software A DMS 201 ? 8  'binding site for residue DMS A 201' 
AC2 Software A SO4 202 ? 5  'binding site for residue SO4 A 202' 
AC3 Software A 4XJ 203 ? 11 'binding site for residue 4XJ A 203' 
AC4 Software A 4XJ 204 ? 3  'binding site for residue 4XJ A 204' 
AC5 Software A GOL 205 ? 7  'binding site for residue GOL A 205' 
# 
loop_
_struct_site_gen.id 
_struct_site_gen.site_id 
_struct_site_gen.pdbx_num_res 
_struct_site_gen.label_comp_id 
_struct_site_gen.label_asym_id 
_struct_site_gen.label_seq_id 
_struct_site_gen.pdbx_auth_ins_code 
_struct_site_gen.auth_comp_id 
_struct_site_gen.auth_asym_id 
_struct_site_gen.auth_seq_id 
_struct_site_gen.label_atom_id 
_struct_site_gen.label_alt_id 
_struct_site_gen.symmetry 
_struct_site_gen.details 
1  AC1 8  CYS A 10  ? CYS A 32  . ? 1_555 ? 
2  AC1 8  ASN A 67  ? ASN A 89  . ? 1_554 ? 
3  AC1 8  CYS A 112 ? CYS A 134 . ? 1_555 ? 
4  AC1 8  SER A 114 ? SER A 136 . ? 1_555 ? 
5  AC1 8  ARG A 133 ? ARG A 155 . ? 1_555 ? 
6  AC1 8  ASP A 134 ? ASP A 156 . ? 1_555 ? 
7  AC1 8  HOH G .   ? HOH A 307 . ? 1_555 ? 
8  AC1 8  HOH G .   ? HOH A 322 . ? 1_555 ? 
9  AC2 5  ARG A 11  ? ARG A 33  . ? 1_555 ? 
10 AC2 5  PHE A 16  ? PHE A 38  . ? 1_555 ? 
11 AC2 5  PHE A 38  ? PHE A 60  . ? 1_555 ? 
12 AC2 5  ASN A 103 ? ASN A 125 . ? 1_555 ? 
13 AC2 5  VAL A 115 ? VAL A 137 . ? 1_555 ? 
14 AC3 11 ASN A 7   ? ASN A 29  . ? 1_555 ? 
15 AC3 11 VAL A 8   ? VAL A 30  . ? 1_555 ? 
16 AC3 11 HIS A 17  ? HIS A 39  . ? 1_555 ? 
17 AC3 11 GLU A 19  ? GLU A 41  . ? 1_555 ? 
18 AC3 11 ASP A 46  ? ASP A 68  . ? 1_655 ? 
19 AC3 11 VAL A 131 ? VAL A 153 . ? 1_555 ? 
20 AC3 11 ASN A 132 ? ASN A 154 . ? 1_555 ? 
21 AC3 11 ARG A 133 ? ARG A 155 . ? 1_555 ? 
22 AC3 11 HOH G .   ? HOH A 343 . ? 1_555 ? 
23 AC3 11 HOH G .   ? HOH A 364 . ? 1_555 ? 
24 AC3 11 HOH G .   ? HOH A 379 . ? 1_555 ? 
25 AC4 3  ASP A 123 ? ASP A 145 . ? 1_555 ? 
26 AC4 3  GLY A 124 ? GLY A 146 . ? 1_555 ? 
27 AC4 3  HOH G .   ? HOH A 324 . ? 1_555 ? 
28 AC5 7  TYR A 24  ? TYR A 46  . ? 1_555 ? 
29 AC5 7  CYS A 59  ? CYS A 81  . ? 1_555 ? 
30 AC5 7  ILE A 70  ? ILE A 92  . ? 1_555 ? 
31 AC5 7  ILE A 78  ? ILE A 100 . ? 1_555 ? 
32 AC5 7  ALA A 80  ? ALA A 102 . ? 1_555 ? 
33 AC5 7  GLU A 109 ? GLU A 131 . ? 1_656 ? 
34 AC5 7  HOH G .   ? HOH A 332 . ? 1_555 ? 
# 
_pdbx_entry_details.entry_id                   5BZT 
_pdbx_entry_details.compound_details           ? 
_pdbx_entry_details.source_details             ? 
_pdbx_entry_details.nonpolymer_details         ? 
_pdbx_entry_details.sequence_details           ? 
_pdbx_entry_details.has_ligand_of_interest     ? 
_pdbx_entry_details.has_protein_modification   Y 
# 
_pdbx_validate_close_contact.id               1 
_pdbx_validate_close_contact.PDB_model_num    1 
_pdbx_validate_close_contact.auth_atom_id_1   O 
_pdbx_validate_close_contact.auth_asym_id_1   A 
_pdbx_validate_close_contact.auth_comp_id_1   HOH 
_pdbx_validate_close_contact.auth_seq_id_1    341 
_pdbx_validate_close_contact.PDB_ins_code_1   ? 
_pdbx_validate_close_contact.label_alt_id_1   ? 
_pdbx_validate_close_contact.auth_atom_id_2   O 
_pdbx_validate_close_contact.auth_asym_id_2   A 
_pdbx_validate_close_contact.auth_comp_id_2   HOH 
_pdbx_validate_close_contact.auth_seq_id_2    361 
_pdbx_validate_close_contact.PDB_ins_code_2   ? 
_pdbx_validate_close_contact.label_alt_id_2   ? 
_pdbx_validate_close_contact.dist             2.15 
# 
loop_
_pdbx_validate_torsion.id 
_pdbx_validate_torsion.PDB_model_num 
_pdbx_validate_torsion.auth_comp_id 
_pdbx_validate_torsion.auth_asym_id 
_pdbx_validate_torsion.auth_seq_id 
_pdbx_validate_torsion.PDB_ins_code 
_pdbx_validate_torsion.label_alt_id 
_pdbx_validate_torsion.phi 
_pdbx_validate_torsion.psi 
1 1 CYS A 32  ? ? -49.27  152.38  
2 1 SER A 47  ? ? -159.14 14.76   
3 1 GLU A 131 ? ? -118.73 -132.27 
# 
_phasing.method   MR 
# 
_pdbx_unobs_or_zero_occ_residues.id               1 
_pdbx_unobs_or_zero_occ_residues.PDB_model_num    1 
_pdbx_unobs_or_zero_occ_residues.polymer_flag     Y 
_pdbx_unobs_or_zero_occ_residues.occupancy_flag   1 
_pdbx_unobs_or_zero_occ_residues.auth_asym_id     A 
_pdbx_unobs_or_zero_occ_residues.auth_comp_id     MET 
_pdbx_unobs_or_zero_occ_residues.auth_seq_id      23 
_pdbx_unobs_or_zero_occ_residues.PDB_ins_code     ? 
_pdbx_unobs_or_zero_occ_residues.label_asym_id    A 
_pdbx_unobs_or_zero_occ_residues.label_comp_id    MET 
_pdbx_unobs_or_zero_occ_residues.label_seq_id     1 
# 
loop_
_chem_comp_atom.comp_id 
_chem_comp_atom.atom_id 
_chem_comp_atom.type_symbol 
_chem_comp_atom.pdbx_aromatic_flag 
_chem_comp_atom.pdbx_stereo_config 
_chem_comp_atom.pdbx_ordinal 
4XJ C3   C N N 1   
4XJ CAI  C N N 2   
4XJ CAG  C N N 3   
4XJ CAM  C Y N 4   
4XJ CAE  C Y N 5   
4XJ CAC  C Y N 6   
4XJ CAD  C Y N 7   
4XJ CAL  C Y N 8   
4XJ NAB  N N N 9   
4XJ CAN  C Y N 10  
4XJ CAJ  C N N 11  
4XJ NAO  N N N 12  
4XJ CAH  C N N 13  
4XJ C1   C N N 14  
4XJ O2   O N N 15  
4XJ CAF  C N N 16  
4XJ OAK  O N N 17  
4XJ CAA  C N N 18  
4XJ H1   H N N 19  
4XJ H2   H N N 20  
4XJ H3   H N N 21  
4XJ H4   H N N 22  
4XJ H5   H N N 23  
4XJ H6   H N N 24  
4XJ H7   H N N 25  
4XJ H8   H N N 26  
4XJ H9   H N N 27  
4XJ H10  H N N 28  
4XJ H11  H N N 29  
4XJ H12  H N N 30  
4XJ H13  H N N 31  
4XJ H14  H N N 32  
4XJ H16  H N N 33  
4XJ H17  H N N 34  
4XJ H18  H N N 35  
4XJ H19  H N N 36  
4XJ H20  H N N 37  
4XJ H21  H N N 38  
4XJ H22  H N N 39  
4XJ H23  H N N 40  
ALA N    N N N 41  
ALA CA   C N S 42  
ALA C    C N N 43  
ALA O    O N N 44  
ALA CB   C N N 45  
ALA OXT  O N N 46  
ALA H    H N N 47  
ALA H2   H N N 48  
ALA HA   H N N 49  
ALA HB1  H N N 50  
ALA HB2  H N N 51  
ALA HB3  H N N 52  
ALA HXT  H N N 53  
ARG N    N N N 54  
ARG CA   C N S 55  
ARG C    C N N 56  
ARG O    O N N 57  
ARG CB   C N N 58  
ARG CG   C N N 59  
ARG CD   C N N 60  
ARG NE   N N N 61  
ARG CZ   C N N 62  
ARG NH1  N N N 63  
ARG NH2  N N N 64  
ARG OXT  O N N 65  
ARG H    H N N 66  
ARG H2   H N N 67  
ARG HA   H N N 68  
ARG HB2  H N N 69  
ARG HB3  H N N 70  
ARG HG2  H N N 71  
ARG HG3  H N N 72  
ARG HD2  H N N 73  
ARG HD3  H N N 74  
ARG HE   H N N 75  
ARG HH11 H N N 76  
ARG HH12 H N N 77  
ARG HH21 H N N 78  
ARG HH22 H N N 79  
ARG HXT  H N N 80  
ASN N    N N N 81  
ASN CA   C N S 82  
ASN C    C N N 83  
ASN O    O N N 84  
ASN CB   C N N 85  
ASN CG   C N N 86  
ASN OD1  O N N 87  
ASN ND2  N N N 88  
ASN OXT  O N N 89  
ASN H    H N N 90  
ASN H2   H N N 91  
ASN HA   H N N 92  
ASN HB2  H N N 93  
ASN HB3  H N N 94  
ASN HD21 H N N 95  
ASN HD22 H N N 96  
ASN HXT  H N N 97  
ASP N    N N N 98  
ASP CA   C N S 99  
ASP C    C N N 100 
ASP O    O N N 101 
ASP CB   C N N 102 
ASP CG   C N N 103 
ASP OD1  O N N 104 
ASP OD2  O N N 105 
ASP OXT  O N N 106 
ASP H    H N N 107 
ASP H2   H N N 108 
ASP HA   H N N 109 
ASP HB2  H N N 110 
ASP HB3  H N N 111 
ASP HD2  H N N 112 
ASP HXT  H N N 113 
CYS N    N N N 114 
CYS CA   C N R 115 
CYS C    C N N 116 
CYS O    O N N 117 
CYS CB   C N N 118 
CYS SG   S N N 119 
CYS OXT  O N N 120 
CYS H    H N N 121 
CYS H2   H N N 122 
CYS HA   H N N 123 
CYS HB2  H N N 124 
CYS HB3  H N N 125 
CYS HG   H N N 126 
CYS HXT  H N N 127 
DMS S    S N N 128 
DMS O    O N N 129 
DMS C1   C N N 130 
DMS C2   C N N 131 
DMS H11  H N N 132 
DMS H12  H N N 133 
DMS H13  H N N 134 
DMS H21  H N N 135 
DMS H22  H N N 136 
DMS H23  H N N 137 
GLN N    N N N 138 
GLN CA   C N S 139 
GLN C    C N N 140 
GLN O    O N N 141 
GLN CB   C N N 142 
GLN CG   C N N 143 
GLN CD   C N N 144 
GLN OE1  O N N 145 
GLN NE2  N N N 146 
GLN OXT  O N N 147 
GLN H    H N N 148 
GLN H2   H N N 149 
GLN HA   H N N 150 
GLN HB2  H N N 151 
GLN HB3  H N N 152 
GLN HG2  H N N 153 
GLN HG3  H N N 154 
GLN HE21 H N N 155 
GLN HE22 H N N 156 
GLN HXT  H N N 157 
GLU N    N N N 158 
GLU CA   C N S 159 
GLU C    C N N 160 
GLU O    O N N 161 
GLU CB   C N N 162 
GLU CG   C N N 163 
GLU CD   C N N 164 
GLU OE1  O N N 165 
GLU OE2  O N N 166 
GLU OXT  O N N 167 
GLU H    H N N 168 
GLU H2   H N N 169 
GLU HA   H N N 170 
GLU HB2  H N N 171 
GLU HB3  H N N 172 
GLU HG2  H N N 173 
GLU HG3  H N N 174 
GLU HE2  H N N 175 
GLU HXT  H N N 176 
GLY N    N N N 177 
GLY CA   C N N 178 
GLY C    C N N 179 
GLY O    O N N 180 
GLY OXT  O N N 181 
GLY H    H N N 182 
GLY H2   H N N 183 
GLY HA2  H N N 184 
GLY HA3  H N N 185 
GLY HXT  H N N 186 
GOL C1   C N N 187 
GOL O1   O N N 188 
GOL C2   C N N 189 
GOL O2   O N N 190 
GOL C3   C N N 191 
GOL O3   O N N 192 
GOL H11  H N N 193 
GOL H12  H N N 194 
GOL HO1  H N N 195 
GOL H2   H N N 196 
GOL HO2  H N N 197 
GOL H31  H N N 198 
GOL H32  H N N 199 
GOL HO3  H N N 200 
HIS N    N N N 201 
HIS CA   C N S 202 
HIS C    C N N 203 
HIS O    O N N 204 
HIS CB   C N N 205 
HIS CG   C Y N 206 
HIS ND1  N Y N 207 
HIS CD2  C Y N 208 
HIS CE1  C Y N 209 
HIS NE2  N Y N 210 
HIS OXT  O N N 211 
HIS H    H N N 212 
HIS H2   H N N 213 
HIS HA   H N N 214 
HIS HB2  H N N 215 
HIS HB3  H N N 216 
HIS HD1  H N N 217 
HIS HD2  H N N 218 
HIS HE1  H N N 219 
HIS HE2  H N N 220 
HIS HXT  H N N 221 
HOH O    O N N 222 
HOH H1   H N N 223 
HOH H2   H N N 224 
ILE N    N N N 225 
ILE CA   C N S 226 
ILE C    C N N 227 
ILE O    O N N 228 
ILE CB   C N S 229 
ILE CG1  C N N 230 
ILE CG2  C N N 231 
ILE CD1  C N N 232 
ILE OXT  O N N 233 
ILE H    H N N 234 
ILE H2   H N N 235 
ILE HA   H N N 236 
ILE HB   H N N 237 
ILE HG12 H N N 238 
ILE HG13 H N N 239 
ILE HG21 H N N 240 
ILE HG22 H N N 241 
ILE HG23 H N N 242 
ILE HD11 H N N 243 
ILE HD12 H N N 244 
ILE HD13 H N N 245 
ILE HXT  H N N 246 
LEU N    N N N 247 
LEU CA   C N S 248 
LEU C    C N N 249 
LEU O    O N N 250 
LEU CB   C N N 251 
LEU CG   C N N 252 
LEU CD1  C N N 253 
LEU CD2  C N N 254 
LEU OXT  O N N 255 
LEU H    H N N 256 
LEU H2   H N N 257 
LEU HA   H N N 258 
LEU HB2  H N N 259 
LEU HB3  H N N 260 
LEU HG   H N N 261 
LEU HD11 H N N 262 
LEU HD12 H N N 263 
LEU HD13 H N N 264 
LEU HD21 H N N 265 
LEU HD22 H N N 266 
LEU HD23 H N N 267 
LEU HXT  H N N 268 
LYS N    N N N 269 
LYS CA   C N S 270 
LYS C    C N N 271 
LYS O    O N N 272 
LYS CB   C N N 273 
LYS CG   C N N 274 
LYS CD   C N N 275 
LYS CE   C N N 276 
LYS NZ   N N N 277 
LYS OXT  O N N 278 
LYS H    H N N 279 
LYS H2   H N N 280 
LYS HA   H N N 281 
LYS HB2  H N N 282 
LYS HB3  H N N 283 
LYS HG2  H N N 284 
LYS HG3  H N N 285 
LYS HD2  H N N 286 
LYS HD3  H N N 287 
LYS HE2  H N N 288 
LYS HE3  H N N 289 
LYS HZ1  H N N 290 
LYS HZ2  H N N 291 
LYS HZ3  H N N 292 
LYS HXT  H N N 293 
MET N    N N N 294 
MET CA   C N S 295 
MET C    C N N 296 
MET O    O N N 297 
MET CB   C N N 298 
MET CG   C N N 299 
MET SD   S N N 300 
MET CE   C N N 301 
MET OXT  O N N 302 
MET H    H N N 303 
MET H2   H N N 304 
MET HA   H N N 305 
MET HB2  H N N 306 
MET HB3  H N N 307 
MET HG2  H N N 308 
MET HG3  H N N 309 
MET HE1  H N N 310 
MET HE2  H N N 311 
MET HE3  H N N 312 
MET HXT  H N N 313 
PHE N    N N N 314 
PHE CA   C N S 315 
PHE C    C N N 316 
PHE O    O N N 317 
PHE CB   C N N 318 
PHE CG   C Y N 319 
PHE CD1  C Y N 320 
PHE CD2  C Y N 321 
PHE CE1  C Y N 322 
PHE CE2  C Y N 323 
PHE CZ   C Y N 324 
PHE OXT  O N N 325 
PHE H    H N N 326 
PHE H2   H N N 327 
PHE HA   H N N 328 
PHE HB2  H N N 329 
PHE HB3  H N N 330 
PHE HD1  H N N 331 
PHE HD2  H N N 332 
PHE HE1  H N N 333 
PHE HE2  H N N 334 
PHE HZ   H N N 335 
PHE HXT  H N N 336 
PRO N    N N N 337 
PRO CA   C N S 338 
PRO C    C N N 339 
PRO O    O N N 340 
PRO CB   C N N 341 
PRO CG   C N N 342 
PRO CD   C N N 343 
PRO OXT  O N N 344 
PRO H    H N N 345 
PRO HA   H N N 346 
PRO HB2  H N N 347 
PRO HB3  H N N 348 
PRO HG2  H N N 349 
PRO HG3  H N N 350 
PRO HD2  H N N 351 
PRO HD3  H N N 352 
PRO HXT  H N N 353 
SER N    N N N 354 
SER CA   C N S 355 
SER C    C N N 356 
SER O    O N N 357 
SER CB   C N N 358 
SER OG   O N N 359 
SER OXT  O N N 360 
SER H    H N N 361 
SER H2   H N N 362 
SER HA   H N N 363 
SER HB2  H N N 364 
SER HB3  H N N 365 
SER HG   H N N 366 
SER HXT  H N N 367 
SO4 S    S N N 368 
SO4 O1   O N N 369 
SO4 O2   O N N 370 
SO4 O3   O N N 371 
SO4 O4   O N N 372 
THR N    N N N 373 
THR CA   C N S 374 
THR C    C N N 375 
THR O    O N N 376 
THR CB   C N R 377 
THR OG1  O N N 378 
THR CG2  C N N 379 
THR OXT  O N N 380 
THR H    H N N 381 
THR H2   H N N 382 
THR HA   H N N 383 
THR HB   H N N 384 
THR HG1  H N N 385 
THR HG21 H N N 386 
THR HG22 H N N 387 
THR HG23 H N N 388 
THR HXT  H N N 389 
TYR N    N N N 390 
TYR CA   C N S 391 
TYR C    C N N 392 
TYR O    O N N 393 
TYR CB   C N N 394 
TYR CG   C Y N 395 
TYR CD1  C Y N 396 
TYR CD2  C Y N 397 
TYR CE1  C Y N 398 
TYR CE2  C Y N 399 
TYR CZ   C Y N 400 
TYR OH   O N N 401 
TYR OXT  O N N 402 
TYR H    H N N 403 
TYR H2   H N N 404 
TYR HA   H N N 405 
TYR HB2  H N N 406 
TYR HB3  H N N 407 
TYR HD1  H N N 408 
TYR HD2  H N N 409 
TYR HE1  H N N 410 
TYR HE2  H N N 411 
TYR HH   H N N 412 
TYR HXT  H N N 413 
VAL N    N N N 414 
VAL CA   C N S 415 
VAL C    C N N 416 
VAL O    O N N 417 
VAL CB   C N N 418 
VAL CG1  C N N 419 
VAL CG2  C N N 420 
VAL OXT  O N N 421 
VAL H    H N N 422 
VAL H2   H N N 423 
VAL HA   H N N 424 
VAL HB   H N N 425 
VAL HG11 H N N 426 
VAL HG12 H N N 427 
VAL HG13 H N N 428 
VAL HG21 H N N 429 
VAL HG22 H N N 430 
VAL HG23 H N N 431 
VAL HXT  H N N 432 
# 
loop_
_chem_comp_bond.comp_id 
_chem_comp_bond.atom_id_1 
_chem_comp_bond.atom_id_2 
_chem_comp_bond.value_order 
_chem_comp_bond.pdbx_aromatic_flag 
_chem_comp_bond.pdbx_stereo_config 
_chem_comp_bond.pdbx_ordinal 
4XJ CAD CAC  doub Y N 1   
4XJ CAD CAL  sing Y N 2   
4XJ CAC CAE  sing Y N 3   
4XJ NAB CAL  sing N N 4   
4XJ CAL CAN  doub Y N 5   
4XJ CAE CAM  doub Y N 6   
4XJ CAN CAM  sing Y N 7   
4XJ CAN CAJ  sing N N 8   
4XJ CAM CAG  sing N N 9   
4XJ CAJ NAO  sing N N 10  
4XJ CAG CAI  sing N N 11  
4XJ CAI NAO  sing N N 12  
4XJ O2  C3   sing N N 13  
4XJ O2  C1   sing N N 14  
4XJ CAA OAK  sing N N 15  
4XJ NAO CAH  sing N N 16  
4XJ CAF CAH  sing N N 17  
4XJ CAF OAK  sing N N 18  
4XJ CAH C1   sing N N 19  
4XJ C3  H1   sing N N 20  
4XJ C3  H2   sing N N 21  
4XJ C3  H3   sing N N 22  
4XJ CAI H4   sing N N 23  
4XJ CAI H5   sing N N 24  
4XJ CAG H6   sing N N 25  
4XJ CAG H7   sing N N 26  
4XJ CAE H8   sing N N 27  
4XJ CAC H9   sing N N 28  
4XJ CAD H10  sing N N 29  
4XJ NAB H11  sing N N 30  
4XJ NAB H12  sing N N 31  
4XJ CAJ H13  sing N N 32  
4XJ CAJ H14  sing N N 33  
4XJ CAH H16  sing N N 34  
4XJ C1  H17  sing N N 35  
4XJ C1  H18  sing N N 36  
4XJ CAF H19  sing N N 37  
4XJ CAF H20  sing N N 38  
4XJ CAA H21  sing N N 39  
4XJ CAA H22  sing N N 40  
4XJ CAA H23  sing N N 41  
ALA N   CA   sing N N 42  
ALA N   H    sing N N 43  
ALA N   H2   sing N N 44  
ALA CA  C    sing N N 45  
ALA CA  CB   sing N N 46  
ALA CA  HA   sing N N 47  
ALA C   O    doub N N 48  
ALA C   OXT  sing N N 49  
ALA CB  HB1  sing N N 50  
ALA CB  HB2  sing N N 51  
ALA CB  HB3  sing N N 52  
ALA OXT HXT  sing N N 53  
ARG N   CA   sing N N 54  
ARG N   H    sing N N 55  
ARG N   H2   sing N N 56  
ARG CA  C    sing N N 57  
ARG CA  CB   sing N N 58  
ARG CA  HA   sing N N 59  
ARG C   O    doub N N 60  
ARG C   OXT  sing N N 61  
ARG CB  CG   sing N N 62  
ARG CB  HB2  sing N N 63  
ARG CB  HB3  sing N N 64  
ARG CG  CD   sing N N 65  
ARG CG  HG2  sing N N 66  
ARG CG  HG3  sing N N 67  
ARG CD  NE   sing N N 68  
ARG CD  HD2  sing N N 69  
ARG CD  HD3  sing N N 70  
ARG NE  CZ   sing N N 71  
ARG NE  HE   sing N N 72  
ARG CZ  NH1  sing N N 73  
ARG CZ  NH2  doub N N 74  
ARG NH1 HH11 sing N N 75  
ARG NH1 HH12 sing N N 76  
ARG NH2 HH21 sing N N 77  
ARG NH2 HH22 sing N N 78  
ARG OXT HXT  sing N N 79  
ASN N   CA   sing N N 80  
ASN N   H    sing N N 81  
ASN N   H2   sing N N 82  
ASN CA  C    sing N N 83  
ASN CA  CB   sing N N 84  
ASN CA  HA   sing N N 85  
ASN C   O    doub N N 86  
ASN C   OXT  sing N N 87  
ASN CB  CG   sing N N 88  
ASN CB  HB2  sing N N 89  
ASN CB  HB3  sing N N 90  
ASN CG  OD1  doub N N 91  
ASN CG  ND2  sing N N 92  
ASN ND2 HD21 sing N N 93  
ASN ND2 HD22 sing N N 94  
ASN OXT HXT  sing N N 95  
ASP N   CA   sing N N 96  
ASP N   H    sing N N 97  
ASP N   H2   sing N N 98  
ASP CA  C    sing N N 99  
ASP CA  CB   sing N N 100 
ASP CA  HA   sing N N 101 
ASP C   O    doub N N 102 
ASP C   OXT  sing N N 103 
ASP CB  CG   sing N N 104 
ASP CB  HB2  sing N N 105 
ASP CB  HB3  sing N N 106 
ASP CG  OD1  doub N N 107 
ASP CG  OD2  sing N N 108 
ASP OD2 HD2  sing N N 109 
ASP OXT HXT  sing N N 110 
CYS N   CA   sing N N 111 
CYS N   H    sing N N 112 
CYS N   H2   sing N N 113 
CYS CA  C    sing N N 114 
CYS CA  CB   sing N N 115 
CYS CA  HA   sing N N 116 
CYS C   O    doub N N 117 
CYS C   OXT  sing N N 118 
CYS CB  SG   sing N N 119 
CYS CB  HB2  sing N N 120 
CYS CB  HB3  sing N N 121 
CYS SG  HG   sing N N 122 
CYS OXT HXT  sing N N 123 
DMS S   O    doub N N 124 
DMS S   C1   sing N N 125 
DMS S   C2   sing N N 126 
DMS C1  H11  sing N N 127 
DMS C1  H12  sing N N 128 
DMS C1  H13  sing N N 129 
DMS C2  H21  sing N N 130 
DMS C2  H22  sing N N 131 
DMS C2  H23  sing N N 132 
GLN N   CA   sing N N 133 
GLN N   H    sing N N 134 
GLN N   H2   sing N N 135 
GLN CA  C    sing N N 136 
GLN CA  CB   sing N N 137 
GLN CA  HA   sing N N 138 
GLN C   O    doub N N 139 
GLN C   OXT  sing N N 140 
GLN CB  CG   sing N N 141 
GLN CB  HB2  sing N N 142 
GLN CB  HB3  sing N N 143 
GLN CG  CD   sing N N 144 
GLN CG  HG2  sing N N 145 
GLN CG  HG3  sing N N 146 
GLN CD  OE1  doub N N 147 
GLN CD  NE2  sing N N 148 
GLN NE2 HE21 sing N N 149 
GLN NE2 HE22 sing N N 150 
GLN OXT HXT  sing N N 151 
GLU N   CA   sing N N 152 
GLU N   H    sing N N 153 
GLU N   H2   sing N N 154 
GLU CA  C    sing N N 155 
GLU CA  CB   sing N N 156 
GLU CA  HA   sing N N 157 
GLU C   O    doub N N 158 
GLU C   OXT  sing N N 159 
GLU CB  CG   sing N N 160 
GLU CB  HB2  sing N N 161 
GLU CB  HB3  sing N N 162 
GLU CG  CD   sing N N 163 
GLU CG  HG2  sing N N 164 
GLU CG  HG3  sing N N 165 
GLU CD  OE1  doub N N 166 
GLU CD  OE2  sing N N 167 
GLU OE2 HE2  sing N N 168 
GLU OXT HXT  sing N N 169 
GLY N   CA   sing N N 170 
GLY N   H    sing N N 171 
GLY N   H2   sing N N 172 
GLY CA  C    sing N N 173 
GLY CA  HA2  sing N N 174 
GLY CA  HA3  sing N N 175 
GLY C   O    doub N N 176 
GLY C   OXT  sing N N 177 
GLY OXT HXT  sing N N 178 
GOL C1  O1   sing N N 179 
GOL C1  C2   sing N N 180 
GOL C1  H11  sing N N 181 
GOL C1  H12  sing N N 182 
GOL O1  HO1  sing N N 183 
GOL C2  O2   sing N N 184 
GOL C2  C3   sing N N 185 
GOL C2  H2   sing N N 186 
GOL O2  HO2  sing N N 187 
GOL C3  O3   sing N N 188 
GOL C3  H31  sing N N 189 
GOL C3  H32  sing N N 190 
GOL O3  HO3  sing N N 191 
HIS N   CA   sing N N 192 
HIS N   H    sing N N 193 
HIS N   H2   sing N N 194 
HIS CA  C    sing N N 195 
HIS CA  CB   sing N N 196 
HIS CA  HA   sing N N 197 
HIS C   O    doub N N 198 
HIS C   OXT  sing N N 199 
HIS CB  CG   sing N N 200 
HIS CB  HB2  sing N N 201 
HIS CB  HB3  sing N N 202 
HIS CG  ND1  sing Y N 203 
HIS CG  CD2  doub Y N 204 
HIS ND1 CE1  doub Y N 205 
HIS ND1 HD1  sing N N 206 
HIS CD2 NE2  sing Y N 207 
HIS CD2 HD2  sing N N 208 
HIS CE1 NE2  sing Y N 209 
HIS CE1 HE1  sing N N 210 
HIS NE2 HE2  sing N N 211 
HIS OXT HXT  sing N N 212 
HOH O   H1   sing N N 213 
HOH O   H2   sing N N 214 
ILE N   CA   sing N N 215 
ILE N   H    sing N N 216 
ILE N   H2   sing N N 217 
ILE CA  C    sing N N 218 
ILE CA  CB   sing N N 219 
ILE CA  HA   sing N N 220 
ILE C   O    doub N N 221 
ILE C   OXT  sing N N 222 
ILE CB  CG1  sing N N 223 
ILE CB  CG2  sing N N 224 
ILE CB  HB   sing N N 225 
ILE CG1 CD1  sing N N 226 
ILE CG1 HG12 sing N N 227 
ILE CG1 HG13 sing N N 228 
ILE CG2 HG21 sing N N 229 
ILE CG2 HG22 sing N N 230 
ILE CG2 HG23 sing N N 231 
ILE CD1 HD11 sing N N 232 
ILE CD1 HD12 sing N N 233 
ILE CD1 HD13 sing N N 234 
ILE OXT HXT  sing N N 235 
LEU N   CA   sing N N 236 
LEU N   H    sing N N 237 
LEU N   H2   sing N N 238 
LEU CA  C    sing N N 239 
LEU CA  CB   sing N N 240 
LEU CA  HA   sing N N 241 
LEU C   O    doub N N 242 
LEU C   OXT  sing N N 243 
LEU CB  CG   sing N N 244 
LEU CB  HB2  sing N N 245 
LEU CB  HB3  sing N N 246 
LEU CG  CD1  sing N N 247 
LEU CG  CD2  sing N N 248 
LEU CG  HG   sing N N 249 
LEU CD1 HD11 sing N N 250 
LEU CD1 HD12 sing N N 251 
LEU CD1 HD13 sing N N 252 
LEU CD2 HD21 sing N N 253 
LEU CD2 HD22 sing N N 254 
LEU CD2 HD23 sing N N 255 
LEU OXT HXT  sing N N 256 
LYS N   CA   sing N N 257 
LYS N   H    sing N N 258 
LYS N   H2   sing N N 259 
LYS CA  C    sing N N 260 
LYS CA  CB   sing N N 261 
LYS CA  HA   sing N N 262 
LYS C   O    doub N N 263 
LYS C   OXT  sing N N 264 
LYS CB  CG   sing N N 265 
LYS CB  HB2  sing N N 266 
LYS CB  HB3  sing N N 267 
LYS CG  CD   sing N N 268 
LYS CG  HG2  sing N N 269 
LYS CG  HG3  sing N N 270 
LYS CD  CE   sing N N 271 
LYS CD  HD2  sing N N 272 
LYS CD  HD3  sing N N 273 
LYS CE  NZ   sing N N 274 
LYS CE  HE2  sing N N 275 
LYS CE  HE3  sing N N 276 
LYS NZ  HZ1  sing N N 277 
LYS NZ  HZ2  sing N N 278 
LYS NZ  HZ3  sing N N 279 
LYS OXT HXT  sing N N 280 
MET N   CA   sing N N 281 
MET N   H    sing N N 282 
MET N   H2   sing N N 283 
MET CA  C    sing N N 284 
MET CA  CB   sing N N 285 
MET CA  HA   sing N N 286 
MET C   O    doub N N 287 
MET C   OXT  sing N N 288 
MET CB  CG   sing N N 289 
MET CB  HB2  sing N N 290 
MET CB  HB3  sing N N 291 
MET CG  SD   sing N N 292 
MET CG  HG2  sing N N 293 
MET CG  HG3  sing N N 294 
MET SD  CE   sing N N 295 
MET CE  HE1  sing N N 296 
MET CE  HE2  sing N N 297 
MET CE  HE3  sing N N 298 
MET OXT HXT  sing N N 299 
PHE N   CA   sing N N 300 
PHE N   H    sing N N 301 
PHE N   H2   sing N N 302 
PHE CA  C    sing N N 303 
PHE CA  CB   sing N N 304 
PHE CA  HA   sing N N 305 
PHE C   O    doub N N 306 
PHE C   OXT  sing N N 307 
PHE CB  CG   sing N N 308 
PHE CB  HB2  sing N N 309 
PHE CB  HB3  sing N N 310 
PHE CG  CD1  doub Y N 311 
PHE CG  CD2  sing Y N 312 
PHE CD1 CE1  sing Y N 313 
PHE CD1 HD1  sing N N 314 
PHE CD2 CE2  doub Y N 315 
PHE CD2 HD2  sing N N 316 
PHE CE1 CZ   doub Y N 317 
PHE CE1 HE1  sing N N 318 
PHE CE2 CZ   sing Y N 319 
PHE CE2 HE2  sing N N 320 
PHE CZ  HZ   sing N N 321 
PHE OXT HXT  sing N N 322 
PRO N   CA   sing N N 323 
PRO N   CD   sing N N 324 
PRO N   H    sing N N 325 
PRO CA  C    sing N N 326 
PRO CA  CB   sing N N 327 
PRO CA  HA   sing N N 328 
PRO C   O    doub N N 329 
PRO C   OXT  sing N N 330 
PRO CB  CG   sing N N 331 
PRO CB  HB2  sing N N 332 
PRO CB  HB3  sing N N 333 
PRO CG  CD   sing N N 334 
PRO CG  HG2  sing N N 335 
PRO CG  HG3  sing N N 336 
PRO CD  HD2  sing N N 337 
PRO CD  HD3  sing N N 338 
PRO OXT HXT  sing N N 339 
SER N   CA   sing N N 340 
SER N   H    sing N N 341 
SER N   H2   sing N N 342 
SER CA  C    sing N N 343 
SER CA  CB   sing N N 344 
SER CA  HA   sing N N 345 
SER C   O    doub N N 346 
SER C   OXT  sing N N 347 
SER CB  OG   sing N N 348 
SER CB  HB2  sing N N 349 
SER CB  HB3  sing N N 350 
SER OG  HG   sing N N 351 
SER OXT HXT  sing N N 352 
SO4 S   O1   doub N N 353 
SO4 S   O2   doub N N 354 
SO4 S   O3   sing N N 355 
SO4 S   O4   sing N N 356 
THR N   CA   sing N N 357 
THR N   H    sing N N 358 
THR N   H2   sing N N 359 
THR CA  C    sing N N 360 
THR CA  CB   sing N N 361 
THR CA  HA   sing N N 362 
THR C   O    doub N N 363 
THR C   OXT  sing N N 364 
THR CB  OG1  sing N N 365 
THR CB  CG2  sing N N 366 
THR CB  HB   sing N N 367 
THR OG1 HG1  sing N N 368 
THR CG2 HG21 sing N N 369 
THR CG2 HG22 sing N N 370 
THR CG2 HG23 sing N N 371 
THR OXT HXT  sing N N 372 
TYR N   CA   sing N N 373 
TYR N   H    sing N N 374 
TYR N   H2   sing N N 375 
TYR CA  C    sing N N 376 
TYR CA  CB   sing N N 377 
TYR CA  HA   sing N N 378 
TYR C   O    doub N N 379 
TYR C   OXT  sing N N 380 
TYR CB  CG   sing N N 381 
TYR CB  HB2  sing N N 382 
TYR CB  HB3  sing N N 383 
TYR CG  CD1  doub Y N 384 
TYR CG  CD2  sing Y N 385 
TYR CD1 CE1  sing Y N 386 
TYR CD1 HD1  sing N N 387 
TYR CD2 CE2  doub Y N 388 
TYR CD2 HD2  sing N N 389 
TYR CE1 CZ   doub Y N 390 
TYR CE1 HE1  sing N N 391 
TYR CE2 CZ   sing Y N 392 
TYR CE2 HE2  sing N N 393 
TYR CZ  OH   sing N N 394 
TYR OH  HH   sing N N 395 
TYR OXT HXT  sing N N 396 
VAL N   CA   sing N N 397 
VAL N   H    sing N N 398 
VAL N   H2   sing N N 399 
VAL CA  C    sing N N 400 
VAL CA  CB   sing N N 401 
VAL CA  HA   sing N N 402 
VAL C   O    doub N N 403 
VAL C   OXT  sing N N 404 
VAL CB  CG1  sing N N 405 
VAL CB  CG2  sing N N 406 
VAL CB  HB   sing N N 407 
VAL CG1 HG11 sing N N 408 
VAL CG1 HG12 sing N N 409 
VAL CG1 HG13 sing N N 410 
VAL CG2 HG21 sing N N 411 
VAL CG2 HG22 sing N N 412 
VAL CG2 HG23 sing N N 413 
VAL OXT HXT  sing N N 414 
# 
_atom_sites.entry_id                    5BZT 
_atom_sites.fract_transf_matrix[1][1]   0.02402526 
_atom_sites.fract_transf_matrix[1][2]   -0.02642151 
_atom_sites.fract_transf_matrix[1][3]   0.00877546 
_atom_sites.fract_transf_matrix[2][1]   0.00813369 
_atom_sites.fract_transf_matrix[2][2]   0.00482056 
_atom_sites.fract_transf_matrix[2][3]   -0.00775430 
_atom_sites.fract_transf_matrix[3][1]   0.02205075 
_atom_sites.fract_transf_matrix[3][2]   0.00595686 
_atom_sites.fract_transf_matrix[3][3]   0.02683276 
_atom_sites.fract_transf_vector[1]      0.090283 
_atom_sites.fract_transf_vector[2]      -0.004675 
_atom_sites.fract_transf_vector[3]      0.076274 
# 
loop_
_atom_type.symbol 
C 
N 
O 
S 
# 
loop_
_atom_site.group_PDB 
_atom_site.id 
_atom_site.type_symbol 
_atom_site.label_atom_id 
_atom_site.label_alt_id 
_atom_site.label_comp_id 
_atom_site.label_asym_id 
_atom_site.label_entity_id 
_atom_site.label_seq_id 
_atom_site.pdbx_PDB_ins_code 
_atom_site.Cartn_x 
_atom_site.Cartn_y 
_atom_site.Cartn_z 
_atom_site.occupancy 
_atom_site.B_iso_or_equiv 
_atom_site.pdbx_formal_charge 
_atom_site.auth_seq_id 
_atom_site.auth_comp_id 
_atom_site.auth_asym_id 
_atom_site.auth_atom_id 
_atom_site.pdbx_PDB_model_num 
ATOM   1    N N   . ASN A 1 2   ? 17.832  -8.600  -9.861  1.00 22.63 ? 24  ASN A N   1 
ATOM   2    C CA  . ASN A 1 2   ? 17.357  -7.263  -9.415  1.00 21.79 ? 24  ASN A CA  1 
ATOM   3    C C   . ASN A 1 2   ? 15.849  -7.169  -9.609  1.00 20.52 ? 24  ASN A C   1 
ATOM   4    O O   . ASN A 1 2   ? 15.366  -6.719  -10.659 1.00 19.24 ? 24  ASN A O   1 
ATOM   5    C CB  . ASN A 1 2   ? 18.082  -6.142  -10.171 1.00 22.37 ? 24  ASN A CB  1 
ATOM   6    C CG  . ASN A 1 2   ? 17.958  -4.794  -9.478  1.00 24.09 ? 24  ASN A CG  1 
ATOM   7    O OD1 . ASN A 1 2   ? 17.189  -4.636  -8.524  1.00 27.31 ? 24  ASN A OD1 1 
ATOM   8    N ND2 . ASN A 1 2   ? 18.721  -3.816  -9.947  1.00 25.17 ? 24  ASN A ND2 1 
ATOM   9    N N   . GLN A 1 3   ? 15.121  -7.616  -8.586  1.00 19.24 ? 25  GLN A N   1 
ATOM   10   C CA  . GLN A 1 3   ? 13.685  -7.835  -8.687  1.00 18.35 ? 25  GLN A CA  1 
ATOM   11   C C   . GLN A 1 3   ? 12.963  -7.368  -7.426  1.00 16.86 ? 25  GLN A C   1 
ATOM   12   O O   . GLN A 1 3   ? 13.466  -7.530  -6.315  1.00 17.52 ? 25  GLN A O   1 
ATOM   13   C CB  . GLN A 1 3   ? 13.418  -9.324  -8.909  1.00 19.32 ? 25  GLN A CB  1 
ATOM   14   C CG  . GLN A 1 3   ? 12.265  -9.639  -9.834  1.00 22.20 ? 25  GLN A CG  1 
ATOM   15   C CD  . GLN A 1 3   ? 10.928  -9.629  -9.135  1.00 26.17 ? 25  GLN A CD  1 
ATOM   16   O OE1 . GLN A 1 3   ? 10.781  -10.165 -8.032  1.00 28.70 ? 25  GLN A OE1 1 
ATOM   17   N NE2 . GLN A 1 3   ? 9.934   -9.023  -9.781  1.00 25.55 ? 25  GLN A NE2 1 
ATOM   18   N N   . ILE A 1 4   ? 11.785  -6.777  -7.618  1.00 14.71 ? 26  ILE A N   1 
ATOM   19   C CA  . ILE A 1 4   ? 10.911  -6.377  -6.507  1.00 13.36 ? 26  ILE A CA  1 
ATOM   20   C C   . ILE A 1 4   ? 9.493   -6.852  -6.800  1.00 12.82 ? 26  ILE A C   1 
ATOM   21   O O   . ILE A 1 4   ? 8.971   -6.567  -7.878  1.00 12.67 ? 26  ILE A O   1 
ATOM   22   C CB  . ILE A 1 4   ? 10.920  -4.845  -6.312  1.00 13.12 ? 26  ILE A CB  1 
ATOM   23   C CG1 . ILE A 1 4   ? 12.326  -4.363  -5.915  1.00 14.15 ? 26  ILE A CG1 1 
ATOM   24   C CG2 . ILE A 1 4   ? 9.878   -4.431  -5.275  1.00 13.41 ? 26  ILE A CG2 1 
ATOM   25   C CD1 . ILE A 1 4   ? 12.468  -2.854  -5.776  1.00 16.61 ? 26  ILE A CD1 1 
ATOM   26   N N   . ASP A 1 5   ? 8.894   -7.597  -5.866  1.00 11.65 ? 27  ASP A N   1 
ATOM   27   C CA  . ASP A 1 5   ? 7.467   -7.932  -5.924  1.00 11.17 ? 27  ASP A CA  1 
ATOM   28   C C   . ASP A 1 5   ? 6.706   -6.893  -5.102  1.00 8.91  ? 27  ASP A C   1 
ATOM   29   O O   . ASP A 1 5   ? 7.082   -6.617  -3.952  1.00 9.77  ? 27  ASP A O   1 
ATOM   30   C CB  . ASP A 1 5   ? 7.169   -9.305  -5.295  1.00 12.76 ? 27  ASP A CB  1 
ATOM   31   C CG  . ASP A 1 5   ? 7.458   -10.495 -6.207  1.00 17.55 ? 27  ASP A CG  1 
ATOM   32   O OD1 . ASP A 1 5   ? 7.480   -10.367 -7.443  1.00 20.36 ? 27  ASP A OD1 1 
ATOM   33   O OD2 . ASP A 1 5   ? 7.635   -11.594 -5.637  1.00 24.04 ? 27  ASP A OD2 1 
ATOM   34   N N   . LEU A 1 6   ? 5.628   -6.371  -5.667  1.00 7.80  ? 28  LEU A N   1 
ATOM   35   C CA  . LEU A 1 6   ? 4.703   -5.469  -4.966  1.00 7.09  ? 28  LEU A CA  1 
ATOM   36   C C   . LEU A 1 6   ? 3.351   -6.146  -4.933  1.00 6.95  ? 28  LEU A C   1 
ATOM   37   O O   . LEU A 1 6   ? 2.658   -6.234  -5.959  1.00 7.71  ? 28  LEU A O   1 
ATOM   38   C CB  . LEU A 1 6   ? 4.601   -4.120  -5.685  1.00 7.96  ? 28  LEU A CB  1 
ATOM   39   C CG  . LEU A 1 6   ? 5.915   -3.332  -5.819  1.00 8.78  ? 28  LEU A CG  1 
ATOM   40   C CD1 . LEU A 1 6   ? 5.735   -2.096  -6.700  1.00 10.72 ? 28  LEU A CD1 1 
ATOM   41   C CD2 . LEU A 1 6   ? 6.494   -2.947  -4.459  1.00 9.68  ? 28  LEU A CD2 1 
ATOM   42   N N   . ASN A 1 7   ? 2.961   -6.633  -3.767  1.00 5.61  ? 29  ASN A N   1 
ATOM   43   C CA  . ASN A 1 7   ? 1.677   -7.307  -3.588  1.00 6.25  ? 29  ASN A CA  1 
ATOM   44   C C   . ASN A 1 7   ? 0.622   -6.257  -3.262  1.00 5.78  ? 29  ASN A C   1 
ATOM   45   O O   . ASN A 1 7   ? 0.799   -5.487  -2.299  1.00 7.03  ? 29  ASN A O   1 
ATOM   46   C CB  . ASN A 1 7   ? 1.758   -8.314  -2.451  1.00 7.50  ? 29  ASN A CB  1 
ATOM   47   C CG  . ASN A 1 7   ? 2.859   -9.366  -2.648  1.00 11.37 ? 29  ASN A CG  1 
ATOM   48   O OD1 . ASN A 1 7   ? 3.260   -9.689  -3.763  1.00 12.71 ? 29  ASN A OD1 1 
ATOM   49   N ND2 . ASN A 1 7   ? 3.358   -9.883  -1.537  1.00 13.99 ? 29  ASN A ND2 1 
ATOM   50   N N   . VAL A 1 8   ? -0.434  -6.170  -4.054  1.00 5.46  ? 30  VAL A N   1 
ATOM   51   C CA  . VAL A 1 8   ? -1.423  -5.102  -3.922  1.00 6.21  ? 30  VAL A CA  1 
ATOM   52   C C   . VAL A 1 8   ? -2.799  -5.667  -3.617  1.00 6.42  ? 30  VAL A C   1 
ATOM   53   O O   . VAL A 1 8   ? -3.141  -6.768  -4.065  1.00 7.17  ? 30  VAL A O   1 
ATOM   54   C CB  . VAL A 1 8   ? -1.470  -4.227  -5.202  1.00 6.22  ? 30  VAL A CB  1 
ATOM   55   C CG1 . VAL A 1 8   ? -0.115  -3.634  -5.506  1.00 9.53  ? 30  VAL A CG1 1 
ATOM   56   C CG2 . VAL A 1 8   ? -1.921  -5.021  -6.404  1.00 8.32  ? 30  VAL A CG2 1 
ATOM   57   N N   . THR A 1 9   ? -3.612  -4.922  -2.886  1.00 6.74  ? 31  THR A N   1 
ATOM   58   C CA  . THR A 1 9   ? -4.974  -5.322  -2.589  1.00 6.88  ? 31  THR A CA  1 
ATOM   59   C C   . THR A 1 9   ? -5.990  -4.682  -3.536  1.00 6.89  ? 31  THR A C   1 
ATOM   60   O O   . THR A 1 9   ? -5.680  -3.789  -4.321  1.00 6.74  ? 31  THR A O   1 
ATOM   61   C CB  . THR A 1 9   ? -5.372  -4.921  -1.140  1.00 6.89  ? 31  THR A CB  1 
ATOM   62   O OG1 . THR A 1 9   ? -5.370  -3.491  -1.015  1.00 5.99  ? 31  THR A OG1 1 
ATOM   63   C CG2 . THR A 1 9   ? -4.425  -5.528  -0.113  1.00 8.75  ? 31  THR A CG2 1 
ATOM   64   N N   . CYS A 1 10  ? -7.229  -5.124  -3.367  1.00 6.61  ? 32  CYS A N   1 
ATOM   65   C CA  . CYS A 1 10  ? -8.389  -4.379  -3.819  1.00 6.11  ? 32  CYS A CA  1 
ATOM   66   C C   . CYS A 1 10  ? -8.301  -2.928  -3.351  1.00 5.71  ? 32  CYS A C   1 
ATOM   67   O O   . CYS A 1 10  ? -7.690  -2.637  -2.303  1.00 6.33  ? 32  CYS A O   1 
ATOM   68   C CB  . CYS A 1 10  ? -9.654  -4.967  -3.174  1.00 6.88  ? 32  CYS A CB  1 
ATOM   69   S SG  . CYS A 1 10  ? -10.047 -6.661  -3.550  1.00 11.67 ? 32  CYS A SG  1 
ATOM   70   N N   . ARG A 1 11  ? -8.917  -2.026  -4.097  1.00 5.80  ? 33  ARG A N   1 
ATOM   71   C CA  . ARG A 1 11  ? -9.070  -0.640  -3.655  1.00 5.74  ? 33  ARG A CA  1 
ATOM   72   C C   . ARG A 1 11  ? -10.435 -0.468  -3.012  1.00 6.70  ? 33  ARG A C   1 
ATOM   73   O O   . ARG A 1 11  ? -11.440 -1.038  -3.470  1.00 7.63  ? 33  ARG A O   1 
ATOM   74   C CB  . ARG A 1 11  ? -8.932  0.322   -4.832  1.00 6.37  ? 33  ARG A CB  1 
ATOM   75   C CG  . ARG A 1 11  ? -7.505  0.691   -5.234  1.00 6.05  ? 33  ARG A CG  1 
ATOM   76   C CD  . ARG A 1 11  ? -6.740  -0.487  -5.837  1.00 6.67  ? 33  ARG A CD  1 
ATOM   77   N NE  . ARG A 1 11  ? -7.377  -0.893  -7.094  1.00 6.72  ? 33  ARG A NE  1 
ATOM   78   C CZ  . ARG A 1 11  ? -7.506  -2.134  -7.553  1.00 6.89  ? 33  ARG A CZ  1 
ATOM   79   N NH1 . ARG A 1 11  ? -7.035  -3.171  -6.895  1.00 7.29  ? 33  ARG A NH1 1 
ATOM   80   N NH2 . ARG A 1 11  ? -8.118  -2.310  -8.712  1.00 8.69  ? 33  ARG A NH2 1 
ATOM   81   N N   . TYR A 1 12  ? -10.503 0.367   -1.987  1.00 6.11  ? 34  TYR A N   1 
ATOM   82   C CA  . TYR A 1 12  ? -11.744 0.716   -1.314  1.00 5.78  ? 34  TYR A CA  1 
ATOM   83   C C   . TYR A 1 12  ? -11.778 2.209   -1.216  1.00 5.50  ? 34  TYR A C   1 
ATOM   84   O O   . TYR A 1 12  ? -10.933 2.818   -0.552  1.00 5.00  ? 34  TYR A O   1 
ATOM   85   C CB  . TYR A 1 12  ? -11.757 0.119   0.084   1.00 6.31  ? 34  TYR A CB  1 
ATOM   86   C CG  . TYR A 1 12  ? -11.932 -1.368  0.059   1.00 8.10  ? 34  TYR A CG  1 
ATOM   87   C CD1 . TYR A 1 12  ? -13.201 -1.906  0.133   1.00 10.68 ? 34  TYR A CD1 1 
ATOM   88   C CD2 . TYR A 1 12  ? -10.854 -2.243  -0.063  1.00 11.68 ? 34  TYR A CD2 1 
ATOM   89   C CE1 . TYR A 1 12  ? -13.416 -3.259  0.099   1.00 13.75 ? 34  TYR A CE1 1 
ATOM   90   C CE2 . TYR A 1 12  ? -11.066 -3.631  -0.105  1.00 13.33 ? 34  TYR A CE2 1 
ATOM   91   C CZ  . TYR A 1 12  ? -12.346 -4.107  -0.020  1.00 11.97 ? 34  TYR A CZ  1 
ATOM   92   O OH  . TYR A 1 12  ? -12.599 -5.470  -0.054  1.00 17.61 ? 34  TYR A OH  1 
ATOM   93   N N   . ALA A 1 13  ? -12.715 2.832   -1.909  1.00 5.47  ? 35  ALA A N   1 
ATOM   94   C CA  . ALA A 1 13  ? -12.706 4.285   -2.010  1.00 5.56  ? 35  ALA A CA  1 
ATOM   95   C C   . ALA A 1 13  ? -11.314 4.814   -2.376  1.00 5.27  ? 35  ALA A C   1 
ATOM   96   O O   . ALA A 1 13  ? -10.849 5.823   -1.836  1.00 5.97  ? 35  ALA A O   1 
ATOM   97   C CB  . ALA A 1 13  ? -13.243 4.941   -0.712  1.00 6.99  ? 35  ALA A CB  1 
ATOM   98   N N   . GLY A 1 14  ? -10.636 4.098   -3.263  1.00 5.40  ? 36  GLY A N   1 
ATOM   99   C CA  . GLY A 1 14  ? -9.343  4.513   -3.759  1.00 5.46  ? 36  GLY A CA  1 
ATOM   100  C C   . GLY A 1 14  ? -8.147  4.096   -2.933  1.00 4.64  ? 36  GLY A C   1 
ATOM   101  O O   . GLY A 1 14  ? -7.014  4.259   -3.393  1.00 5.82  ? 36  GLY A O   1 
ATOM   102  N N   . VAL A 1 15  ? -8.385  3.561   -1.738  1.00 5.13  ? 37  VAL A N   1 
ATOM   103  C CA  . VAL A 1 15  ? -7.298  3.192   -0.835  1.00 5.16  ? 37  VAL A CA  1 
ATOM   104  C C   . VAL A 1 15  ? -6.953  1.713   -1.013  1.00 5.28  ? 37  VAL A C   1 
ATOM   105  O O   . VAL A 1 15  ? -7.835  0.858   -1.071  1.00 5.42  ? 37  VAL A O   1 
ATOM   106  C CB  . VAL A 1 15  ? -7.673  3.487   0.651   1.00 5.34  ? 37  VAL A CB  1 
ATOM   107  C CG1 . VAL A 1 15  ? -6.545  3.098   1.604   1.00 6.31  ? 37  VAL A CG1 1 
ATOM   108  C CG2 . VAL A 1 15  ? -7.991  4.964   0.810   1.00 5.95  ? 37  VAL A CG2 1 
ATOM   109  N N   . PHE A 1 16  ? -5.656  1.422   -1.061  1.00 4.98  ? 38  PHE A N   1 
ATOM   110  C CA  . PHE A 1 16  ? -5.179  0.067   -1.174  1.00 5.13  ? 38  PHE A CA  1 
ATOM   111  C C   . PHE A 1 16  ? -3.921  -0.109  -0.354  1.00 4.97  ? 38  PHE A C   1 
ATOM   112  O O   . PHE A 1 16  ? -3.263  0.871   0.036   1.00 5.73  ? 38  PHE A O   1 
ATOM   113  C CB  . PHE A 1 16  ? -5.007  -0.386  -2.645  1.00 5.47  ? 38  PHE A CB  1 
ATOM   114  C CG  . PHE A 1 16  ? -4.026  0.423   -3.457  1.00 6.43  ? 38  PHE A CG  1 
ATOM   115  C CD1 . PHE A 1 16  ? -2.789  -0.122  -3.819  1.00 6.83  ? 38  PHE A CD1 1 
ATOM   116  C CD2 . PHE A 1 16  ? -4.325  1.716   -3.898  1.00 6.07  ? 38  PHE A CD2 1 
ATOM   117  C CE1 . PHE A 1 16  ? -1.900  0.578   -4.607  1.00 8.51  ? 38  PHE A CE1 1 
ATOM   118  C CE2 . PHE A 1 16  ? -3.414  2.412   -4.687  1.00 7.47  ? 38  PHE A CE2 1 
ATOM   119  C CZ  . PHE A 1 16  ? -2.202  1.835   -5.031  1.00 8.95  ? 38  PHE A CZ  1 
ATOM   120  N N   . HIS A 1 17  ? -3.573  -1.366  -0.108  1.00 5.09  ? 39  HIS A N   1 
ATOM   121  C CA  . HIS A 1 17  ? -2.370  -1.763  0.635   1.00 4.81  ? 39  HIS A CA  1 
ATOM   122  C C   . HIS A 1 17  ? -1.352  -2.344  -0.332  1.00 4.90  ? 39  HIS A C   1 
ATOM   123  O O   . HIS A 1 17  ? -1.720  -3.070  -1.303  1.00 5.28  ? 39  HIS A O   1 
ATOM   124  C CB  . HIS A 1 17  ? -2.787  -2.761  1.710   1.00 5.64  ? 39  HIS A CB  1 
ATOM   125  C CG  . HIS A 1 17  ? -1.663  -3.505  2.354   1.00 5.36  ? 39  HIS A CG  1 
ATOM   126  N ND1 . HIS A 1 17  ? -1.221  -4.721  1.880   1.00 9.93  ? 39  HIS A ND1 1 
ATOM   127  C CD2 . HIS A 1 17  ? -0.916  -3.237  3.449   1.00 7.56  ? 39  HIS A CD2 1 
ATOM   128  C CE1 . HIS A 1 17  ? -0.258  -5.175  2.663   1.00 9.11  ? 39  HIS A CE1 1 
ATOM   129  N NE2 . HIS A 1 17  ? -0.052  -4.292  3.620   1.00 6.66  ? 39  HIS A NE2 1 
ATOM   130  N N   . VAL A 1 18  ? -0.084  -2.036  -0.090  1.00 4.84  ? 40  VAL A N   1 
ATOM   131  C CA  . VAL A 1 18  ? 1.027   -2.569  -0.863  1.00 6.44  ? 40  VAL A CA  1 
ATOM   132  C C   . VAL A 1 18  ? 2.061   -3.105  0.116   1.00 6.15  ? 40  VAL A C   1 
ATOM   133  O O   . VAL A 1 18  ? 2.473   -2.414  1.077   1.00 6.46  ? 40  VAL A O   1 
ATOM   134  C CB  . VAL A 1 18  ? 1.698   -1.482  -1.733  1.00 6.94  ? 40  VAL A CB  1 
ATOM   135  C CG1 . VAL A 1 18  ? 2.749   -2.104  -2.670  1.00 9.25  ? 40  VAL A CG1 1 
ATOM   136  C CG2 . VAL A 1 18  ? 0.676   -0.700  -2.534  1.00 8.07  ? 40  VAL A CG2 1 
ATOM   137  N N   . GLU A 1 19  ? 2.502   -4.331  -0.113  1.00 7.20  ? 41  GLU A N   1 
ATOM   138  C CA  . GLU A 1 19  ? 3.663   -4.856  0.590   1.00 8.53  ? 41  GLU A CA  1 
ATOM   139  C C   . GLU A 1 19  ? 4.751   -5.231  -0.397  1.00 8.05  ? 41  GLU A C   1 
ATOM   140  O O   . GLU A 1 19  ? 4.464   -5.765  -1.485  1.00 8.25  ? 41  GLU A O   1 
ATOM   141  C CB  . GLU A 1 19  ? 3.290   -6.037  1.450   1.00 10.77 ? 41  GLU A CB  1 
ATOM   142  C CG  . GLU A 1 19  ? 2.557   -7.082  0.752   1.00 14.83 ? 41  GLU A CG  1 
ATOM   143  C CD  . GLU A 1 19  ? 2.304   -8.285  1.622   1.00 17.92 ? 41  GLU A CD  1 
ATOM   144  O OE1 . GLU A 1 19  ? 2.209   -8.125  2.853   1.00 17.86 ? 41  GLU A OE1 1 
ATOM   145  O OE2 . GLU A 1 19  ? 2.162   -9.392  1.072   1.00 20.43 ? 41  GLU A OE2 1 
ATOM   146  N N   . LYS A 1 20  ? 5.977   -4.940  -0.001  1.00 7.65  ? 42  LYS A N   1 
ATOM   147  C CA  . LYS A 1 20  ? 7.139   -5.176  -0.828  1.00 8.52  ? 42  LYS A CA  1 
ATOM   148  C C   . LYS A 1 20  ? 7.767   -6.488  -0.415  1.00 9.00  ? 42  LYS A C   1 
ATOM   149  O O   . LYS A 1 20  ? 8.187   -6.663  0.742   1.00 9.95  ? 42  LYS A O   1 
ATOM   150  C CB  . LYS A 1 20  ? 8.124   -4.027  -0.650  1.00 9.05  ? 42  LYS A CB  1 
ATOM   151  C CG  . LYS A 1 20  ? 9.392   -4.195  -1.438  1.00 11.85 ? 42  LYS A CG  1 
ATOM   152  C CD  . LYS A 1 20  ? 10.336  -3.051  -1.125  1.00 15.72 ? 42  LYS A CD  1 
ATOM   153  C CE  . LYS A 1 20  ? 11.578  -3.103  -1.984  1.00 17.82 ? 42  LYS A CE  1 
ATOM   154  N NZ  . LYS A 1 20  ? 12.565  -2.111  -1.495  1.00 19.18 ? 42  LYS A NZ  1 
ATOM   155  N N   . ASN A 1 21  ? 7.845   -7.420  -1.365  1.00 10.65 ? 43  ASN A N   1 
ATOM   156  C CA  . ASN A 1 21  ? 8.464   -8.737  -1.173  1.00 13.24 ? 43  ASN A CA  1 
ATOM   157  C C   . ASN A 1 21  ? 7.866   -9.532  -0.020  1.00 13.89 ? 43  ASN A C   1 
ATOM   158  O O   . ASN A 1 21  ? 8.557   -10.361 0.583   1.00 16.32 ? 43  ASN A O   1 
ATOM   159  C CB  . ASN A 1 21  ? 9.984   -8.613  -1.020  1.00 13.58 ? 43  ASN A CB  1 
ATOM   160  C CG  . ASN A 1 21  ? 10.650  -8.076  -2.273  1.00 14.60 ? 43  ASN A CG  1 
ATOM   161  O OD1 . ASN A 1 21  ? 10.230  -8.376  -3.394  1.00 14.55 ? 43  ASN A OD1 1 
ATOM   162  N ND2 . ASN A 1 21  ? 11.675  -7.259  -2.087  1.00 15.44 ? 43  ASN A ND2 1 
ATOM   163  N N   . GLY A 1 22  ? 6.591   -9.287  0.271   1.00 15.33 ? 44  GLY A N   1 
ATOM   164  C CA  . GLY A 1 22  ? 5.843   -10.032 1.280   1.00 16.27 ? 44  GLY A CA  1 
ATOM   165  C C   . GLY A 1 22  ? 6.339   -9.945  2.717   1.00 16.14 ? 44  GLY A C   1 
ATOM   166  O O   . GLY A 1 22  ? 5.967   -10.792 3.548   1.00 17.93 ? 44  GLY A O   1 
ATOM   167  N N   . ARG A 1 23  ? 7.160   -8.936  3.020   1.00 14.64 ? 45  ARG A N   1 
ATOM   168  C CA  . ARG A 1 23  ? 7.642   -8.708  4.375   1.00 13.84 ? 45  ARG A CA  1 
ATOM   169  C C   . ARG A 1 23  ? 7.663   -7.209  4.636   1.00 11.69 ? 45  ARG A C   1 
ATOM   170  O O   . ARG A 1 23  ? 7.820   -6.416  3.693   1.00 10.87 ? 45  ARG A O   1 
ATOM   171  C CB  . ARG A 1 23  ? 9.060   -9.270  4.538   1.00 14.54 ? 45  ARG A CB  1 
ATOM   172  C CG  . ARG A 1 23  ? 10.095  -8.668  3.573   1.00 17.88 ? 45  ARG A CG  1 
ATOM   173  C CD  . ARG A 1 23  ? 11.432  -9.423  3.600   1.00 22.71 ? 45  ARG A CD  1 
ATOM   174  N NE  . ARG A 1 23  ? 12.430  -8.849  2.687   1.00 25.75 ? 45  ARG A NE  1 
ATOM   175  C CZ  . ARG A 1 23  ? 12.835  -9.403  1.542   1.00 27.85 ? 45  ARG A CZ  1 
ATOM   176  N NH1 . ARG A 1 23  ? 12.339  -10.566 1.129   1.00 28.66 ? 45  ARG A NH1 1 
ATOM   177  N NH2 . ARG A 1 23  ? 13.752  -8.788  0.799   1.00 29.35 ? 45  ARG A NH2 1 
ATOM   178  N N   . TYR A 1 24  ? 7.562   -6.817  5.908   1.00 10.19 ? 46  TYR A N   1 
ATOM   179  C CA  . TYR A 1 24  ? 7.645   -5.392  6.274   1.00 10.00 ? 46  TYR A CA  1 
ATOM   180  C C   . TYR A 1 24  ? 9.008   -4.874  5.857   1.00 9.44  ? 46  TYR A C   1 
ATOM   181  O O   . TYR A 1 24  ? 10.040  -5.328  6.387   1.00 11.75 ? 46  TYR A O   1 
ATOM   182  C CB  . TYR A 1 24  ? 7.504   -5.230  7.784   1.00 9.65  ? 46  TYR A CB  1 
ATOM   183  C CG  . TYR A 1 24  ? 6.115   -5.432  8.337   1.00 7.81  ? 46  TYR A CG  1 
ATOM   184  C CD1 . TYR A 1 24  ? 5.039   -4.697  7.852   1.00 7.77  ? 46  TYR A CD1 1 
ATOM   185  C CD2 . TYR A 1 24  ? 5.883   -6.314  9.392   1.00 9.61  ? 46  TYR A CD2 1 
ATOM   186  C CE1 . TYR A 1 24  ? 3.788   -4.852  8.371   1.00 7.25  ? 46  TYR A CE1 1 
ATOM   187  C CE2 . TYR A 1 24  ? 4.622   -6.486  9.918   1.00 8.57  ? 46  TYR A CE2 1 
ATOM   188  C CZ  . TYR A 1 24  ? 3.574   -5.737  9.404   1.00 8.29  ? 46  TYR A CZ  1 
ATOM   189  O OH  . TYR A 1 24  ? 2.307   -5.879  9.909   1.00 9.47  ? 46  TYR A OH  1 
ATOM   190  N N   . SER A 1 25  ? 9.055   -3.952  4.910   1.00 8.35  ? 47  SER A N   1 
ATOM   191  C CA  . SER A 1 25  ? 10.349  -3.580  4.329   1.00 8.45  ? 47  SER A CA  1 
ATOM   192  C C   . SER A 1 25  ? 10.358  -2.215  3.649   1.00 8.20  ? 47  SER A C   1 
ATOM   193  O O   . SER A 1 25  ? 11.299  -1.891  2.927   1.00 8.76  ? 47  SER A O   1 
ATOM   194  C CB  . SER A 1 25  ? 10.847  -4.668  3.364   1.00 9.87  ? 47  SER A CB  1 
ATOM   195  O OG  . SER A 1 25  ? 9.938   -4.823  2.296   1.00 10.54 ? 47  SER A OG  1 
ATOM   196  N N   . ILE A 1 26  ? 9.341   -1.397  3.901   1.00 7.45  ? 48  ILE A N   1 
ATOM   197  C CA  . ILE A 1 26  ? 9.216   -0.097  3.256   1.00 7.92  ? 48  ILE A CA  1 
ATOM   198  C C   . ILE A 1 26  ? 9.448   1.012   4.299   1.00 7.71  ? 48  ILE A C   1 
ATOM   199  O O   . ILE A 1 26  ? 8.798   1.026   5.326   1.00 7.75  ? 48  ILE A O   1 
ATOM   200  C CB  . ILE A 1 26  ? 7.810   0.048   2.571   1.00 7.03  ? 48  ILE A CB  1 
ATOM   201  C CG1 . ILE A 1 26  ? 7.553   -1.098  1.587   1.00 8.42  ? 48  ILE A CG1 1 
ATOM   202  C CG2 . ILE A 1 26  ? 7.656   1.413   1.907   1.00 10.42 ? 48  ILE A CG2 1 
ATOM   203  C CD1 . ILE A 1 26  ? 6.119   -1.142  1.048   1.00 8.33  ? 48  ILE A CD1 1 
ATOM   204  N N   . SER A 1 27  ? 10.364  1.931   4.021   1.00 7.55  ? 49  SER A N   1 
ATOM   205  C CA  . SER A 1 27  ? 10.530  3.122   4.855   1.00 8.69  ? 49  SER A CA  1 
ATOM   206  C C   . SER A 1 27  ? 9.505   4.186   4.514   1.00 8.54  ? 49  SER A C   1 
ATOM   207  O O   . SER A 1 27  ? 8.840   4.119   3.478   1.00 8.03  ? 49  SER A O   1 
ATOM   208  C CB  . SER A 1 27  ? 11.922  3.717   4.658   1.00 9.37  ? 49  SER A CB  1 
ATOM   209  O OG  . SER A 1 27  ? 11.984  4.357   3.396   1.00 11.34 ? 49  SER A OG  1 
ATOM   210  N N   . ARG A 1 28  ? 9.414   5.211   5.347   1.00 8.85  ? 50  ARG A N   1 
ATOM   211  C CA  . ARG A 1 28  ? 8.462   6.274   5.093   1.00 10.21 ? 50  ARG A CA  1 
ATOM   212  C C   . ARG A 1 28  ? 8.738   7.003   3.754   1.00 10.62 ? 50  ARG A C   1 
ATOM   213  O O   . ARG A 1 28  ? 7.814   7.305   3.000   1.00 10.98 ? 50  ARG A O   1 
ATOM   214  C CB  . ARG A 1 28  ? 8.467   7.240   6.283   1.00 11.27 ? 50  ARG A CB  1 
ATOM   215  C CG  . ARG A 1 28  ? 7.568   8.453   6.148   1.00 15.00 ? 50  ARG A CG  1 
ATOM   216  C CD  . ARG A 1 28  ? 6.124   8.100   5.846   1.00 18.46 ? 50  ARG A CD  1 
ATOM   217  N NE  . ARG A 1 28  ? 5.329   9.320   5.765   1.00 20.63 ? 50  ARG A NE  1 
ATOM   218  C CZ  . ARG A 1 28  ? 5.383   10.188  4.757   1.00 21.45 ? 50  ARG A CZ  1 
ATOM   219  N NH1 . ARG A 1 28  ? 6.177   9.964   3.711   1.00 21.70 ? 50  ARG A NH1 1 
ATOM   220  N NH2 . ARG A 1 28  ? 4.630   11.276  4.791   1.00 21.05 ? 50  ARG A NH2 1 
ATOM   221  N N   . THR A 1 29  ? 10.011  7.252   3.446   1.00 10.61 ? 51  THR A N   1 
ATOM   222  C CA  . THR A 1 29  ? 10.365  7.905   2.175   1.00 11.79 ? 51  THR A CA  1 
ATOM   223  C C   . THR A 1 29  ? 10.063  7.000   0.985   1.00 10.51 ? 51  THR A C   1 
ATOM   224  O O   . THR A 1 29  ? 9.521   7.465   -0.018  1.00 11.36 ? 51  THR A O   1 
ATOM   225  C CB  . THR A 1 29  ? 11.827  8.391   2.143   1.00 12.85 ? 51  THR A CB  1 
ATOM   226  O OG1 . THR A 1 29  ? 12.695  7.321   2.514   1.00 14.51 ? 51  THR A OG1 1 
ATOM   227  C CG2 . THR A 1 29  ? 12.016  9.578   3.076   1.00 14.91 ? 51  THR A CG2 1 
ATOM   228  N N   . GLU A 1 30  ? 10.375  5.715   1.113   1.00 10.09 ? 52  GLU A N   1 
ATOM   229  C CA  . GLU A 1 30  ? 10.079  4.757   0.065   1.00 10.23 ? 52  GLU A CA  1 
ATOM   230  C C   . GLU A 1 30  ? 8.567   4.640   -0.164  1.00 9.22  ? 52  GLU A C   1 
ATOM   231  O O   . GLU A 1 30  ? 8.125   4.504   -1.309  1.00 9.24  ? 52  GLU A O   1 
ATOM   232  C CB  . GLU A 1 30  ? 10.698  3.381   0.342   1.00 10.51 ? 52  GLU A CB  1 
ATOM   233  C CG  . GLU A 1 30  ? 10.456  2.390   -0.799  1.00 12.44 ? 52  GLU A CG  1 
ATOM   234  C CD  . GLU A 1 30  ? 11.380  1.180   -0.802  1.00 16.26 ? 52  GLU A CD  1 
ATOM   235  O OE1 . GLU A 1 30  ? 12.452  1.195   -0.153  1.00 19.49 ? 52  GLU A OE1 1 
ATOM   236  O OE2 . GLU A 1 30  ? 11.062  0.215   -1.505  1.00 16.41 ? 52  GLU A OE2 1 
ATOM   237  N N   . ALA A 1 31  ? 7.778   4.733   0.907   1.00 8.99  ? 53  ALA A N   1 
ATOM   238  C CA  . ALA A 1 31  ? 6.327   4.613   0.817   1.00 8.08  ? 53  ALA A CA  1 
ATOM   239  C C   . ALA A 1 31  ? 5.757   5.736   -0.040  1.00 8.20  ? 53  ALA A C   1 
ATOM   240  O O   . ALA A 1 31  ? 4.926   5.491   -0.917  1.00 7.82  ? 53  ALA A O   1 
ATOM   241  C CB  . ALA A 1 31  ? 5.725   4.634   2.209   1.00 8.37  ? 53  ALA A CB  1 
ATOM   242  N N   . ALA A 1 32  ? 6.208   6.960   0.209   1.00 8.67  ? 54  ALA A N   1 
ATOM   243  C CA  . ALA A 1 32  ? 5.742   8.092   -0.591  1.00 9.10  ? 54  ALA A CA  1 
ATOM   244  C C   . ALA A 1 32  ? 6.093   7.904   -2.070  1.00 9.45  ? 54  ALA A C   1 
ATOM   245  O O   . ALA A 1 32  ? 5.287   8.179   -2.958  1.00 9.06  ? 54  ALA A O   1 
ATOM   246  C CB  . ALA A 1 32  ? 6.327   9.384   -0.063  1.00 10.32 ? 54  ALA A CB  1 
ATOM   247  N N   . ASP A 1 33  ? 7.313   7.438   -2.326  1.00 9.07  ? 55  ASP A N   1 
ATOM   248  C CA  . ASP A 1 33  ? 7.769   7.229   -3.702  1.00 9.21  ? 55  ASP A CA  1 
ATOM   249  C C   . ASP A 1 33  ? 7.000   6.100   -4.383  1.00 8.32  ? 55  ASP A C   1 
ATOM   250  O O   . ASP A 1 33  ? 6.660   6.169   -5.575  1.00 8.47  ? 55  ASP A O   1 
ATOM   251  C CB  . ASP A 1 33  ? 9.267   6.924   -3.732  1.00 10.25 ? 55  ASP A CB  1 
ATOM   252  C CG  . ASP A 1 33  ? 10.131  8.146   -3.429  1.00 12.26 ? 55  ASP A CG  1 
ATOM   253  O OD1 . ASP A 1 33  ? 9.627   9.287   -3.418  1.00 16.04 ? 55  ASP A OD1 1 
ATOM   254  O OD2 . ASP A 1 33  ? 11.338  7.947   -3.188  1.00 14.54 ? 55  ASP A OD2 1 
ATOM   255  N N   . LEU A 1 34  ? 6.689   5.064   -3.613  1.00 7.80  ? 56  LEU A N   1 
ATOM   256  C CA  . LEU A 1 34  ? 5.929   3.943   -4.122  1.00 8.13  ? 56  LEU A CA  1 
ATOM   257  C C   . LEU A 1 34  ? 4.525   4.374   -4.509  1.00 7.92  ? 56  LEU A C   1 
ATOM   258  O O   . LEU A 1 34  ? 4.062   4.077   -5.616  1.00 8.32  ? 56  LEU A O   1 
ATOM   259  C CB  . LEU A 1 34  ? 5.918   2.825   -3.088  1.00 9.18  ? 56  LEU A CB  1 
ATOM   260  C CG  . LEU A 1 34  ? 5.284   1.515   -3.513  1.00 10.99 ? 56  LEU A CG  1 
ATOM   261  C CD1 . LEU A 1 34  ? 5.855   1.045   -4.844  1.00 14.33 ? 56  LEU A CD1 1 
ATOM   262  C CD2 . LEU A 1 34  ? 5.506   0.475   -2.431  1.00 11.57 ? 56  LEU A CD2 1 
ATOM   263  N N   . CYS A 1 35  ? 3.837   5.090   -3.623  1.00 7.57  ? 57  CYS A N   1 
ATOM   264  C CA  . CYS A 1 35  ? 2.523   5.570   -4.012  1.00 8.27  ? 57  CYS A CA  1 
ATOM   265  C C   . CYS A 1 35  ? 2.584   6.470   -5.235  1.00 8.24  ? 57  CYS A C   1 
ATOM   266  O O   . CYS A 1 35  ? 1.729   6.366   -6.104  1.00 7.84  ? 57  CYS A O   1 
ATOM   267  C CB  . CYS A 1 35  ? 1.793   6.272   -2.865  1.00 8.66  ? 57  CYS A CB  1 
ATOM   268  S SG  . CYS A 1 35  ? 1.493   5.244   -1.398  1.00 8.77  ? 57  CYS A SG  1 
ATOM   269  N N   . GLN A 1 36  ? 3.584   7.347   -5.297  1.00 8.16  ? 58  GLN A N   1 
ATOM   270  C CA  . GLN A 1 36  ? 3.768   8.214   -6.464  1.00 9.26  ? 58  GLN A CA  1 
ATOM   271  C C   . GLN A 1 36  ? 3.859   7.398   -7.760  1.00 8.96  ? 58  GLN A C   1 
ATOM   272  O O   . GLN A 1 36  ? 3.291   7.798   -8.782  1.00 9.28  ? 58  GLN A O   1 
ATOM   273  C CB  . GLN A 1 36  ? 4.983   9.141   -6.294  1.00 9.63  ? 58  GLN A CB  1 
ATOM   274  C CG  . GLN A 1 36  ? 5.179   10.164  -7.431  1.00 13.51 ? 58  GLN A CG  1 
ATOM   275  C CD  . GLN A 1 36  ? 6.077   11.334  -7.049  1.00 18.75 ? 58  GLN A CD  1 
ATOM   276  O OE1 . GLN A 1 36  ? 6.925   11.750  -7.839  1.00 23.58 ? 58  GLN A OE1 1 
ATOM   277  N NE2 . GLN A 1 36  ? 5.895   11.871  -5.845  1.00 22.45 ? 58  GLN A NE2 1 
ATOM   278  N N   . ALA A 1 37  ? 4.514   6.243   -7.707  1.00 8.58  ? 59  ALA A N   1 
ATOM   279  C CA  . ALA A 1 37  ? 4.642   5.388   -8.890  1.00 8.99  ? 59  ALA A CA  1 
ATOM   280  C C   . ALA A 1 37  ? 3.303   4.816   -9.344  1.00 9.41  ? 59  ALA A C   1 
ATOM   281  O O   . ALA A 1 37  ? 3.116   4.499   -10.522 1.00 9.17  ? 59  ALA A O   1 
ATOM   282  C CB  . ALA A 1 37  ? 5.666   4.292   -8.659  1.00 9.94  ? 59  ALA A CB  1 
ATOM   283  N N   . PHE A 1 38  ? 2.363   4.693   -8.401  1.00 8.88  ? 60  PHE A N   1 
ATOM   284  C CA  . PHE A 1 38  ? 0.992   4.285   -8.684  1.00 9.49  ? 60  PHE A CA  1 
ATOM   285  C C   . PHE A 1 38  ? 0.092   5.496   -8.968  1.00 9.51  ? 60  PHE A C   1 
ATOM   286  O O   . PHE A 1 38  ? -1.143  5.369   -8.930  1.00 10.42 ? 60  PHE A O   1 
ATOM   287  C CB  . PHE A 1 38  ? 0.400   3.491   -7.503  1.00 9.32  ? 60  PHE A CB  1 
ATOM   288  C CG  . PHE A 1 38  ? 0.871   2.055   -7.399  1.00 8.47  ? 60  PHE A CG  1 
ATOM   289  C CD1 . PHE A 1 38  ? 0.397   1.108   -8.299  1.00 10.49 ? 60  PHE A CD1 1 
ATOM   290  C CD2 . PHE A 1 38  ? 1.725   1.630   -6.379  1.00 10.19 ? 60  PHE A CD2 1 
ATOM   291  C CE1 . PHE A 1 38  ? 0.776   -0.235  -8.219  1.00 10.30 ? 60  PHE A CE1 1 
ATOM   292  C CE2 . PHE A 1 38  ? 2.104   0.267   -6.294  1.00 9.79  ? 60  PHE A CE2 1 
ATOM   293  C CZ  . PHE A 1 38  ? 1.630   -0.650  -7.226  1.00 10.07 ? 60  PHE A CZ  1 
ATOM   294  N N   . ASN A 1 39  ? 0.679   6.664   -9.238  1.00 9.83  ? 61  ASN A N   1 
ATOM   295  C CA  . ASN A 1 39  ? -0.117  7.885   -9.416  1.00 10.96 ? 61  ASN A CA  1 
ATOM   296  C C   . ASN A 1 39  ? -1.070  8.125   -8.239  1.00 10.23 ? 61  ASN A C   1 
ATOM   297  O O   . ASN A 1 39  ? -2.219  8.546   -8.407  1.00 11.18 ? 61  ASN A O   1 
ATOM   298  C CB  . ASN A 1 39  ? -0.863  7.877   -10.765 1.00 12.03 ? 61  ASN A CB  1 
ATOM   299  C CG  . ASN A 1 39  ? 0.021   8.354   -11.924 1.00 15.20 ? 61  ASN A CG  1 
ATOM   300  O OD1 . ASN A 1 39  ? 0.896   9.209   -11.744 1.00 18.77 ? 61  ASN A OD1 1 
ATOM   301  N ND2 . ASN A 1 39  ? -0.214  7.812   -13.110 1.00 20.48 ? 61  ASN A ND2 1 
ATOM   302  N N   . SER A 1 40  ? -0.545  7.866   -7.044  1.00 8.66  ? 62  SER A N   1 
ATOM   303  C CA  . SER A 1 40  ? -1.308  7.830   -5.818  1.00 8.39  ? 62  SER A CA  1 
ATOM   304  C C   . SER A 1 40  ? -0.529  8.598   -4.768  1.00 8.37  ? 62  SER A C   1 
ATOM   305  O O   . SER A 1 40  ? 0.622   8.985   -4.977  1.00 9.36  ? 62  SER A O   1 
ATOM   306  C CB  . SER A 1 40  ? -1.493  6.371   -5.395  1.00 7.85  ? 62  SER A CB  1 
ATOM   307  O OG  . SER A 1 40  ? -2.339  5.663   -6.293  1.00 8.80  ? 62  SER A OG  1 
ATOM   308  N N   . THR A 1 41  ? -1.163  8.824   -3.633  1.00 7.78  ? 63  THR A N   1 
ATOM   309  C CA  . THR A 1 41  ? -0.544  9.525   -2.511  1.00 8.30  ? 63  THR A CA  1 
ATOM   310  C C   . THR A 1 41  ? -0.749  8.688   -1.242  1.00 7.90  ? 63  THR A C   1 
ATOM   311  O O   . THR A 1 41  ? -1.590  7.781   -1.213  1.00 8.75  ? 63  THR A O   1 
ATOM   312  C CB  . THR A 1 41  ? -1.223  10.894  -2.302  1.00 8.83  ? 63  THR A CB  1 
ATOM   313  O OG1 . THR A 1 41  ? -2.648  10.726  -2.228  1.00 10.64 ? 63  THR A OG1 1 
ATOM   314  C CG2 . THR A 1 41  ? -0.882  11.866  -3.441  1.00 11.33 ? 63  THR A CG2 1 
ATOM   315  N N   A LEU A 1 42  ? 0.015   8.959   -0.189  0.50 7.30  ? 64  LEU A N   1 
ATOM   316  N N   B LEU A 1 42  ? 0.004   8.973   -0.188  0.50 7.27  ? 64  LEU A N   1 
ATOM   317  C CA  A LEU A 1 42  ? -0.307  8.349   1.096   0.50 7.15  ? 64  LEU A CA  1 
ATOM   318  C CA  B LEU A 1 42  ? -0.299  8.368   1.105   0.50 7.09  ? 64  LEU A CA  1 
ATOM   319  C C   A LEU A 1 42  ? -1.682  8.855   1.520   0.50 7.08  ? 64  LEU A C   1 
ATOM   320  C C   B LEU A 1 42  ? -1.662  8.869   1.583   0.50 7.10  ? 64  LEU A C   1 
ATOM   321  O O   A LEU A 1 42  ? -1.959  10.049  1.413   0.50 7.07  ? 64  LEU A O   1 
ATOM   322  O O   B LEU A 1 42  ? -1.904  10.075  1.592   0.50 7.07  ? 64  LEU A O   1 
ATOM   323  C CB  A LEU A 1 42  ? 0.728   8.721   2.154   0.50 7.80  ? 64  LEU A CB  1 
ATOM   324  C CB  B LEU A 1 42  ? 0.760   8.756   2.127   0.50 7.61  ? 64  LEU A CB  1 
ATOM   325  C CG  A LEU A 1 42  ? 2.048   7.960   2.029   0.50 7.63  ? 64  LEU A CG  1 
ATOM   326  C CG  B LEU A 1 42  ? 2.148   8.194   1.836   0.50 7.22  ? 64  LEU A CG  1 
ATOM   327  C CD1 A LEU A 1 42  ? 1.914   6.537   2.515   0.50 8.28  ? 64  LEU A CD1 1 
ATOM   328  C CD1 B LEU A 1 42  ? 3.149   8.757   2.833   0.50 8.86  ? 64  LEU A CD1 1 
ATOM   329  C CD2 A LEU A 1 42  ? 2.492   7.978   0.594   0.50 10.98 ? 64  LEU A CD2 1 
ATOM   330  C CD2 B LEU A 1 42  ? 2.128   6.686   1.889   0.50 6.66  ? 64  LEU A CD2 1 
ATOM   331  N N   . PRO A 1 43  ? -2.557  7.965   2.006   1.00 6.86  ? 65  PRO A N   1 
ATOM   332  C CA  . PRO A 1 43  ? -3.898  8.371   2.396   1.00 6.76  ? 65  PRO A CA  1 
ATOM   333  C C   . PRO A 1 43  ? -3.867  9.278   3.614   1.00 6.47  ? 65  PRO A C   1 
ATOM   334  O O   . PRO A 1 43  ? -3.019  9.146   4.488   1.00 7.86  ? 65  PRO A O   1 
ATOM   335  C CB  . PRO A 1 43  ? -4.581  7.045   2.757   1.00 6.81  ? 65  PRO A CB  1 
ATOM   336  C CG  . PRO A 1 43  ? -3.795  6.006   2.069   1.00 6.90  ? 65  PRO A CG  1 
ATOM   337  C CD  . PRO A 1 43  ? -2.385  6.502   2.080   1.00 6.85  ? 65  PRO A CD  1 
ATOM   338  N N   . THR A 1 44  ? -4.831  10.184  3.693   1.00 6.54  ? 66  THR A N   1 
ATOM   339  C CA  . THR A 1 44  ? -5.096  10.860  4.960   1.00 7.34  ? 66  THR A CA  1 
ATOM   340  C C   . THR A 1 44  ? -5.901  9.922   5.860   1.00 7.17  ? 66  THR A C   1 
ATOM   341  O O   . THR A 1 44  ? -6.483  8.926   5.394   1.00 6.70  ? 66  THR A O   1 
ATOM   342  C CB  . THR A 1 44  ? -5.915  12.137  4.774   1.00 7.43  ? 66  THR A CB  1 
ATOM   343  O OG1 . THR A 1 44  ? -7.205  11.784  4.263   1.00 7.99  ? 66  THR A OG1 1 
ATOM   344  C CG2 . THR A 1 44  ? -5.213  13.114  3.827   1.00 9.62  ? 66  THR A CG2 1 
ATOM   345  N N   . MET A 1 45  ? -5.952  10.231  7.153   1.00 7.39  ? 67  MET A N   1 
ATOM   346  C CA  . MET A 1 45  ? -6.775  9.478   8.067   1.00 7.32  ? 67  MET A CA  1 
ATOM   347  C C   . MET A 1 45  ? -8.248  9.466   7.623   1.00 7.31  ? 67  MET A C   1 
ATOM   348  O O   . MET A 1 45  ? -8.900  8.435   7.688   1.00 7.20  ? 67  MET A O   1 
ATOM   349  C CB  . MET A 1 45  ? -6.638  10.020  9.502   1.00 8.30  ? 67  MET A CB  1 
ATOM   350  C CG  . MET A 1 45  ? -7.501  9.285   10.516  1.00 10.68 ? 67  MET A CG  1 
ATOM   351  S SD  . MET A 1 45  ? -7.144  7.526   10.648  1.00 14.46 ? 67  MET A SD  1 
ATOM   352  C CE  . MET A 1 45  ? -5.641  7.563   11.570  1.00 17.17 ? 67  MET A CE  1 
ATOM   353  N N   . ASP A 1 46  ? -8.772  10.610  7.193   1.00 7.15  ? 68  ASP A N   1 
ATOM   354  C CA  . ASP A 1 46  ? -10.155 10.636  6.722   1.00 8.00  ? 68  ASP A CA  1 
ATOM   355  C C   . ASP A 1 46  ? -10.383 9.735   5.500   1.00 6.54  ? 68  ASP A C   1 
ATOM   356  O O   . ASP A 1 46  ? -11.402 9.060   5.413   1.00 6.71  ? 68  ASP A O   1 
ATOM   357  C CB  . ASP A 1 46  ? -10.610 12.067  6.435   1.00 9.87  ? 68  ASP A CB  1 
ATOM   358  C CG  . ASP A 1 46  ? -10.911 12.855  7.711   1.00 14.50 ? 68  ASP A CG  1 
ATOM   359  O OD1 . ASP A 1 46  ? -11.096 12.234  8.787   1.00 17.99 ? 68  ASP A OD1 1 
ATOM   360  O OD2 . ASP A 1 46  ? -10.946 14.101  7.624   1.00 20.05 ? 68  ASP A OD2 1 
ATOM   361  N N   . GLN A 1 47  ? -9.426  9.723   4.579   1.00 6.48  ? 69  GLN A N   1 
ATOM   362  C CA  . GLN A 1 47  ? -9.529  8.819   3.418   1.00 5.51  ? 69  GLN A CA  1 
ATOM   363  C C   . GLN A 1 47  ? -9.520  7.375   3.874   1.00 5.08  ? 69  GLN A C   1 
ATOM   364  O O   . GLN A 1 47  ? -10.299 6.558   3.344   1.00 5.39  ? 69  GLN A O   1 
ATOM   365  C CB  . GLN A 1 47  ? -8.424  9.100   2.406   1.00 5.62  ? 69  GLN A CB  1 
ATOM   366  C CG  . GLN A 1 47  ? -8.632  10.417  1.697   1.00 6.41  ? 69  GLN A CG  1 
ATOM   367  C CD  . GLN A 1 47  ? -7.403  10.891  0.954   1.00 7.16  ? 69  GLN A CD  1 
ATOM   368  O OE1 . GLN A 1 47  ? -6.275  10.441  1.177   1.00 8.12  ? 69  GLN A OE1 1 
ATOM   369  N NE2 . GLN A 1 47  ? -7.624  11.806  0.031   1.00 9.71  ? 69  GLN A NE2 1 
ATOM   370  N N   . MET A 1 48  ? -8.675  7.032   4.839   1.00 5.07  ? 70  MET A N   1 
ATOM   371  C CA  . MET A 1 48  ? -8.618  5.671   5.336   1.00 5.50  ? 70  MET A CA  1 
ATOM   372  C C   . MET A 1 48  ? -9.907  5.280   6.062   1.00 5.94  ? 70  MET A C   1 
ATOM   373  O O   . MET A 1 48  ? -10.401 4.169   5.916   1.00 6.23  ? 70  MET A O   1 
ATOM   374  C CB  . MET A 1 48  ? -7.420  5.523   6.271   1.00 6.36  ? 70  MET A CB  1 
ATOM   375  C CG  . MET A 1 48  ? -7.269  4.139   6.869   1.00 7.32  ? 70  MET A CG  1 
ATOM   376  S SD  . MET A 1 48  ? -7.082  2.790   5.700   1.00 8.20  ? 70  MET A SD  1 
ATOM   377  C CE  . MET A 1 48  ? -5.367  2.910   5.284   1.00 10.05 ? 70  MET A CE  1 
ATOM   378  N N   . LYS A 1 49  ? -10.471 6.206   6.833   1.00 6.03  ? 71  LYS A N   1 
ATOM   379  C CA  . LYS A 1 49  ? -11.724 5.916   7.516   1.00 6.64  ? 71  LYS A CA  1 
ATOM   380  C C   . LYS A 1 49  ? -12.840 5.643   6.522   1.00 6.17  ? 71  LYS A C   1 
ATOM   381  O O   . LYS A 1 49  ? -13.646 4.738   6.738   1.00 6.87  ? 71  LYS A O   1 
ATOM   382  C CB  . LYS A 1 49  ? -12.109 7.052   8.460   1.00 7.52  ? 71  LYS A CB  1 
ATOM   383  C CG  . LYS A 1 49  ? -11.293 7.042   9.760   1.00 9.50  ? 71  LYS A CG  1 
ATOM   384  C CD  . LYS A 1 49  ? -11.501 8.298   10.608  1.00 12.74 ? 71  LYS A CD  1 
ATOM   385  C CE  . LYS A 1 49  ? -10.842 8.151   11.981  1.00 15.48 ? 71  LYS A CE  1 
ATOM   386  N NZ  . LYS A 1 49  ? -10.965 9.383   12.813  1.00 19.22 ? 71  LYS A NZ  1 
ATOM   387  N N   . LEU A 1 50  ? -12.900 6.415   5.442   1.00 6.40  ? 72  LEU A N   1 
ATOM   388  C CA  . LEU A 1 50  ? -13.923 6.147   4.445   1.00 6.45  ? 72  LEU A CA  1 
ATOM   389  C C   . LEU A 1 50  ? -13.697 4.780   3.774   1.00 6.15  ? 72  LEU A C   1 
ATOM   390  O O   . LEU A 1 50  ? -14.639 4.020   3.562   1.00 6.42  ? 72  LEU A O   1 
ATOM   391  C CB  . LEU A 1 50  ? -14.040 7.283   3.426   1.00 7.65  ? 72  LEU A CB  1 
ATOM   392  C CG  . LEU A 1 50  ? -15.289 7.154   2.546   1.00 8.96  ? 72  LEU A CG  1 
ATOM   393  C CD1 . LEU A 1 50  ? -16.589 7.387   3.314   1.00 12.21 ? 72  LEU A CD1 1 
ATOM   394  C CD2 . LEU A 1 50  ? -15.203 8.077   1.335   1.00 11.96 ? 72  LEU A CD2 1 
ATOM   395  N N   . ALA A 1 51  ? -12.445 4.467   3.453   1.00 5.45  ? 73  ALA A N   1 
ATOM   396  C CA  . ALA A 1 51  ? -12.129 3.163   2.890   1.00 5.36  ? 73  ALA A CA  1 
ATOM   397  C C   . ALA A 1 51  ? -12.584 2.026   3.802   1.00 6.11  ? 73  ALA A C   1 
ATOM   398  O O   . ALA A 1 51  ? -13.183 1.051   3.339   1.00 6.04  ? 73  ALA A O   1 
ATOM   399  C CB  . ALA A 1 51  ? -10.646 3.068   2.611   1.00 5.85  ? 73  ALA A CB  1 
ATOM   400  N N   . LEU A 1 52  ? -12.288 2.134   5.093   1.00 6.32  ? 74  LEU A N   1 
ATOM   401  C CA  . LEU A 1 52  ? -12.752 1.157   6.058   1.00 7.45  ? 74  LEU A CA  1 
ATOM   402  C C   . LEU A 1 52  ? -14.275 0.995   5.974   1.00 7.58  ? 74  LEU A C   1 
ATOM   403  O O   . LEU A 1 52  ? -14.796 -0.138  5.946   1.00 8.07  ? 74  LEU A O   1 
ATOM   404  C CB  . LEU A 1 52  ? -12.253 1.546   7.442   1.00 7.99  ? 74  LEU A CB  1 
ATOM   405  C CG  . LEU A 1 52  ? -12.434 0.497   8.545   1.00 10.65 ? 74  LEU A CG  1 
ATOM   406  C CD1 . LEU A 1 52  ? -11.415 0.770   9.641   1.00 11.60 ? 74  LEU A CD1 1 
ATOM   407  C CD2 . LEU A 1 52  ? -13.845 0.468   9.098   1.00 12.19 ? 74  LEU A CD2 1 
ATOM   408  N N   . SER A 1 53  ? -14.988 2.112   5.863   1.00 7.50  ? 75  SER A N   1 
ATOM   409  C CA  . SER A 1 53  ? -16.458 2.053   5.800   1.00 8.77  ? 75  SER A CA  1 
ATOM   410  C C   . SER A 1 53  ? -16.989 1.348   4.550   1.00 9.38  ? 75  SER A C   1 
ATOM   411  O O   . SER A 1 53  ? -18.141 0.886   4.530   1.00 10.60 ? 75  SER A O   1 
ATOM   412  C CB  . SER A 1 53  ? -17.056 3.452   5.946   1.00 9.44  ? 75  SER A CB  1 
ATOM   413  O OG  . SER A 1 53  ? -17.011 4.188   4.743   1.00 10.43 ? 75  SER A OG  1 
ATOM   414  N N   . LYS A 1 54  ? -16.162 1.259   3.515   1.00 8.57  ? 76  LYS A N   1 
ATOM   415  C CA  . LYS A 1 54  ? -16.507 0.535   2.278   1.00 8.90  ? 76  LYS A CA  1 
ATOM   416  C C   . LYS A 1 54  ? -16.094 -0.932  2.302   1.00 8.68  ? 76  LYS A C   1 
ATOM   417  O O   . LYS A 1 54  ? -16.350 -1.668  1.342   1.00 10.22 ? 76  LYS A O   1 
ATOM   418  C CB  . LYS A 1 54  ? -15.878 1.214   1.051   1.00 9.24  ? 76  LYS A CB  1 
ATOM   419  C CG  . LYS A 1 54  ? -16.238 2.685   0.872   1.00 10.89 ? 76  LYS A CG  1 
ATOM   420  C CD  . LYS A 1 54  ? -17.726 2.950   0.768   1.00 13.94 ? 76  LYS A CD  1 
ATOM   421  C CE  . LYS A 1 54  ? -17.977 4.439   0.523   1.00 15.29 ? 76  LYS A CE  1 
ATOM   422  N NZ  . LYS A 1 54  ? -19.437 4.744   0.445   1.00 17.50 ? 76  LYS A NZ  1 
ATOM   423  N N   . GLY A 1 55  ? -15.454 -1.365  3.385   1.00 8.69  ? 77  GLY A N   1 
ATOM   424  C CA  . GLY A 1 55  ? -15.107 -2.773  3.519   1.00 8.60  ? 77  GLY A CA  1 
ATOM   425  C C   . GLY A 1 55  ? -13.625 -3.090  3.597   1.00 8.34  ? 77  GLY A C   1 
ATOM   426  O O   . GLY A 1 55  ? -13.258 -4.258  3.582   1.00 8.90  ? 77  GLY A O   1 
ATOM   427  N N   . PHE A 1 56  ? -12.766 -2.073  3.716   1.00 7.28  ? 78  PHE A N   1 
ATOM   428  C CA  . PHE A 1 56  ? -11.313 -2.303  3.775   1.00 6.70  ? 78  PHE A CA  1 
ATOM   429  C C   . PHE A 1 56  ? -10.836 -2.723  5.156   1.00 6.32  ? 78  PHE A C   1 
ATOM   430  O O   . PHE A 1 56  ? -11.010 -1.982  6.110   1.00 7.43  ? 78  PHE A O   1 
ATOM   431  C CB  . PHE A 1 56  ? -10.592 -1.016  3.376   1.00 6.25  ? 78  PHE A CB  1 
ATOM   432  C CG  . PHE A 1 56  ? -9.107  -1.162  3.114   1.00 6.25  ? 78  PHE A CG  1 
ATOM   433  C CD1 . PHE A 1 56  ? -8.576  -2.266  2.440   1.00 8.47  ? 78  PHE A CD1 1 
ATOM   434  C CD2 . PHE A 1 56  ? -8.243  -0.130  3.472   1.00 7.19  ? 78  PHE A CD2 1 
ATOM   435  C CE1 . PHE A 1 56  ? -7.197  -2.349  2.149   1.00 8.46  ? 78  PHE A CE1 1 
ATOM   436  C CE2 . PHE A 1 56  ? -6.875  -0.220  3.191   1.00 6.90  ? 78  PHE A CE2 1 
ATOM   437  C CZ  . PHE A 1 56  ? -6.358  -1.328  2.513   1.00 7.00  ? 78  PHE A CZ  1 
ATOM   438  N N   . GLU A 1 57  ? -10.159 -3.869  5.240   1.00 6.46  ? 79  GLU A N   1 
ATOM   439  C CA  . GLU A 1 57  ? -9.384  -4.198  6.425   1.00 7.28  ? 79  GLU A CA  1 
ATOM   440  C C   . GLU A 1 57  ? -8.172  -5.026  6.026   1.00 6.26  ? 79  GLU A C   1 
ATOM   441  O O   . GLU A 1 57  ? -8.205  -5.733  5.007   1.00 7.07  ? 79  GLU A O   1 
ATOM   442  C CB  . GLU A 1 57  ? -10.212 -4.919  7.491   1.00 7.89  ? 79  GLU A CB  1 
ATOM   443  C CG  . GLU A 1 57  ? -10.696 -6.310  7.105   1.00 10.44 ? 79  GLU A CG  1 
ATOM   444  C CD  . GLU A 1 57  ? -11.452 -7.015  8.235   1.00 10.51 ? 79  GLU A CD  1 
ATOM   445  O OE1 . GLU A 1 57  ? -11.377 -6.586  9.406   1.00 10.80 ? 79  GLU A OE1 1 
ATOM   446  O OE2 . GLU A 1 57  ? -12.114 -8.027  7.917   1.00 11.02 ? 79  GLU A OE2 1 
ATOM   447  N N   . THR A 1 58  ? -7.109  -4.934  6.818   1.00 6.15  ? 80  THR A N   1 
ATOM   448  C CA  . THR A 1 58  ? -5.933  -5.775  6.614   1.00 7.33  ? 80  THR A CA  1 
ATOM   449  C C   . THR A 1 58  ? -5.479  -6.223  7.994   1.00 7.59  ? 80  THR A C   1 
ATOM   450  O O   . THR A 1 58  ? -5.997  -5.786  9.016   1.00 7.89  ? 80  THR A O   1 
ATOM   451  C CB  . THR A 1 58  ? -4.749  -5.019  5.986   1.00 6.98  ? 80  THR A CB  1 
ATOM   452  O OG1 . THR A 1 58  ? -4.155  -4.179  6.981   1.00 6.92  ? 80  THR A OG1 1 
ATOM   453  C CG2 . THR A 1 58  ? -5.169  -4.202  4.770   1.00 7.62  ? 80  THR A CG2 1 
ATOM   454  N N   . CYS A 1 59  ? -4.445  -7.054  8.020   1.00 8.09  ? 81  CYS A N   1 
ATOM   455  C CA  . CYS A 1 59  ? -3.799  -7.369  9.273   1.00 9.31  ? 81  CYS A CA  1 
ATOM   456  C C   . CYS A 1 59  ? -2.342  -6.952  9.221   1.00 9.38  ? 81  CYS A C   1 
ATOM   457  O O   . CYS A 1 59  ? -1.462  -7.660  9.717   1.00 10.52 ? 81  CYS A O   1 
ATOM   458  C CB  . CYS A 1 59  ? -3.899  -8.864  9.570   1.00 10.88 ? 81  CYS A CB  1 
ATOM   459  S SG  . CYS A 1 59  ? -3.419  -9.368  11.276  1.00 15.92 ? 81  CYS A SG  1 
ATOM   460  N N   . ARG A 1 60  ? -2.089  -5.785  8.626   1.00 8.37  ? 82  ARG A N   1 
ATOM   461  C CA  . ARG A 1 60  ? -0.720  -5.323  8.402   1.00 8.22  ? 82  ARG A CA  1 
ATOM   462  C C   . ARG A 1 60  ? -0.573  -3.861  8.729   1.00 7.23  ? 82  ARG A C   1 
ATOM   463  O O   . ARG A 1 60  ? -1.384  -3.026  8.298   1.00 8.53  ? 82  ARG A O   1 
ATOM   464  C CB  . ARG A 1 60  ? -0.331  -5.491  6.929   1.00 9.15  ? 82  ARG A CB  1 
ATOM   465  C CG  . ARG A 1 60  ? -0.340  -6.922  6.416   1.00 11.30 ? 82  ARG A CG  1 
ATOM   466  C CD  . ARG A 1 60  ? 0.831   -7.739  6.957   1.00 12.55 ? 82  ARG A CD  1 
ATOM   467  N NE  . ARG A 1 60  ? 2.088   -7.306  6.326   1.00 14.74 ? 82  ARG A NE  1 
ATOM   468  C CZ  . ARG A 1 60  ? 3.303   -7.831  6.529   1.00 16.19 ? 82  ARG A CZ  1 
ATOM   469  N NH1 . ARG A 1 60  ? 3.477   -8.844  7.359   1.00 18.18 ? 82  ARG A NH1 1 
ATOM   470  N NH2 . ARG A 1 60  ? 4.358   -7.335  5.889   1.00 16.12 ? 82  ARG A NH2 1 
ATOM   471  N N   . TYR A 1 61  ? 0.491   -3.542  9.467   1.00 7.00  ? 83  TYR A N   1 
ATOM   472  C CA  . TYR A 1 61  ? 0.872   -2.146  9.657   1.00 6.57  ? 83  TYR A CA  1 
ATOM   473  C C   . TYR A 1 61  ? 1.298   -1.514  8.341   1.00 6.24  ? 83  TYR A C   1 
ATOM   474  O O   . TYR A 1 61  ? 2.108   -2.099  7.600   1.00 6.98  ? 83  TYR A O   1 
ATOM   475  C CB  . TYR A 1 61  ? 2.064   -2.064  10.594  1.00 7.63  ? 83  TYR A CB  1 
ATOM   476  C CG  . TYR A 1 61  ? 1.739   -2.406  12.007  1.00 10.40 ? 83  TYR A CG  1 
ATOM   477  C CD1 . TYR A 1 61  ? 0.866   -1.605  12.749  1.00 11.99 ? 83  TYR A CD1 1 
ATOM   478  C CD2 . TYR A 1 61  ? 2.320   -3.518  12.621  1.00 13.58 ? 83  TYR A CD2 1 
ATOM   479  C CE1 . TYR A 1 61  ? 0.560   -1.910  14.077  1.00 15.45 ? 83  TYR A CE1 1 
ATOM   480  C CE2 . TYR A 1 61  ? 2.026   -3.829  13.957  1.00 18.53 ? 83  TYR A CE2 1 
ATOM   481  C CZ  . TYR A 1 61  ? 1.145   -3.017  14.668  1.00 17.14 ? 83  TYR A CZ  1 
ATOM   482  O OH  . TYR A 1 61  ? 0.832   -3.310  15.985  1.00 22.64 ? 83  TYR A OH  1 
ATOM   483  N N   . GLY A 1 62  ? 0.813   -0.300  8.082   1.00 6.03  ? 84  GLY A N   1 
ATOM   484  C CA  . GLY A 1 62  ? 1.287   0.414   6.916   1.00 5.29  ? 84  GLY A CA  1 
ATOM   485  C C   . GLY A 1 62  ? 1.186   1.916   7.085   1.00 5.08  ? 84  GLY A C   1 
ATOM   486  O O   . GLY A 1 62  ? 0.318   2.424   7.828   1.00 5.07  ? 84  GLY A O   1 
ATOM   487  N N   . PHE A 1 63  ? 2.051   2.629   6.373   1.00 4.62  ? 85  PHE A N   1 
ATOM   488  C CA  . PHE A 1 63  ? 2.030   4.084   6.434   1.00 6.00  ? 85  PHE A CA  1 
ATOM   489  C C   . PHE A 1 63  ? 0.769   4.660   5.817   1.00 5.80  ? 85  PHE A C   1 
ATOM   490  O O   . PHE A 1 63  ? 0.292   4.213   4.747   1.00 5.53  ? 85  PHE A O   1 
ATOM   491  C CB  . PHE A 1 63  ? 3.194   4.674   5.649   1.00 6.40  ? 85  PHE A CB  1 
ATOM   492  C CG  . PHE A 1 63  ? 4.515   4.276   6.151   1.00 6.97  ? 85  PHE A CG  1 
ATOM   493  C CD1 . PHE A 1 63  ? 5.083   4.848   7.270   1.00 9.99  ? 85  PHE A CD1 1 
ATOM   494  C CD2 . PHE A 1 63  ? 5.222   3.301   5.463   1.00 9.47  ? 85  PHE A CD2 1 
ATOM   495  C CE1 . PHE A 1 63  ? 6.359   4.413   7.674   1.00 11.14 ? 85  PHE A CE1 1 
ATOM   496  C CE2 . PHE A 1 63  ? 6.440   2.896   5.853   1.00 13.31 ? 85  PHE A CE2 1 
ATOM   497  C CZ  . PHE A 1 63  ? 6.999   3.425   6.944   1.00 9.30  ? 85  PHE A CZ  1 
ATOM   498  N N   . ILE A 1 64  ? 0.253   5.690   6.476   1.00 6.58  ? 86  ILE A N   1 
ATOM   499  C CA  . ILE A 1 64  ? -0.597  6.685   5.853   1.00 6.49  ? 86  ILE A CA  1 
ATOM   500  C C   . ILE A 1 64  ? 0.143   8.014   6.054   1.00 7.19  ? 86  ILE A C   1 
ATOM   501  O O   . ILE A 1 64  ? 1.293   8.013   6.514   1.00 8.40  ? 86  ILE A O   1 
ATOM   502  C CB  . ILE A 1 64  ? -2.047  6.679   6.385   1.00 6.64  ? 86  ILE A CB  1 
ATOM   503  C CG1 . ILE A 1 64  ? -2.082  7.022   7.883   1.00 6.75  ? 86  ILE A CG1 1 
ATOM   504  C CG2 . ILE A 1 64  ? -2.705  5.346   6.068   1.00 6.99  ? 86  ILE A CG2 1 
ATOM   505  C CD1 . ILE A 1 64  ? -3.467  7.379   8.426   1.00 9.36  ? 86  ILE A CD1 1 
ATOM   506  N N   A GLU A 1 65  ? -0.479  9.120   5.660   0.50 7.30  ? 87  GLU A N   1 
ATOM   507  N N   B GLU A 1 65  ? -0.456  9.142   5.691   0.50 7.75  ? 87  GLU A N   1 
ATOM   508  C CA  A GLU A 1 65  ? 0.084   10.433  5.923   0.50 8.54  ? 87  GLU A CA  1 
ATOM   509  C CA  B GLU A 1 65  ? 0.283   10.416  5.690   0.50 9.38  ? 87  GLU A CA  1 
ATOM   510  C C   A GLU A 1 65  ? 0.031   10.681  7.418   0.50 8.23  ? 87  GLU A C   1 
ATOM   511  C C   B GLU A 1 65  ? 1.137   10.689  6.943   0.50 9.20  ? 87  GLU A C   1 
ATOM   512  O O   A GLU A 1 65  ? -1.037  10.797  8.002   0.50 8.63  ? 87  GLU A O   1 
ATOM   513  O O   B GLU A 1 65  ? 2.329   10.961  6.839   0.50 9.66  ? 87  GLU A O   1 
ATOM   514  C CB  A GLU A 1 65  ? -0.667  11.509  5.139   0.50 8.87  ? 87  GLU A CB  1 
ATOM   515  C CB  B GLU A 1 65  ? -0.651  11.590  5.389   0.50 9.73  ? 87  GLU A CB  1 
ATOM   516  C CG  A GLU A 1 65  ? -0.019  12.890  5.184   0.50 12.63 ? 87  GLU A CG  1 
ATOM   517  C CG  B GLU A 1 65  ? 0.059   12.941  5.349   0.50 13.33 ? 87  GLU A CG  1 
ATOM   518  C CD  A GLU A 1 65  ? 1.346   12.930  4.522   0.50 15.55 ? 87  GLU A CD  1 
ATOM   519  C CD  B GLU A 1 65  ? 1.341   12.911  4.532   0.50 16.14 ? 87  GLU A CD  1 
ATOM   520  O OE1 A GLU A 1 65  ? 1.488   12.434  3.381   0.50 17.27 ? 87  GLU A OE1 1 
ATOM   521  O OE1 B GLU A 1 65  ? 2.373   13.411  5.025   0.50 20.57 ? 87  GLU A OE1 1 
ATOM   522  O OE2 A GLU A 1 65  ? 2.286   13.475  5.138   0.50 20.32 ? 87  GLU A OE2 1 
ATOM   523  O OE2 B GLU A 1 65  ? 1.331   12.389  3.397   0.50 18.15 ? 87  GLU A OE2 1 
ATOM   524  N N   A GLY A 1 66  ? 1.196   10.705  8.049   0.50 8.65  ? 88  GLY A N   1 
ATOM   525  N N   B GLY A 1 66  ? 0.534   10.591  8.123   0.50 8.99  ? 88  GLY A N   1 
ATOM   526  C CA  A GLY A 1 66  ? 1.254   11.029  9.458   0.50 8.60  ? 88  GLY A CA  1 
ATOM   527  C CA  B GLY A 1 66  ? 1.227   10.973  9.349   0.50 8.97  ? 88  GLY A CA  1 
ATOM   528  C C   A GLY A 1 66  ? 1.400   9.877   10.432  0.50 8.54  ? 88  GLY A C   1 
ATOM   529  C C   B GLY A 1 66  ? 1.379   9.889   10.397  0.50 8.73  ? 88  GLY A C   1 
ATOM   530  O O   A GLY A 1 66  ? 2.004   10.051  11.479  0.50 9.27  ? 88  GLY A O   1 
ATOM   531  O O   B GLY A 1 66  ? 1.970   10.118  11.443  0.50 9.62  ? 88  GLY A O   1 
ATOM   532  N N   . ASN A 1 67  ? 0.871   8.696   10.121  1.00 7.87  ? 89  ASN A N   1 
ATOM   533  C CA  . ASN A 1 67  ? 0.834   7.602   11.097  1.00 7.13  ? 89  ASN A CA  1 
ATOM   534  C C   . ASN A 1 67  ? 1.068   6.276   10.412  1.00 6.30  ? 89  ASN A C   1 
ATOM   535  O O   . ASN A 1 67  ? 1.098   6.219   9.172   1.00 6.73  ? 89  ASN A O   1 
ATOM   536  C CB  . ASN A 1 67  ? -0.499  7.568   11.880  1.00 7.98  ? 89  ASN A CB  1 
ATOM   537  C CG  . ASN A 1 67  ? -0.619  8.696   12.880  1.00 7.92  ? 89  ASN A CG  1 
ATOM   538  O OD1 . ASN A 1 67  ? -1.257  9.715   12.615  1.00 8.79  ? 89  ASN A OD1 1 
ATOM   539  N ND2 . ASN A 1 67  ? 0.028   8.540   14.016  1.00 8.91  ? 89  ASN A ND2 1 
ATOM   540  N N   . VAL A 1 68  ? 1.195   5.236   11.208  1.00 5.69  ? 90  VAL A N   1 
ATOM   541  C CA  . VAL A 1 68  ? 1.258   3.865   10.749  1.00 6.20  ? 90  VAL A CA  1 
ATOM   542  C C   . VAL A 1 68  ? 0.017   3.231   11.344  1.00 6.03  ? 90  VAL A C   1 
ATOM   543  O O   . VAL A 1 68  ? -0.237  3.381   12.554  1.00 7.09  ? 90  VAL A O   1 
ATOM   544  C CB  . VAL A 1 68  ? 2.529   3.166   11.272  1.00 6.21  ? 90  VAL A CB  1 
ATOM   545  C CG1 . VAL A 1 68  ? 2.526   1.687   10.947  1.00 7.93  ? 90  VAL A CG1 1 
ATOM   546  C CG2 . VAL A 1 68  ? 3.754   3.825   10.669  1.00 8.30  ? 90  VAL A CG2 1 
ATOM   547  N N   . VAL A 1 69  ? -0.761  2.527   10.516  1.00 5.86  ? 91  VAL A N   1 
ATOM   548  C CA  . VAL A 1 69  ? -2.092  2.090   10.938  1.00 6.43  ? 91  VAL A CA  1 
ATOM   549  C C   . VAL A 1 69  ? -2.423  0.696   10.423  1.00 5.93  ? 91  VAL A C   1 
ATOM   550  O O   . VAL A 1 69  ? -1.772  0.152   9.504   1.00 6.41  ? 91  VAL A O   1 
ATOM   551  C CB  . VAL A 1 69  ? -3.209  3.081   10.472  1.00 7.25  ? 91  VAL A CB  1 
ATOM   552  C CG1 . VAL A 1 69  ? -2.921  4.511   10.948  1.00 6.98  ? 91  VAL A CG1 1 
ATOM   553  C CG2 . VAL A 1 69  ? -3.410  3.025   8.951   1.00 6.96  ? 91  VAL A CG2 1 
ATOM   554  N N   . ILE A 1 70  ? -3.476  0.122   11.015  1.00 6.32  ? 92  ILE A N   1 
ATOM   555  C CA  . ILE A 1 70  ? -4.124  -1.070  10.489  1.00 7.35  ? 92  ILE A CA  1 
ATOM   556  C C   . ILE A 1 70  ? -5.632  -0.818  10.479  1.00 6.89  ? 92  ILE A C   1 
ATOM   557  O O   . ILE A 1 70  ? -6.218  -0.626  11.548  1.00 7.60  ? 92  ILE A O   1 
ATOM   558  C CB  . ILE A 1 70  ? -3.880  -2.337  11.336  1.00 8.07  ? 92  ILE A CB  1 
ATOM   559  C CG1 . ILE A 1 70  ? -2.385  -2.547  11.593  1.00 9.27  ? 92  ILE A CG1 1 
ATOM   560  C CG2 . ILE A 1 70  ? -4.503  -3.554  10.631  1.00 9.38  ? 92  ILE A CG2 1 
ATOM   561  C CD1 . ILE A 1 70  ? -2.032  -3.774  12.398  1.00 12.23 ? 92  ILE A CD1 1 
ATOM   562  N N   . PRO A 1 71  ? -6.284  -0.835  9.299   1.00 6.64  ? 93  PRO A N   1 
ATOM   563  C CA  . PRO A 1 71  ? -7.746  -0.758  9.283   1.00 6.54  ? 93  PRO A CA  1 
ATOM   564  C C   . PRO A 1 71  ? -8.338  -2.101  9.669   1.00 6.51  ? 93  PRO A C   1 
ATOM   565  O O   . PRO A 1 71  ? -7.972  -3.126  9.096   1.00 6.77  ? 93  PRO A O   1 
ATOM   566  C CB  . PRO A 1 71  ? -8.073  -0.418  7.822   1.00 6.77  ? 93  PRO A CB  1 
ATOM   567  C CG  . PRO A 1 71  ? -6.922  -0.992  7.026   1.00 7.06  ? 93  PRO A CG  1 
ATOM   568  C CD  . PRO A 1 71  ? -5.715  -1.030  7.948   1.00 7.16  ? 93  PRO A CD  1 
ATOM   569  N N   . ARG A 1 72  ? -9.268  -2.084  10.617  1.00 7.11  ? 94  ARG A N   1 
ATOM   570  C CA  . ARG A 1 72  ? -9.896  -3.308  11.127  1.00 7.88  ? 94  ARG A CA  1 
ATOM   571  C C   . ARG A 1 72  ? -11.403 -3.176  11.148  1.00 8.32  ? 94  ARG A C   1 
ATOM   572  O O   . ARG A 1 72  ? -11.945 -2.236  11.716  1.00 8.75  ? 94  ARG A O   1 
ATOM   573  C CB  . ARG A 1 72  ? -9.436  -3.618  12.561  1.00 9.11  ? 94  ARG A CB  1 
ATOM   574  C CG  . ARG A 1 72  ? -7.977  -4.013  12.713  1.00 10.19 ? 94  ARG A CG  1 
ATOM   575  C CD  . ARG A 1 72  ? -7.603  -5.203  11.864  1.00 10.33 ? 94  ARG A CD  1 
ATOM   576  N NE  . ARG A 1 72  ? -8.416  -6.371  12.185  1.00 10.22 ? 94  ARG A NE  1 
ATOM   577  C CZ  . ARG A 1 72  ? -8.509  -7.432  11.402  1.00 10.94 ? 94  ARG A CZ  1 
ATOM   578  N NH1 . ARG A 1 72  ? -7.824  -7.498  10.263  1.00 13.21 ? 94  ARG A NH1 1 
ATOM   579  N NH2 . ARG A 1 72  ? -9.274  -8.451  11.788  1.00 13.84 ? 94  ARG A NH2 1 
ATOM   580  N N   . ILE A 1 73  ? -12.064 -4.130  10.526  1.00 8.55  ? 95  ILE A N   1 
ATOM   581  C CA  . ILE A 1 73  ? -13.509 -4.205  10.633  1.00 10.00 ? 95  ILE A CA  1 
ATOM   582  C C   . ILE A 1 73  ? -13.919 -5.216  11.698  1.00 10.99 ? 95  ILE A C   1 
ATOM   583  O O   . ILE A 1 73  ? -14.705 -4.896  12.588  1.00 10.92 ? 95  ILE A O   1 
ATOM   584  C CB  . ILE A 1 73  ? -14.136 -4.519  9.278   1.00 9.81  ? 95  ILE A CB  1 
ATOM   585  C CG1 . ILE A 1 73  ? -13.909 -3.325  8.344   1.00 9.65  ? 95  ILE A CG1 1 
ATOM   586  C CG2 . ILE A 1 73  ? -15.625 -4.836  9.424   1.00 10.39 ? 95  ILE A CG2 1 
ATOM   587  C CD1 . ILE A 1 73  ? -14.164 -3.624  6.903   1.00 12.22 ? 95  ILE A CD1 1 
ATOM   588  N N   . HIS A 1 74  ? -13.377 -6.424  11.592  1.00 11.60 ? 96  HIS A N   1 
ATOM   589  C CA  . HIS A 1 74  ? -13.673 -7.505  12.529  1.00 13.31 ? 96  HIS A CA  1 
ATOM   590  C C   . HIS A 1 74  ? -12.587 -7.604  13.583  1.00 14.57 ? 96  HIS A C   1 
ATOM   591  O O   . HIS A 1 74  ? -11.394 -7.531  13.257  1.00 14.84 ? 96  HIS A O   1 
ATOM   592  C CB  . HIS A 1 74  ? -13.782 -8.827  11.774  1.00 13.93 ? 96  HIS A CB  1 
ATOM   593  C CG  . HIS A 1 74  ? -14.762 -8.789  10.647  1.00 15.13 ? 96  HIS A CG  1 
ATOM   594  N ND1 . HIS A 1 74  ? -14.401 -8.492  9.350   1.00 16.25 ? 96  HIS A ND1 1 
ATOM   595  C CD2 . HIS A 1 74  ? -16.105 -8.968  10.630  1.00 15.60 ? 96  HIS A CD2 1 
ATOM   596  C CE1 . HIS A 1 74  ? -15.475 -8.502  8.580   1.00 16.90 ? 96  HIS A CE1 1 
ATOM   597  N NE2 . HIS A 1 74  ? -16.524 -8.794  9.332   1.00 15.75 ? 96  HIS A NE2 1 
ATOM   598  N N   . PRO A 1 75  ? -12.979 -7.777  14.858  1.00 14.75 ? 97  PRO A N   1 
ATOM   599  C CA  . PRO A 1 75  ? -11.965 -7.935  15.900  1.00 16.04 ? 97  PRO A CA  1 
ATOM   600  C C   . PRO A 1 75  ? -11.262 -9.285  15.776  1.00 17.04 ? 97  PRO A C   1 
ATOM   601  O O   . PRO A 1 75  ? -11.906 -10.330 15.667  1.00 17.82 ? 97  PRO A O   1 
ATOM   602  C CB  . PRO A 1 75  ? -12.770 -7.838  17.205  1.00 16.20 ? 97  PRO A CB  1 
ATOM   603  C CG  . PRO A 1 75  ? -14.164 -8.148  16.821  1.00 15.77 ? 97  PRO A CG  1 
ATOM   604  C CD  . PRO A 1 75  ? -14.354 -7.760  15.397  1.00 14.80 ? 97  PRO A CD  1 
ATOM   605  N N   . ASN A 1 76  ? -9.937  -9.247  15.743  1.00 17.84 ? 98  ASN A N   1 
ATOM   606  C CA  . ASN A 1 76  ? -9.128  -10.456 15.714  1.00 19.02 ? 98  ASN A CA  1 
ATOM   607  C C   . ASN A 1 76  ? -8.000  -10.241 16.707  1.00 19.31 ? 98  ASN A C   1 
ATOM   608  O O   . ASN A 1 76  ? -7.324  -9.214  16.664  1.00 18.99 ? 98  ASN A O   1 
ATOM   609  C CB  . ASN A 1 76  ? -8.606  -10.704 14.294  1.00 19.79 ? 98  ASN A CB  1 
ATOM   610  C CG  . ASN A 1 76  ? -7.856  -12.021 14.152  1.00 21.88 ? 98  ASN A CG  1 
ATOM   611  O OD1 . ASN A 1 76  ? -7.009  -12.361 14.971  1.00 24.73 ? 98  ASN A OD1 1 
ATOM   612  N ND2 . ASN A 1 76  ? -8.146  -12.750 13.084  1.00 24.88 ? 98  ASN A ND2 1 
ATOM   613  N N   . ALA A 1 77  ? -7.813  -11.200 17.612  1.00 19.72 ? 99  ALA A N   1 
ATOM   614  C CA  . ALA A 1 77  ? -6.846  -11.051 18.696  1.00 20.48 ? 99  ALA A CA  1 
ATOM   615  C C   . ALA A 1 77  ? -5.405  -10.818 18.238  1.00 20.79 ? 99  ALA A C   1 
ATOM   616  O O   . ALA A 1 77  ? -4.644  -10.144 18.928  1.00 21.52 ? 99  ALA A O   1 
ATOM   617  C CB  . ALA A 1 77  ? -6.916  -12.249 19.641  1.00 20.69 ? 99  ALA A CB  1 
ATOM   618  N N   . ILE A 1 78  ? -5.033  -11.375 17.090  1.00 20.77 ? 100 ILE A N   1 
ATOM   619  C CA  . ILE A 1 78  ? -3.662  -11.212 16.565  1.00 21.21 ? 100 ILE A CA  1 
ATOM   620  C C   . ILE A 1 78  ? -3.499  -10.099 15.511  1.00 20.69 ? 100 ILE A C   1 
ATOM   621  O O   . ILE A 1 78  ? -2.409  -9.922  14.960  1.00 21.25 ? 100 ILE A O   1 
ATOM   622  C CB  . ILE A 1 78  ? -3.068  -12.549 16.028  1.00 21.68 ? 100 ILE A CB  1 
ATOM   623  C CG1 . ILE A 1 78  ? -3.826  -13.035 14.787  1.00 22.77 ? 100 ILE A CG1 1 
ATOM   624  C CG2 . ILE A 1 78  ? -3.029  -13.613 17.141  1.00 22.63 ? 100 ILE A CG2 1 
ATOM   625  C CD1 . ILE A 1 78  ? -3.116  -14.129 13.997  1.00 25.29 ? 100 ILE A CD1 1 
ATOM   626  N N   . CYS A 1 79  ? -4.572  -9.358  15.240  1.00 19.35 ? 101 CYS A N   1 
ATOM   627  C CA  . CYS A 1 79  ? -4.532  -8.199  14.337  1.00 18.41 ? 101 CYS A CA  1 
ATOM   628  C C   . CYS A 1 79  ? -4.925  -6.944  15.093  1.00 18.44 ? 101 CYS A C   1 
ATOM   629  O O   . CYS A 1 79  ? -6.090  -6.783  15.455  1.00 18.40 ? 101 CYS A O   1 
ATOM   630  C CB  . CYS A 1 79  ? -5.490  -8.404  13.159  1.00 18.04 ? 101 CYS A CB  1 
ATOM   631  S SG  . CYS A 1 79  ? -5.171  -9.847  12.167  1.00 17.77 ? 101 CYS A SG  1 
ATOM   632  N N   . ALA A 1 80  ? -3.954  -6.063  15.337  1.00 18.13 ? 102 ALA A N   1 
ATOM   633  C CA  . ALA A 1 80  ? -4.178  -4.779  16.012  1.00 18.90 ? 102 ALA A CA  1 
ATOM   634  C C   . ALA A 1 80  ? -4.739  -4.959  17.423  1.00 19.64 ? 102 ALA A C   1 
ATOM   635  O O   . ALA A 1 80  ? -5.575  -4.176  17.885  1.00 19.99 ? 102 ALA A O   1 
ATOM   636  C CB  . ALA A 1 80  ? -5.085  -3.865  15.168  1.00 18.48 ? 102 ALA A CB  1 
ATOM   637  N N   . ALA A 1 81  ? -4.264  -6.006  18.101  1.00 20.51 ? 103 ALA A N   1 
ATOM   638  C CA  . ALA A 1 81  ? -4.661  -6.316  19.478  1.00 20.72 ? 103 ALA A CA  1 
ATOM   639  C C   . ALA A 1 81  ? -6.181  -6.282  19.671  1.00 20.54 ? 103 ALA A C   1 
ATOM   640  O O   . ALA A 1 81  ? -6.684  -5.677  20.620  1.00 20.96 ? 103 ALA A O   1 
ATOM   641  C CB  . ALA A 1 81  ? -3.966  -5.379  20.460  1.00 21.08 ? 103 ALA A CB  1 
ATOM   642  N N   . ASN A 1 82  ? -6.894  -6.911  18.738  1.00 20.26 ? 104 ASN A N   1 
ATOM   643  C CA  . ASN A 1 82  ? -8.353  -7.058  18.784  1.00 19.45 ? 104 ASN A CA  1 
ATOM   644  C C   . ASN A 1 82  ? -9.188  -5.779  18.581  1.00 19.28 ? 104 ASN A C   1 
ATOM   645  O O   . ASN A 1 82  ? -10.405 -5.790  18.760  1.00 19.68 ? 104 ASN A O   1 
ATOM   646  C CB  . ASN A 1 82  ? -8.787  -7.793  20.062  1.00 19.97 ? 104 ASN A CB  1 
ATOM   647  C CG  . ASN A 1 82  ? -10.015 -8.640  19.850  1.00 18.88 ? 104 ASN A CG  1 
ATOM   648  O OD1 . ASN A 1 82  ? -10.047 -9.514  18.982  1.00 19.35 ? 104 ASN A OD1 1 
ATOM   649  N ND2 . ASN A 1 82  ? -11.044 -8.397  20.663  1.00 23.36 ? 104 ASN A ND2 1 
ATOM   650  N N   . HIS A 1 83  ? -8.547  -4.691  18.167  1.00 18.45 ? 105 HIS A N   1 
ATOM   651  C CA  . HIS A 1 83  ? -9.259  -3.438  17.956  1.00 17.50 ? 105 HIS A CA  1 
ATOM   652  C C   . HIS A 1 83  ? -10.071 -3.452  16.659  1.00 16.09 ? 105 HIS A C   1 
ATOM   653  O O   . HIS A 1 83  ? -9.815  -4.258  15.765  1.00 15.60 ? 105 HIS A O   1 
ATOM   654  C CB  . HIS A 1 83  ? -8.285  -2.257  17.988  1.00 18.56 ? 105 HIS A CB  1 
ATOM   655  C CG  . HIS A 1 83  ? -7.814  -1.908  19.368  1.00 20.83 ? 105 HIS A CG  1 
ATOM   656  N ND1 . HIS A 1 83  ? -6.628  -2.374  19.891  1.00 23.07 ? 105 HIS A ND1 1 
ATOM   657  C CD2 . HIS A 1 83  ? -8.383  -1.154  20.339  1.00 23.48 ? 105 HIS A CD2 1 
ATOM   658  C CE1 . HIS A 1 83  ? -6.480  -1.914  21.121  1.00 23.51 ? 105 HIS A CE1 1 
ATOM   659  N NE2 . HIS A 1 83  ? -7.532  -1.173  21.417  1.00 25.73 ? 105 HIS A NE2 1 
ATOM   660  N N   . THR A 1 84  ? -11.090 -2.597  16.607  1.00 15.20 ? 106 THR A N   1 
ATOM   661  C CA  . THR A 1 84  ? -11.783 -2.288  15.350  1.00 15.07 ? 106 THR A CA  1 
ATOM   662  C C   . THR A 1 84  ? -11.613 -0.797  15.051  1.00 13.89 ? 106 THR A C   1 
ATOM   663  O O   . THR A 1 84  ? -11.226 -0.012  15.926  1.00 15.21 ? 106 THR A O   1 
ATOM   664  C CB  . THR A 1 84  ? -13.283 -2.618  15.408  1.00 15.57 ? 106 THR A CB  1 
ATOM   665  O OG1 . THR A 1 84  ? -13.897 -1.810  16.416  1.00 17.78 ? 106 THR A OG1 1 
ATOM   666  C CG2 . THR A 1 84  ? -13.516 -4.093  15.711  1.00 17.16 ? 106 THR A CG2 1 
ATOM   667  N N   . GLY A 1 85  ? -11.900 -0.405  13.813  1.00 12.02 ? 107 GLY A N   1 
ATOM   668  C CA  . GLY A 1 85  ? -11.638 0.958   13.351  1.00 10.99 ? 107 GLY A CA  1 
ATOM   669  C C   . GLY A 1 85  ? -10.234 1.072   12.786  1.00 9.66  ? 107 GLY A C   1 
ATOM   670  O O   . GLY A 1 85  ? -9.565  0.061   12.575  1.00 9.43  ? 107 GLY A O   1 
ATOM   671  N N   . VAL A 1 86  ? -9.795  2.292   12.517  1.00 9.98  ? 108 VAL A N   1 
ATOM   672  C CA  . VAL A 1 86  ? -8.434  2.491   12.052  1.00 10.03 ? 108 VAL A CA  1 
ATOM   673  C C   . VAL A 1 86  ? -7.519  2.485   13.270  1.00 9.84  ? 108 VAL A C   1 
ATOM   674  O O   . VAL A 1 86  ? -7.469  3.468   14.024  1.00 12.40 ? 108 VAL A O   1 
ATOM   675  C CB  . VAL A 1 86  ? -8.288  3.792   11.226  1.00 9.89  ? 108 VAL A CB  1 
ATOM   676  C CG1 . VAL A 1 86  ? -6.866  3.925   10.698  1.00 9.94  ? 108 VAL A CG1 1 
ATOM   677  C CG2 . VAL A 1 86  ? -9.270  3.824   10.069  1.00 10.12 ? 108 VAL A CG2 1 
ATOM   678  N N   . TYR A 1 87  ? -6.819  1.379   13.488  1.00 9.05  ? 109 TYR A N   1 
ATOM   679  C CA  . TYR A 1 87  ? -5.938  1.237   14.646  1.00 9.34  ? 109 TYR A CA  1 
ATOM   680  C C   . TYR A 1 87  ? -4.631  1.962   14.365  1.00 8.74  ? 109 TYR A C   1 
ATOM   681  O O   . TYR A 1 87  ? -3.997  1.745   13.339  1.00 8.82  ? 109 TYR A O   1 
ATOM   682  C CB  . TYR A 1 87  ? -5.662  -0.222  14.940  1.00 10.58 ? 109 TYR A CB  1 
ATOM   683  C CG  . TYR A 1 87  ? -4.667  -0.409  16.065  1.00 12.75 ? 109 TYR A CG  1 
ATOM   684  C CD1 . TYR A 1 87  ? -5.047  -0.234  17.399  1.00 15.35 ? 109 TYR A CD1 1 
ATOM   685  C CD2 . TYR A 1 87  ? -3.340  -0.755  15.796  1.00 16.33 ? 109 TYR A CD2 1 
ATOM   686  C CE1 . TYR A 1 87  ? -4.112  -0.389  18.442  1.00 19.01 ? 109 TYR A CE1 1 
ATOM   687  C CE2 . TYR A 1 87  ? -2.409  -0.920  16.823  1.00 19.40 ? 109 TYR A CE2 1 
ATOM   688  C CZ  . TYR A 1 87  ? -2.804  -0.743  18.136  1.00 20.19 ? 109 TYR A CZ  1 
ATOM   689  O OH  . TYR A 1 87  ? -1.877  -0.912  19.143  1.00 23.56 ? 109 TYR A OH  1 
ATOM   690  N N   . ILE A 1 88  ? -4.222  2.828   15.282  1.00 8.57  ? 110 ILE A N   1 
ATOM   691  C CA  . ILE A 1 88  ? -2.993  3.605   15.141  1.00 9.16  ? 110 ILE A CA  1 
ATOM   692  C C   . ILE A 1 88  ? -1.880  2.975   15.955  1.00 8.87  ? 110 ILE A C   1 
ATOM   693  O O   . ILE A 1 88  ? -2.010  2.781   17.173  1.00 9.06  ? 110 ILE A O   1 
ATOM   694  C CB  . ILE A 1 88  ? -3.195  5.069   15.558  1.00 9.18  ? 110 ILE A CB  1 
ATOM   695  C CG1 . ILE A 1 88  ? -4.281  5.696   14.695  1.00 10.13 ? 110 ILE A CG1 1 
ATOM   696  C CG2 . ILE A 1 88  ? -1.897  5.864   15.423  1.00 10.76 ? 110 ILE A CG2 1 
ATOM   697  C CD1 . ILE A 1 88  ? -4.867  6.958   15.261  1.00 12.41 ? 110 ILE A CD1 1 
ATOM   698  N N   . LEU A 1 89  ? -0.773  2.659   15.295  1.00 8.00  ? 111 LEU A N   1 
ATOM   699  C CA  . LEU A 1 89  ? 0.401   2.176   16.008  1.00 8.29  ? 111 LEU A CA  1 
ATOM   700  C C   . LEU A 1 89  ? 0.976   3.286   16.869  1.00 8.34  ? 111 LEU A C   1 
ATOM   701  O O   . LEU A 1 89  ? 1.216   4.388   16.394  1.00 8.64  ? 111 LEU A O   1 
ATOM   702  C CB  . LEU A 1 89  ? 1.452   1.676   15.022  1.00 9.41  ? 111 LEU A CB  1 
ATOM   703  C CG  . LEU A 1 89  ? 2.792   1.213   15.610  1.00 9.72  ? 111 LEU A CG  1 
ATOM   704  C CD1 . LEU A 1 89  ? 2.635   0.036   16.529  1.00 10.98 ? 111 LEU A CD1 1 
ATOM   705  C CD2 . LEU A 1 89  ? 3.724   0.873   14.468  1.00 10.88 ? 111 LEU A CD2 1 
ATOM   706  N N   . VAL A 1 90  ? 1.145   2.995   18.157  1.00 8.58  ? 112 VAL A N   1 
ATOM   707  C CA  . VAL A 1 90  ? 1.663   3.984   19.104  1.00 8.70  ? 112 VAL A CA  1 
ATOM   708  C C   . VAL A 1 90  ? 3.154   3.811   19.355  1.00 8.64  ? 112 VAL A C   1 
ATOM   709  O O   . VAL A 1 90  ? 3.913   4.749   19.169  1.00 9.32  ? 112 VAL A O   1 
ATOM   710  C CB  . VAL A 1 90  ? 0.868   3.987   20.412  1.00 8.60  ? 112 VAL A CB  1 
ATOM   711  C CG1 . VAL A 1 90  ? 1.432   5.028   21.399  1.00 9.98  ? 112 VAL A CG1 1 
ATOM   712  C CG2 . VAL A 1 90  ? -0.609  4.269   20.112  1.00 10.31 ? 112 VAL A CG2 1 
ATOM   713  N N   . THR A 1 91  ? 3.567   2.618   19.746  1.00 8.14  ? 113 THR A N   1 
ATOM   714  C CA  . THR A 1 91  ? 4.920   2.403   20.227  1.00 8.05  ? 113 THR A CA  1 
ATOM   715  C C   . THR A 1 91  ? 5.599   1.332   19.387  1.00 6.75  ? 113 THR A C   1 
ATOM   716  O O   . THR A 1 91  ? 5.139   0.178   19.352  1.00 7.93  ? 113 THR A O   1 
ATOM   717  C CB  . THR A 1 91  ? 4.901   1.951   21.698  1.00 9.34  ? 113 THR A CB  1 
ATOM   718  O OG1 . THR A 1 91  ? 4.250   2.942   22.498  1.00 11.52 ? 113 THR A OG1 1 
ATOM   719  C CG2 . THR A 1 91  ? 6.320   1.737   22.205  1.00 10.80 ? 113 THR A CG2 1 
ATOM   720  N N   . SER A 1 92  ? 6.688   1.702   18.725  1.00 6.02  ? 114 SER A N   1 
ATOM   721  C CA  . SER A 1 92  ? 7.492   0.718   18.001  1.00 5.71  ? 114 SER A CA  1 
ATOM   722  C C   . SER A 1 92  ? 8.931   1.181   17.996  1.00 6.33  ? 114 SER A C   1 
ATOM   723  O O   . SER A 1 92  ? 9.185   2.391   17.902  1.00 7.66  ? 114 SER A O   1 
ATOM   724  C CB  . SER A 1 92  ? 6.992   0.572   16.569  1.00 6.31  ? 114 SER A CB  1 
ATOM   725  O OG  . SER A 1 92  ? 7.824   -0.300  15.826  1.00 6.77  ? 114 SER A OG  1 
ATOM   726  N N   . ASN A 1 93  ? 9.874   0.250   18.035  1.00 6.01  ? 115 ASN A N   1 
ATOM   727  C CA  . ASN A 1 93  ? 11.283  0.611   17.883  1.00 6.24  ? 115 ASN A CA  1 
ATOM   728  C C   . ASN A 1 93  ? 11.650  0.939   16.441  1.00 5.51  ? 115 ASN A C   1 
ATOM   729  O O   . ASN A 1 93  ? 12.650  1.586   16.191  1.00 6.75  ? 115 ASN A O   1 
ATOM   730  C CB  . ASN A 1 93  ? 12.216  -0.548  18.260  1.00 5.82  ? 115 ASN A CB  1 
ATOM   731  C CG  . ASN A 1 93  ? 12.374  -0.769  19.754  1.00 5.41  ? 115 ASN A CG  1 
ATOM   732  O OD1 . ASN A 1 93  ? 12.061  0.107   20.583  1.00 6.22  ? 115 ASN A OD1 1 
ATOM   733  N ND2 . ASN A 1 93  ? 12.902  -1.928  20.112  1.00 5.89  ? 115 ASN A ND2 1 
ATOM   734  N N   . THR A 1 94  ? 10.902  0.393   15.481  1.00 6.27  ? 116 THR A N   1 
ATOM   735  C CA  . THR A 1 94  ? 11.419  0.178   14.110  1.00 6.59  ? 116 THR A CA  1 
ATOM   736  C C   . THR A 1 94  ? 10.694  1.050   13.081  1.00 6.56  ? 116 THR A C   1 
ATOM   737  O O   . THR A 1 94  ? 9.623   1.605   13.362  1.00 6.57  ? 116 THR A O   1 
ATOM   738  C CB  . THR A 1 94  ? 11.309  -1.304  13.727  1.00 6.80  ? 116 THR A CB  1 
ATOM   739  O OG1 . THR A 1 94  ? 9.948   -1.689  13.890  1.00 8.09  ? 116 THR A OG1 1 
ATOM   740  C CG2 . THR A 1 94  ? 12.209  -2.188  14.612  1.00 8.05  ? 116 THR A CG2 1 
ATOM   741  N N   . SER A 1 95  ? 11.278  1.161   11.882  1.00 6.58  ? 117 SER A N   1 
ATOM   742  C CA  . SER A 1 95  ? 10.896  2.192   10.924  1.00 6.90  ? 117 SER A CA  1 
ATOM   743  C C   . SER A 1 95  ? 10.294  1.671   9.622   1.00 7.19  ? 117 SER A C   1 
ATOM   744  O O   . SER A 1 95  ? 9.905   2.473   8.780   1.00 8.38  ? 117 SER A O   1 
ATOM   745  C CB  . SER A 1 95  ? 12.127  3.024   10.585  1.00 7.09  ? 117 SER A CB  1 
ATOM   746  O OG  . SER A 1 95  ? 13.105  2.197   9.988   1.00 8.56  ? 117 SER A OG  1 
ATOM   747  N N   . HIS A 1 96  ? 10.260  0.358   9.424   1.00 6.47  ? 118 HIS A N   1 
ATOM   748  C CA  . HIS A 1 96  ? 9.883   -0.218  8.133   1.00 6.72  ? 118 HIS A CA  1 
ATOM   749  C C   . HIS A 1 96  ? 8.588   -1.007  8.235   1.00 5.88  ? 118 HIS A C   1 
ATOM   750  O O   . HIS A 1 96  ? 8.428   -1.897  9.050   1.00 7.28  ? 118 HIS A O   1 
ATOM   751  C CB  . HIS A 1 96  ? 11.023  -1.075  7.593   1.00 7.85  ? 118 HIS A CB  1 
ATOM   752  C CG  . HIS A 1 96  ? 12.131  -0.281  6.975   1.00 7.66  ? 118 HIS A CG  1 
ATOM   753  N ND1 . HIS A 1 96  ? 12.735  0.785   7.609   1.00 9.36  ? 118 HIS A ND1 1 
ATOM   754  C CD2 . HIS A 1 96  ? 12.751  -0.404  5.778   1.00 11.96 ? 118 HIS A CD2 1 
ATOM   755  C CE1 . HIS A 1 96  ? 13.671  1.287   6.823   1.00 9.52  ? 118 HIS A CE1 1 
ATOM   756  N NE2 . HIS A 1 96  ? 13.706  0.578   5.713   1.00 11.06 ? 118 HIS A NE2 1 
ATOM   757  N N   . TYR A 1 97  ? 7.638   -0.654  7.380   1.00 5.77  ? 119 TYR A N   1 
ATOM   758  C CA  . TYR A 1 97  ? 6.305   -1.242  7.416   1.00 5.76  ? 119 TYR A CA  1 
ATOM   759  C C   . TYR A 1 97  ? 5.858   -1.584  5.989   1.00 5.73  ? 119 TYR A C   1 
ATOM   760  O O   . TYR A 1 97  ? 6.693   -1.609  5.067   1.00 6.65  ? 119 TYR A O   1 
ATOM   761  C CB  . TYR A 1 97  ? 5.315   -0.302  8.132   1.00 5.97  ? 119 TYR A CB  1 
ATOM   762  C CG  . TYR A 1 97  ? 5.745   -0.005  9.562   1.00 5.88  ? 119 TYR A CG  1 
ATOM   763  C CD1 . TYR A 1 97  ? 5.494   -0.916  10.575  1.00 5.39  ? 119 TYR A CD1 1 
ATOM   764  C CD2 . TYR A 1 97  ? 6.423   1.170   9.892   1.00 6.05  ? 119 TYR A CD2 1 
ATOM   765  C CE1 . TYR A 1 97  ? 5.896   -0.686  11.877  1.00 5.91  ? 119 TYR A CE1 1 
ATOM   766  C CE2 . TYR A 1 97  ? 6.837   1.427   11.203  1.00 6.39  ? 119 TYR A CE2 1 
ATOM   767  C CZ  . TYR A 1 97  ? 6.549   0.494   12.180  1.00 5.94  ? 119 TYR A CZ  1 
ATOM   768  O OH  . TYR A 1 97  ? 6.922   0.702   13.491  1.00 7.54  ? 119 TYR A OH  1 
ATOM   769  N N   . ASP A 1 98  ? 4.570   -1.858  5.799   1.00 5.43  ? 120 ASP A N   1 
ATOM   770  C CA  . ASP A 1 98  ? 3.995   -1.836  4.456   1.00 5.32  ? 120 ASP A CA  1 
ATOM   771  C C   . ASP A 1 98  ? 3.529   -0.401  4.204   1.00 4.30  ? 120 ASP A C   1 
ATOM   772  O O   . ASP A 1 98  ? 3.813   0.516   4.998   1.00 5.44  ? 120 ASP A O   1 
ATOM   773  C CB  . ASP A 1 98  ? 2.812   -2.791  4.350   1.00 5.38  ? 120 ASP A CB  1 
ATOM   774  C CG  . ASP A 1 98  ? 3.187   -4.240  4.603   1.00 5.93  ? 120 ASP A CG  1 
ATOM   775  O OD1 . ASP A 1 98  ? 4.390   -4.617  4.519   1.00 7.12  ? 120 ASP A OD1 1 
ATOM   776  O OD2 . ASP A 1 98  ? 2.228   -5.012  4.881   1.00 8.03  ? 120 ASP A OD2 1 
ATOM   777  N N   . THR A 1 99  ? 2.834   -0.147  3.104   1.00 4.74  ? 121 THR A N   1 
ATOM   778  C CA  . THR A 1 99  ? 2.218   1.161   2.911   1.00 5.30  ? 121 THR A CA  1 
ATOM   779  C C   . THR A 1 99  ? 0.796   1.040   2.434   1.00 4.46  ? 121 THR A C   1 
ATOM   780  O O   . THR A 1 99  ? 0.406   0.041   1.799   1.00 5.77  ? 121 THR A O   1 
ATOM   781  C CB  . THR A 1 99  ? 3.039   2.064   1.959   1.00 5.73  ? 121 THR A CB  1 
ATOM   782  O OG1 . THR A 1 99  ? 2.601   3.421   2.114   1.00 6.83  ? 121 THR A OG1 1 
ATOM   783  C CG2 . THR A 1 99  ? 2.979   1.639   0.523   1.00 9.14  ? 121 THR A CG2 1 
ATOM   784  N N   . TYR A 1 100 ? 0.019   2.070   2.743   1.00 4.61  ? 122 TYR A N   1 
ATOM   785  C CA  . TYR A 1 100 ? -1.243  2.284   2.055   1.00 5.20  ? 122 TYR A CA  1 
ATOM   786  C C   . TYR A 1 100 ? -1.020  3.368   1.021   1.00 5.18  ? 122 TYR A C   1 
ATOM   787  O O   . TYR A 1 100 ? -0.127  4.219   1.163   1.00 6.03  ? 122 TYR A O   1 
ATOM   788  C CB  . TYR A 1 100 ? -2.355  2.646   3.060   1.00 4.97  ? 122 TYR A CB  1 
ATOM   789  C CG  . TYR A 1 100 ? -2.532  1.537   4.038   1.00 4.73  ? 122 TYR A CG  1 
ATOM   790  C CD1 . TYR A 1 100 ? -3.282  0.412   3.693   1.00 5.51  ? 122 TYR A CD1 1 
ATOM   791  C CD2 . TYR A 1 100 ? -1.926  1.569   5.293   1.00 5.45  ? 122 TYR A CD2 1 
ATOM   792  C CE1 . TYR A 1 100 ? -3.435  -0.646  4.569   1.00 4.88  ? 122 TYR A CE1 1 
ATOM   793  C CE2 . TYR A 1 100 ? -2.067  0.511   6.176   1.00 5.80  ? 122 TYR A CE2 1 
ATOM   794  C CZ  . TYR A 1 100 ? -2.805  -0.602  5.788   1.00 5.33  ? 122 TYR A CZ  1 
ATOM   795  O OH  . TYR A 1 100 ? -2.954  -1.707  6.594   1.00 6.74  ? 122 TYR A OH  1 
ATOM   796  N N   . CYS A 1 101 ? -1.842  3.348   -0.026  1.00 5.52  ? 123 CYS A N   1 
ATOM   797  C CA  . CYS A 1 101 ? -1.815  4.358   -1.078  1.00 5.96  ? 123 CYS A CA  1 
ATOM   798  C C   . CYS A 1 101 ? -3.238  4.714   -1.434  1.00 5.62  ? 123 CYS A C   1 
ATOM   799  O O   . CYS A 1 101 ? -4.158  3.912   -1.230  1.00 5.84  ? 123 CYS A O   1 
ATOM   800  C CB  . CYS A 1 101 ? -1.114  3.835   -2.324  1.00 6.18  ? 123 CYS A CB  1 
ATOM   801  S SG  . CYS A 1 101 ? 0.641   3.483   -2.143  1.00 8.86  ? 123 CYS A SG  1 
ATOM   802  N N   . PHE A 1 102 ? -3.427  5.917   -1.954  1.00 5.25  ? 124 PHE A N   1 
ATOM   803  C CA  . PHE A 1 102 ? -4.733  6.428   -2.322  1.00 5.54  ? 124 PHE A CA  1 
ATOM   804  C C   . PHE A 1 102 ? -4.705  6.950   -3.752  1.00 5.79  ? 124 PHE A C   1 
ATOM   805  O O   . PHE A 1 102 ? -3.931  7.854   -4.079  1.00 5.76  ? 124 PHE A O   1 
ATOM   806  C CB  . PHE A 1 102 ? -5.180  7.554   -1.374  1.00 5.83  ? 124 PHE A CB  1 
ATOM   807  C CG  . PHE A 1 102 ? -6.348  8.314   -1.897  1.00 5.62  ? 124 PHE A CG  1 
ATOM   808  C CD1 . PHE A 1 102 ? -7.587  7.690   -1.997  1.00 6.32  ? 124 PHE A CD1 1 
ATOM   809  C CD2 . PHE A 1 102 ? -6.212  9.610   -2.378  1.00 7.88  ? 124 PHE A CD2 1 
ATOM   810  C CE1 . PHE A 1 102 ? -8.686  8.348   -2.543  1.00 6.93  ? 124 PHE A CE1 1 
ATOM   811  C CE2 . PHE A 1 102 ? -7.315  10.284  -2.925  1.00 8.11  ? 124 PHE A CE2 1 
ATOM   812  C CZ  . PHE A 1 102 ? -8.554  9.658   -3.001  1.00 7.42  ? 124 PHE A CZ  1 
ATOM   813  N N   A ASN A 1 103 ? -5.584  6.373   -4.575  0.50 6.05  ? 125 ASN A N   1 
ATOM   814  N N   B ASN A 1 103 ? -5.538  6.355   -4.602  0.50 6.28  ? 125 ASN A N   1 
ATOM   815  C CA  A ASN A 1 103 ? -5.747  6.697   -5.989  0.50 6.61  ? 125 ASN A CA  1 
ATOM   816  C CA  B ASN A 1 103 ? -5.681  6.829   -5.965  0.50 6.89  ? 125 ASN A CA  1 
ATOM   817  C C   A ASN A 1 103 ? -7.103  7.391   -6.170  0.50 6.94  ? 125 ASN A C   1 
ATOM   818  C C   B ASN A 1 103 ? -7.067  7.406   -6.163  0.50 7.14  ? 125 ASN A C   1 
ATOM   819  O O   A ASN A 1 103 ? -8.136  6.725   -6.124  0.50 6.59  ? 125 ASN A O   1 
ATOM   820  O O   B ASN A 1 103 ? -8.069  6.692   -6.127  0.50 6.71  ? 125 ASN A O   1 
ATOM   821  C CB  A ASN A 1 103 ? -5.696  5.395   -6.814  0.50 6.69  ? 125 ASN A CB  1 
ATOM   822  C CB  B ASN A 1 103 ? -5.402  5.730   -6.982  0.50 7.49  ? 125 ASN A CB  1 
ATOM   823  C CG  A ASN A 1 103 ? -6.076  5.606   -8.275  0.50 7.90  ? 125 ASN A CG  1 
ATOM   824  C CG  B ASN A 1 103 ? -5.243  6.285   -8.374  0.50 7.75  ? 125 ASN A CG  1 
ATOM   825  O OD1 A ASN A 1 103 ? -6.095  6.723   -8.765  0.50 7.71  ? 125 ASN A OD1 1 
ATOM   826  O OD1 B ASN A 1 103 ? -5.821  7.320   -8.704  0.50 9.62  ? 125 ASN A OD1 1 
ATOM   827  N ND2 A ASN A 1 103 ? -6.411  4.520   -8.963  0.50 8.89  ? 125 ASN A ND2 1 
ATOM   828  N ND2 B ASN A 1 103 ? -4.419  5.640   -9.182  0.50 9.44  ? 125 ASN A ND2 1 
ATOM   829  N N   . ALA A 1 104 ? -7.115  8.717   -6.348  1.00 7.99  ? 126 ALA A N   1 
ATOM   830  C CA  . ALA A 1 104 ? -8.380  9.441   -6.488  1.00 9.38  ? 126 ALA A CA  1 
ATOM   831  C C   . ALA A 1 104 ? -9.219  9.011   -7.683  1.00 10.21 ? 126 ALA A C   1 
ATOM   832  O O   . ALA A 1 104 ? -10.434 9.185   -7.670  1.00 11.52 ? 126 ALA A O   1 
ATOM   833  C CB  . ALA A 1 104 ? -8.141  10.954  -6.520  1.00 11.31 ? 126 ALA A CB  1 
ATOM   834  N N   A SER A 1 105 ? -8.575  8.431   -8.692  0.50 9.84  ? 127 SER A N   1 
ATOM   835  N N   B SER A 1 105 ? -8.592  8.433   -8.705  0.50 9.89  ? 127 SER A N   1 
ATOM   836  C CA  A SER A 1 105 ? -9.259  8.035   -9.918  0.50 10.49 ? 127 SER A CA  1 
ATOM   837  C CA  B SER A 1 105 ? -9.327  8.043   -9.910  0.50 10.59 ? 127 SER A CA  1 
ATOM   838  C C   A SER A 1 105 ? -9.934  6.662   -9.835  0.50 10.34 ? 127 SER A C   1 
ATOM   839  C C   B SER A 1 105 ? -9.926  6.639   -9.846  0.50 10.43 ? 127 SER A C   1 
ATOM   840  O O   A SER A 1 105 ? -10.631 6.263   -10.762 0.50 10.72 ? 127 SER A O   1 
ATOM   841  O O   B SER A 1 105 ? -10.545 6.187   -10.803 0.50 10.95 ? 127 SER A O   1 
ATOM   842  C CB  A SER A 1 105 ? -8.295  8.114   -11.110 0.50 11.04 ? 127 SER A CB  1 
ATOM   843  C CB  B SER A 1 105 ? -8.449  8.194   -11.154 0.50 11.17 ? 127 SER A CB  1 
ATOM   844  O OG  A SER A 1 105 ? -7.881  9.454   -11.340 0.50 12.47 ? 127 SER A OG  1 
ATOM   845  O OG  B SER A 1 105 ? -7.470  7.179   -11.208 0.50 13.01 ? 127 SER A OG  1 
ATOM   846  N N   . ALA A 1 106 ? -9.761  5.955   -8.721  1.00 10.19 ? 128 ALA A N   1 
ATOM   847  C CA  . ALA A 1 106 ? -10.373 4.647   -8.531  1.00 9.90  ? 128 ALA A CA  1 
ATOM   848  C C   . ALA A 1 106 ? -11.892 4.781   -8.347  1.00 9.60  ? 128 ALA A C   1 
ATOM   849  O O   . ALA A 1 106 ? -12.389 5.883   -8.116  1.00 9.48  ? 128 ALA A O   1 
ATOM   850  C CB  . ALA A 1 106 ? -9.757  3.970   -7.307  1.00 10.33 ? 128 ALA A CB  1 
ATOM   851  N N   . PRO A 1 107 ? -12.642 3.676   -8.448  1.00 9.26  ? 129 PRO A N   1 
ATOM   852  C CA  . PRO A 1 107 ? -14.075 3.707   -8.159  1.00 9.31  ? 129 PRO A CA  1 
ATOM   853  C C   . PRO A 1 107 ? -14.360 4.091   -6.693  1.00 9.17  ? 129 PRO A C   1 
ATOM   854  O O   . PRO A 1 107 ? -13.495 3.956   -5.822  1.00 8.35  ? 129 PRO A O   1 
ATOM   855  C CB  . PRO A 1 107 ? -14.519 2.272   -8.471  1.00 9.32  ? 129 PRO A CB  1 
ATOM   856  C CG  . PRO A 1 107 ? -13.500 1.764   -9.453  1.00 10.51 ? 129 PRO A CG  1 
ATOM   857  C CD  . PRO A 1 107 ? -12.217 2.358   -8.953  1.00 10.34 ? 129 PRO A CD  1 
ATOM   858  N N   . PRO A 1 108 ? -15.581 4.548   -6.401  1.00 8.23  ? 130 PRO A N   1 
ATOM   859  C CA  . PRO A 1 108 ? -15.852 5.089   -5.056  1.00 8.09  ? 130 PRO A CA  1 
ATOM   860  C C   . PRO A 1 108 ? -15.991 4.041   -3.970  1.00 8.11  ? 130 PRO A C   1 
ATOM   861  O O   . PRO A 1 108 ? -15.835 4.367   -2.788  1.00 8.06  ? 130 PRO A O   1 
ATOM   862  C CB  . PRO A 1 108 ? -17.196 5.830   -5.227  1.00 8.16  ? 130 PRO A CB  1 
ATOM   863  C CG  . PRO A 1 108 ? -17.857 5.115   -6.421  1.00 8.51  ? 130 PRO A CG  1 
ATOM   864  C CD  . PRO A 1 108 ? -16.688 4.808   -7.338  1.00 8.77  ? 130 PRO A CD  1 
ATOM   865  N N   . GLU A 1 109 ? -16.275 2.794   -4.331  1.00 8.27  ? 131 GLU A N   1 
ATOM   866  C CA  . GLU A 1 109 ? -16.522 1.789   -3.310  1.00 9.05  ? 131 GLU A CA  1 
ATOM   867  C C   . GLU A 1 109 ? -15.481 0.671   -3.423  1.00 8.54  ? 131 GLU A C   1 
ATOM   868  O O   . GLU A 1 109 ? -14.290 0.955   -3.536  1.00 8.30  ? 131 GLU A O   1 
ATOM   869  C CB  . GLU A 1 109 ? -17.997 1.350   -3.321  1.00 10.63 ? 131 GLU A CB  1 
ATOM   870  C CG  . GLU A 1 109 ? -18.900 2.581   -3.115  1.00 14.20 ? 131 GLU A CG  1 
ATOM   871  C CD  . GLU A 1 109 ? -20.313 2.252   -2.729  1.00 19.28 ? 131 GLU A CD  1 
ATOM   872  O OE1 . GLU A 1 109 ? -21.007 1.625   -3.550  1.00 21.76 ? 131 GLU A OE1 1 
ATOM   873  O OE2 . GLU A 1 109 ? -20.725 2.649   -1.611  1.00 22.11 ? 131 GLU A OE2 1 
ATOM   874  N N   . GLU A 1 110 ? -15.887 -0.594  -3.410  1.00 9.21  ? 132 GLU A N   1 
ATOM   875  C CA  . GLU A 1 110 ? -14.919 -1.692  -3.495  1.00 10.25 ? 132 GLU A CA  1 
ATOM   876  C C   . GLU A 1 110 ? -14.560 -1.943  -4.946  1.00 9.47  ? 132 GLU A C   1 
ATOM   877  O O   . GLU A 1 110 ? -15.458 -2.116  -5.776  1.00 10.62 ? 132 GLU A O   1 
ATOM   878  C CB  . GLU A 1 110 ? -15.523 -2.956  -2.893  1.00 11.57 ? 132 GLU A CB  1 
ATOM   879  C CG  . GLU A 1 110 ? -14.623 -4.190  -2.955  1.00 15.01 ? 132 GLU A CG  1 
ATOM   880  C CD  . GLU A 1 110 ? -15.339 -5.428  -2.434  1.00 18.72 ? 132 GLU A CD  1 
ATOM   881  O OE1 . GLU A 1 110 ? -16.295 -5.889  -3.094  1.00 22.88 ? 132 GLU A OE1 1 
ATOM   882  O OE2 . GLU A 1 110 ? -14.946 -5.922  -1.360  1.00 21.00 ? 132 GLU A OE2 1 
ATOM   883  N N   . ASP A 1 111 ? -13.278 -1.955  -5.269  1.00 9.04  ? 133 ASP A N   1 
ATOM   884  C CA  . ASP A 1 111 ? -12.805 -2.316  -6.594  1.00 9.94  ? 133 ASP A CA  1 
ATOM   885  C C   . ASP A 1 111 ? -11.820 -3.453  -6.456  1.00 10.08 ? 133 ASP A C   1 
ATOM   886  O O   . ASP A 1 111 ? -10.648 -3.267  -6.098  1.00 9.29  ? 133 ASP A O   1 
ATOM   887  C CB  . ASP A 1 111 ? -12.162 -1.117  -7.304  1.00 9.17  ? 133 ASP A CB  1 
ATOM   888  C CG  . ASP A 1 111 ? -11.641 -1.465  -8.687  1.00 9.98  ? 133 ASP A CG  1 
ATOM   889  O OD1 . ASP A 1 111 ? -11.973 -2.571  -9.188  1.00 11.83 ? 133 ASP A OD1 1 
ATOM   890  O OD2 . ASP A 1 111 ? -10.890 -0.657  -9.266  1.00 11.56 ? 133 ASP A OD2 1 
ATOM   891  N N   . CYS A 1 112 ? -12.308 -4.660  -6.702  1.00 11.36 ? 134 CYS A N   1 
ATOM   892  C CA  . CYS A 1 112 ? -11.465 -5.826  -6.559  1.00 12.75 ? 134 CYS A CA  1 
ATOM   893  C C   . CYS A 1 112 ? -11.004 -6.336  -7.899  1.00 12.73 ? 134 CYS A C   1 
ATOM   894  O O   . CYS A 1 112 ? -10.668 -7.516  -8.023  1.00 13.88 ? 134 CYS A O   1 
ATOM   895  C CB  . CYS A 1 112 ? -12.151 -6.921  -5.735  1.00 14.22 ? 134 CYS A CB  1 
ATOM   896  S SG  . CYS A 1 112 ? -12.057 -6.598  -3.959  1.00 16.61 ? 134 CYS A SG  1 
ATOM   897  N N   . THR A 1 113 ? -10.968 -5.465  -8.899  1.00 11.53 ? 135 THR A N   1 
ATOM   898  C CA  . THR A 1 113 ? -10.321 -5.796  -10.156 1.00 11.66 ? 135 THR A CA  1 
ATOM   899  C C   . THR A 1 113 ? -8.815  -5.755  -9.937  1.00 11.31 ? 135 THR A C   1 
ATOM   900  O O   . THR A 1 113 ? -8.335  -5.143  -8.943  1.00 12.67 ? 135 THR A O   1 
ATOM   901  C CB  . THR A 1 113 ? -10.726 -4.847  -11.290 1.00 10.87 ? 135 THR A CB  1 
ATOM   902  O OG1 . THR A 1 113 ? -10.354 -3.504  -10.939 1.00 11.87 ? 135 THR A OG1 1 
ATOM   903  C CG2 . THR A 1 113 ? -12.232 -4.936  -11.528 1.00 13.24 ? 135 THR A CG2 1 
ATOM   904  N N   A SER A 1 114 ? -8.067  -6.396  -10.827 0.50 11.49 ? 136 SER A N   1 
ATOM   905  N N   B SER A 1 114 ? -8.061  -6.379  -10.840 0.50 11.24 ? 136 SER A N   1 
ATOM   906  C CA  A SER A 1 114 ? -6.623  -6.419  -10.724 0.50 12.01 ? 136 SER A CA  1 
ATOM   907  C CA  B SER A 1 114 ? -6.613  -6.462  -10.717 0.50 11.51 ? 136 SER A CA  1 
ATOM   908  C C   A SER A 1 114 ? -6.007  -5.087  -11.089 0.50 12.15 ? 136 SER A C   1 
ATOM   909  C C   B SER A 1 114 ? -5.885  -5.234  -11.261 0.50 12.09 ? 136 SER A C   1 
ATOM   910  O O   A SER A 1 114 ? -6.599  -4.273  -11.801 0.50 12.39 ? 136 SER A O   1 
ATOM   911  O O   B SER A 1 114 ? -6.286  -4.622  -12.262 0.50 12.22 ? 136 SER A O   1 
ATOM   912  C CB  A SER A 1 114 ? -6.043  -7.516  -11.606 0.50 12.27 ? 136 SER A CB  1 
ATOM   913  C CB  B SER A 1 114 ? -6.089  -7.746  -11.366 0.50 11.43 ? 136 SER A CB  1 
ATOM   914  O OG  A SER A 1 114 ? -6.173  -8.764  -10.965 0.50 13.46 ? 136 SER A OG  1 
ATOM   915  O OG  B SER A 1 114 ? -6.659  -7.946  -12.647 0.50 11.02 ? 136 SER A OG  1 
ATOM   916  N N   . VAL A 1 115 ? -4.798  -4.886  -10.577 1.00 12.05 ? 137 VAL A N   1 
ATOM   917  C CA  . VAL A 1 115 ? -3.937  -3.762  -10.959 1.00 13.07 ? 137 VAL A CA  1 
ATOM   918  C C   . VAL A 1 115 ? -3.001  -4.287  -12.042 1.00 14.73 ? 137 VAL A C   1 
ATOM   919  O O   . VAL A 1 115 ? -2.332  -5.295  -11.856 1.00 14.06 ? 137 VAL A O   1 
ATOM   920  C CB  . VAL A 1 115 ? -3.138  -3.241  -9.735  1.00 12.40 ? 137 VAL A CB  1 
ATOM   921  C CG1 . VAL A 1 115 ? -2.199  -2.114  -10.142 1.00 12.88 ? 137 VAL A CG1 1 
ATOM   922  C CG2 . VAL A 1 115 ? -4.087  -2.772  -8.651  1.00 12.46 ? 137 VAL A CG2 1 
ATOM   923  N N   . THR A 1 116 ? -2.968  -3.597  -13.181 1.00 17.26 ? 138 THR A N   1 
ATOM   924  C CA  . THR A 1 116 ? -2.224  -4.073  -14.349 1.00 19.74 ? 138 THR A CA  1 
ATOM   925  C C   . THR A 1 116 ? -1.195  -3.066  -14.861 1.00 19.83 ? 138 THR A C   1 
ATOM   926  O O   . THR A 1 116 ? -0.704  -3.193  -15.985 1.00 20.46 ? 138 THR A O   1 
ATOM   927  C CB  . THR A 1 116 ? -3.170  -4.454  -15.523 1.00 20.37 ? 138 THR A CB  1 
ATOM   928  O OG1 . THR A 1 116 ? -4.186  -3.454  -15.681 1.00 23.20 ? 138 THR A OG1 1 
ATOM   929  C CG2 . THR A 1 116 ? -3.815  -5.810  -15.280 1.00 21.75 ? 138 THR A CG2 1 
ATOM   930  N N   . ASP A 1 117 ? -0.875  -2.066  -14.049 1.00 20.10 ? 139 ASP A N   1 
ATOM   931  C CA  . ASP A 1 117 ? 0.088   -1.043  -14.455 1.00 21.03 ? 139 ASP A CA  1 
ATOM   932  C C   . ASP A 1 117 ? 0.713   -0.389  -13.247 1.00 20.59 ? 139 ASP A C   1 
ATOM   933  O O   . ASP A 1 117 ? 0.113   -0.321  -12.169 1.00 20.59 ? 139 ASP A O   1 
ATOM   934  C CB  . ASP A 1 117 ? -0.578  0.034   -15.329 1.00 21.95 ? 139 ASP A CB  1 
ATOM   935  C CG  . ASP A 1 117 ? 0.425   0.798   -16.212 1.00 24.17 ? 139 ASP A CG  1 
ATOM   936  O OD1 . ASP A 1 117 ? 1.662   0.597   -16.100 1.00 27.44 ? 139 ASP A OD1 1 
ATOM   937  O OD2 . ASP A 1 117 ? -0.037  1.608   -17.042 1.00 28.43 ? 139 ASP A OD2 1 
ATOM   938  N N   . LEU A 1 118 ? 1.941   0.078   -13.439 1.00 19.93 ? 140 LEU A N   1 
ATOM   939  C CA  . LEU A 1 118 ? 2.606   0.938   -12.486 1.00 18.72 ? 140 LEU A CA  1 
ATOM   940  C C   . LEU A 1 118 ? 2.915   2.210   -13.272 1.00 18.17 ? 140 LEU A C   1 
ATOM   941  O O   . LEU A 1 118 ? 4.047   2.401   -13.741 1.00 17.90 ? 140 LEU A O   1 
ATOM   942  C CB  . LEU A 1 118 ? 3.870   0.254   -11.956 1.00 18.85 ? 140 LEU A CB  1 
ATOM   943  C CG  . LEU A 1 118 ? 4.703   0.986   -10.897 1.00 18.71 ? 140 LEU A CG  1 
ATOM   944  C CD1 . LEU A 1 118 ? 3.922   1.148   -9.591  1.00 19.85 ? 140 LEU A CD1 1 
ATOM   945  C CD2 . LEU A 1 118 ? 6.020   0.285   -10.633 1.00 19.67 ? 140 LEU A CD2 1 
ATOM   946  N N   . PRO A 1 119 ? 1.900   3.074   -13.448 1.00 17.09 ? 141 PRO A N   1 
ATOM   947  C CA  . PRO A 1 119 ? 1.914   4.052   -14.541 1.00 16.90 ? 141 PRO A CA  1 
ATOM   948  C C   . PRO A 1 119 ? 2.976   5.135   -14.420 1.00 16.15 ? 141 PRO A C   1 
ATOM   949  O O   . PRO A 1 119 ? 3.325   5.770   -15.417 1.00 16.03 ? 141 PRO A O   1 
ATOM   950  C CB  . PRO A 1 119 ? 0.515   4.677   -14.462 1.00 17.21 ? 141 PRO A CB  1 
ATOM   951  C CG  . PRO A 1 119 ? 0.086   4.459   -13.055 1.00 17.73 ? 141 PRO A CG  1 
ATOM   952  C CD  . PRO A 1 119 ? 0.656   3.158   -12.650 1.00 17.11 ? 141 PRO A CD  1 
ATOM   953  N N   . ASN A 1 120 ? 3.505   5.340   -13.224 1.00 14.37 ? 142 ASN A N   1 
ATOM   954  C CA  . ASN A 1 120 ? 4.385   6.464   -12.993 1.00 14.14 ? 142 ASN A CA  1 
ATOM   955  C C   . ASN A 1 120 ? 5.754   6.053   -12.468 1.00 13.10 ? 142 ASN A C   1 
ATOM   956  O O   . ASN A 1 120 ? 6.474   6.864   -11.889 1.00 14.15 ? 142 ASN A O   1 
ATOM   957  C CB  . ASN A 1 120 ? 3.710   7.467   -12.063 1.00 14.14 ? 142 ASN A CB  1 
ATOM   958  C CG  . ASN A 1 120 ? 4.289   8.836   -12.183 1.00 15.67 ? 142 ASN A CG  1 
ATOM   959  O OD1 . ASN A 1 120 ? 4.710   9.251   -13.277 1.00 17.56 ? 142 ASN A OD1 1 
ATOM   960  N ND2 . ASN A 1 120 ? 4.351   9.552   -11.074 1.00 16.31 ? 142 ASN A ND2 1 
ATOM   961  N N   . SER A 1 121 ? 6.103   4.787   -12.679 1.00 12.69 ? 143 SER A N   1 
ATOM   962  C CA  . SER A 1 121 ? 7.478   4.334   -12.481 1.00 12.38 ? 143 SER A CA  1 
ATOM   963  C C   . SER A 1 121 ? 8.392   5.034   -13.483 1.00 11.60 ? 143 SER A C   1 
ATOM   964  O O   . SER A 1 121 ? 7.944   5.424   -14.562 1.00 11.87 ? 143 SER A O   1 
ATOM   965  C CB  . SER A 1 121 ? 7.554   2.817   -12.687 1.00 12.72 ? 143 SER A CB  1 
ATOM   966  O OG  . SER A 1 121 ? 7.355   2.489   -14.036 1.00 17.18 ? 143 SER A OG  1 
ATOM   967  N N   . PHE A 1 122 ? 9.655   5.197   -13.127 1.00 10.87 ? 144 PHE A N   1 
ATOM   968  C CA  . PHE A 1 122 ? 10.585  5.827   -14.044 1.00 10.72 ? 144 PHE A CA  1 
ATOM   969  C C   . PHE A 1 122 ? 11.575  4.801   -14.540 1.00 10.85 ? 144 PHE A C   1 
ATOM   970  O O   . PHE A 1 122 ? 11.596  3.658   -14.066 1.00 10.89 ? 144 PHE A O   1 
ATOM   971  C CB  . PHE A 1 122 ? 11.218  7.111   -13.459 1.00 11.46 ? 144 PHE A CB  1 
ATOM   972  C CG  . PHE A 1 122 ? 11.792  6.975   -12.068 1.00 11.62 ? 144 PHE A CG  1 
ATOM   973  C CD1 . PHE A 1 122 ? 13.112  6.569   -11.887 1.00 12.64 ? 144 PHE A CD1 1 
ATOM   974  C CD2 . PHE A 1 122 ? 11.041  7.318   -10.939 1.00 12.31 ? 144 PHE A CD2 1 
ATOM   975  C CE1 . PHE A 1 122 ? 13.670  6.463   -10.607 1.00 13.41 ? 144 PHE A CE1 1 
ATOM   976  C CE2 . PHE A 1 122 ? 11.593  7.220   -9.653  1.00 12.89 ? 144 PHE A CE2 1 
ATOM   977  C CZ  . PHE A 1 122 ? 12.902  6.785   -9.486  1.00 13.77 ? 144 PHE A CZ  1 
ATOM   978  N N   . ASP A 1 123 ? 12.383  5.174   -15.532 1.00 10.40 ? 145 ASP A N   1 
ATOM   979  C CA  . ASP A 1 123 ? 13.299  4.197   -16.098 1.00 10.74 ? 145 ASP A CA  1 
ATOM   980  C C   . ASP A 1 123 ? 14.302  3.725   -15.058 1.00 10.28 ? 145 ASP A C   1 
ATOM   981  O O   . ASP A 1 123 ? 14.680  4.471   -14.164 1.00 11.37 ? 145 ASP A O   1 
ATOM   982  C CB  . ASP A 1 123 ? 14.022  4.717   -17.333 1.00 12.03 ? 145 ASP A CB  1 
ATOM   983  C CG  . ASP A 1 123 ? 14.510  3.573   -18.227 1.00 15.05 ? 145 ASP A CG  1 
ATOM   984  O OD1 . ASP A 1 123 ? 15.259  3.825   -19.162 1.00 17.40 ? 145 ASP A OD1 1 
ATOM   985  O OD2 . ASP A 1 123 ? 14.143  2.398   -18.005 1.00 18.19 ? 145 ASP A OD2 1 
ATOM   986  N N   . GLY A 1 124 ? 14.707  2.469   -15.184 1.00 10.79 ? 146 GLY A N   1 
ATOM   987  C CA  . GLY A 1 124 ? 15.604  1.874   -14.221 1.00 11.82 ? 146 GLY A CA  1 
ATOM   988  C C   . GLY A 1 124 ? 15.864  0.419   -14.539 1.00 12.17 ? 146 GLY A C   1 
ATOM   989  O O   . GLY A 1 124 ? 15.282  -0.128  -15.475 1.00 12.59 ? 146 GLY A O   1 
ATOM   990  N N   . PRO A 1 125 ? 16.718  -0.220  -13.735 1.00 13.31 ? 147 PRO A N   1 
ATOM   991  C CA  . PRO A 1 125 ? 17.198  -1.562  -14.010 1.00 14.07 ? 147 PRO A CA  1 
ATOM   992  C C   . PRO A 1 125 ? 16.437  -2.680  -13.293 1.00 14.07 ? 147 PRO A C   1 
ATOM   993  O O   . PRO A 1 125 ? 16.720  -3.850  -13.539 1.00 15.03 ? 147 PRO A O   1 
ATOM   994  C CB  . PRO A 1 125 ? 18.621  -1.511  -13.464 1.00 14.85 ? 147 PRO A CB  1 
ATOM   995  C CG  . PRO A 1 125 ? 18.525  -0.616  -12.301 1.00 14.80 ? 147 PRO A CG  1 
ATOM   996  C CD  . PRO A 1 125 ? 17.445  0.395   -12.611 1.00 13.96 ? 147 PRO A CD  1 
ATOM   997  N N   . VAL A 1 126 ? 15.491  -2.329  -12.417 1.00 13.33 ? 148 VAL A N   1 
ATOM   998  C CA  . VAL A 1 126 ? 14.793  -3.299  -11.560 1.00 13.31 ? 148 VAL A CA  1 
ATOM   999  C C   . VAL A 1 126 ? 13.612  -3.904  -12.299 1.00 12.06 ? 148 VAL A C   1 
ATOM   1000 O O   . VAL A 1 126 ? 12.823  -3.195  -12.911 1.00 12.63 ? 148 VAL A O   1 
ATOM   1001 C CB  . VAL A 1 126 ? 14.306  -2.632  -10.237 1.00 13.07 ? 148 VAL A CB  1 
ATOM   1002 C CG1 . VAL A 1 126 ? 13.743  -3.676  -9.276  1.00 14.77 ? 148 VAL A CG1 1 
ATOM   1003 C CG2 . VAL A 1 126 ? 15.443  -1.840  -9.573  1.00 15.17 ? 148 VAL A CG2 1 
ATOM   1004 N N   . THR A 1 127 ? 13.480  -5.223  -12.222 1.00 12.11 ? 149 THR A N   1 
ATOM   1005 C CA  . THR A 1 127 ? 12.257  -5.881  -12.671 1.00 12.52 ? 149 THR A CA  1 
ATOM   1006 C C   . THR A 1 127 ? 11.235  -5.768  -11.551 1.00 11.29 ? 149 THR A C   1 
ATOM   1007 O O   . THR A 1 127 ? 11.397  -6.363  -10.478 1.00 11.91 ? 149 THR A O   1 
ATOM   1008 C CB  . THR A 1 127 ? 12.485  -7.350  -13.037 1.00 13.14 ? 149 THR A CB  1 
ATOM   1009 O OG1 . THR A 1 127 ? 13.430  -7.414  -14.112 1.00 15.57 ? 149 THR A OG1 1 
ATOM   1010 C CG2 . THR A 1 127 ? 11.185  -7.992  -13.492 1.00 14.59 ? 149 THR A CG2 1 
ATOM   1011 N N   . ILE A 1 128 ? 10.217  -4.960  -11.797 1.00 10.63 ? 150 ILE A N   1 
ATOM   1012 C CA  . ILE A 1 128 ? 9.181   -4.714  -10.796 1.00 10.16 ? 150 ILE A CA  1 
ATOM   1013 C C   . ILE A 1 128 ? 7.945   -5.491  -11.186 1.00 10.22 ? 150 ILE A C   1 
ATOM   1014 O O   . ILE A 1 128 ? 7.431   -5.333  -12.296 1.00 10.35 ? 150 ILE A O   1 
ATOM   1015 C CB  . ILE A 1 128 ? 8.841   -3.214  -10.710 1.00 10.83 ? 150 ILE A CB  1 
ATOM   1016 C CG1 . ILE A 1 128 ? 10.079  -2.387  -10.358 1.00 11.62 ? 150 ILE A CG1 1 
ATOM   1017 C CG2 . ILE A 1 128 ? 7.742   -2.977  -9.675  1.00 10.74 ? 150 ILE A CG2 1 
ATOM   1018 C CD1 . ILE A 1 128 ? 9.924   -0.902  -10.658 1.00 13.70 ? 150 ILE A CD1 1 
ATOM   1019 N N   . THR A 1 129 ? 7.470   -6.337  -10.278 1.00 8.67  ? 151 THR A N   1 
ATOM   1020 C CA  . THR A 1 129 ? 6.289   -7.141  -10.544 1.00 9.10  ? 151 THR A CA  1 
ATOM   1021 C C   . THR A 1 129 ? 5.149   -6.771  -9.601  1.00 8.13  ? 151 THR A C   1 
ATOM   1022 O O   . THR A 1 129 ? 5.303   -6.830  -8.370  1.00 9.26  ? 151 THR A O   1 
ATOM   1023 C CB  . THR A 1 129 ? 6.614   -8.658  -10.457 1.00 10.04 ? 151 THR A CB  1 
ATOM   1024 O OG1 . THR A 1 129 ? 7.691   -8.954  -11.361 1.00 11.84 ? 151 THR A OG1 1 
ATOM   1025 C CG2 . THR A 1 129 ? 5.404   -9.496  -10.840 1.00 10.96 ? 151 THR A CG2 1 
ATOM   1026 N N   A ILE A 1 130 ? 4.024   -6.373  -10.182 0.50 7.79  ? 152 ILE A N   1 
ATOM   1027 N N   B ILE A 1 130 ? 4.023   -6.364  -10.179 0.50 7.70  ? 152 ILE A N   1 
ATOM   1028 C CA  A ILE A 1 130 ? 2.798   -6.174  -9.434  0.50 8.24  ? 152 ILE A CA  1 
ATOM   1029 C CA  B ILE A 1 130 ? 2.787   -6.177  -9.432  0.50 8.07  ? 152 ILE A CA  1 
ATOM   1030 C C   A ILE A 1 130 ? 2.107   -7.523  -9.323  0.50 7.43  ? 152 ILE A C   1 
ATOM   1031 C C   B ILE A 1 130 ? 2.119   -7.531  -9.322  0.50 7.34  ? 152 ILE A C   1 
ATOM   1032 O O   A ILE A 1 130 ? 1.840   -8.188  -10.348 0.50 7.59  ? 152 ILE A O   1 
ATOM   1033 O O   B ILE A 1 130 ? 1.878   -8.211  -10.344 0.50 7.46  ? 152 ILE A O   1 
ATOM   1034 C CB  A ILE A 1 130 ? 1.866   -5.176  -10.137 0.50 8.73  ? 152 ILE A CB  1 
ATOM   1035 C CB  B ILE A 1 130 ? 1.839   -5.199  -10.149 0.50 8.53  ? 152 ILE A CB  1 
ATOM   1036 C CG1 A ILE A 1 130 ? 2.646   -3.919  -10.542 0.50 10.06 ? 152 ILE A CG1 1 
ATOM   1037 C CG1 B ILE A 1 130 ? 2.433   -3.790  -10.146 0.50 9.94  ? 152 ILE A CG1 1 
ATOM   1038 C CG2 A ILE A 1 130 ? 0.687   -4.840  -9.240  0.50 10.20 ? 152 ILE A CG2 1 
ATOM   1039 C CG2 B ILE A 1 130 ? 0.445   -5.210  -9.507  0.50 9.42  ? 152 ILE A CG2 1 
ATOM   1040 C CD1 A ILE A 1 130 ? 3.417   -3.296  -9.403  0.50 11.95 ? 152 ILE A CD1 1 
ATOM   1041 C CD1 B ILE A 1 130 ? 1.697   -2.864  -11.052 0.50 11.02 ? 152 ILE A CD1 1 
ATOM   1042 N N   . VAL A 1 131 ? 1.859   -7.943  -8.088  1.00 7.07  ? 153 VAL A N   1 
ATOM   1043 C CA  . VAL A 1 131 ? 1.207   -9.213  -7.817  1.00 6.53  ? 153 VAL A CA  1 
ATOM   1044 C C   . VAL A 1 131 ? -0.144  -8.939  -7.175  1.00 6.56  ? 153 VAL A C   1 
ATOM   1045 O O   . VAL A 1 131 ? -0.223  -8.335  -6.089  1.00 6.94  ? 153 VAL A O   1 
ATOM   1046 C CB  . VAL A 1 131 ? 2.070   -10.095 -6.892  1.00 6.63  ? 153 VAL A CB  1 
ATOM   1047 C CG1 . VAL A 1 131 ? 1.480   -11.498 -6.769  1.00 7.05  ? 153 VAL A CG1 1 
ATOM   1048 C CG2 . VAL A 1 131 ? 3.521   -10.148 -7.385  1.00 7.62  ? 153 VAL A CG2 1 
ATOM   1049 N N   . ASN A 1 132 ? -1.213  -9.368  -7.835  1.00 6.00  ? 154 ASN A N   1 
ATOM   1050 C CA  . ASN A 1 132 ? -2.545  -9.268  -7.304  1.00 6.96  ? 154 ASN A CA  1 
ATOM   1051 C C   . ASN A 1 132 ? -2.871  -10.452 -6.416  1.00 6.25  ? 154 ASN A C   1 
ATOM   1052 O O   . ASN A 1 132 ? -2.198  -11.482 -6.468  1.00 6.39  ? 154 ASN A O   1 
ATOM   1053 C CB  . ASN A 1 132 ? -3.530  -9.148  -8.461  1.00 6.92  ? 154 ASN A CB  1 
ATOM   1054 C CG  . ASN A 1 132 ? -3.373  -7.841  -9.185  1.00 7.83  ? 154 ASN A CG  1 
ATOM   1055 O OD1 . ASN A 1 132 ? -3.898  -6.819  -8.734  1.00 7.24  ? 154 ASN A OD1 1 
ATOM   1056 N ND2 . ASN A 1 132 ? -2.629  -7.827  -10.278 1.00 7.30  ? 154 ASN A ND2 1 
ATOM   1057 N N   . ARG A 1 133 ? -3.881  -10.315 -5.571  1.00 6.11  ? 155 ARG A N   1 
ATOM   1058 C CA  . ARG A 1 133 ? -4.212  -11.376 -4.640  1.00 7.05  ? 155 ARG A CA  1 
ATOM   1059 C C   . ARG A 1 133 ? -4.686  -12.632 -5.365  1.00 6.68  ? 155 ARG A C   1 
ATOM   1060 O O   . ARG A 1 133 ? -4.472  -13.746 -4.875  1.00 6.72  ? 155 ARG A O   1 
ATOM   1061 C CB  . ARG A 1 133 ? -5.234  -10.890 -3.602  1.00 8.25  ? 155 ARG A CB  1 
ATOM   1062 C CG  . ARG A 1 133 ? -5.622  -11.883 -2.487  1.00 9.09  ? 155 ARG A CG  1 
ATOM   1063 C CD  . ARG A 1 133 ? -4.503  -12.357 -1.583  1.00 12.77 ? 155 ARG A CD  1 
ATOM   1064 N NE  . ARG A 1 133 ? -3.643  -13.332 -2.249  1.00 14.25 ? 155 ARG A NE  1 
ATOM   1065 C CZ  . ARG A 1 133 ? -2.761  -14.105 -1.632  1.00 14.63 ? 155 ARG A CZ  1 
ATOM   1066 N NH1 . ARG A 1 133 ? -2.023  -14.946 -2.337  1.00 17.38 ? 155 ARG A NH1 1 
ATOM   1067 N NH2 . ARG A 1 133 ? -2.638  -14.048 -0.313  1.00 16.42 ? 155 ARG A NH2 1 
ATOM   1068 N N   . ASP A 1 134 ? -5.285  -12.453 -6.549  1.00 6.44  ? 156 ASP A N   1 
ATOM   1069 C CA  . ASP A 1 134 ? -5.685  -13.601 -7.380  1.00 6.89  ? 156 ASP A CA  1 
ATOM   1070 C C   . ASP A 1 134 ? -4.542  -14.169 -8.199  1.00 6.83  ? 156 ASP A C   1 
ATOM   1071 O O   . ASP A 1 134 ? -4.770  -15.093 -8.999  1.00 7.33  ? 156 ASP A O   1 
ATOM   1072 C CB  . ASP A 1 134 ? -6.890  -13.271 -8.273  1.00 7.82  ? 156 ASP A CB  1 
ATOM   1073 C CG  . ASP A 1 134 ? -6.559  -12.318 -9.402  1.00 7.91  ? 156 ASP A CG  1 
ATOM   1074 O OD1 . ASP A 1 134 ? -5.400  -11.911 -9.570  1.00 8.04  ? 156 ASP A OD1 1 
ATOM   1075 O OD2 . ASP A 1 134 ? -7.512  -11.976 -10.136 1.00 9.10  ? 156 ASP A OD2 1 
ATOM   1076 N N   . GLY A 1 135 ? -3.337  -13.661 -8.010  1.00 7.09  ? 157 GLY A N   1 
ATOM   1077 C CA  . GLY A 1 135 ? -2.154  -14.225 -8.646  1.00 7.01  ? 157 GLY A CA  1 
ATOM   1078 C C   . GLY A 1 135 ? -1.756  -13.554 -9.943  1.00 7.32  ? 157 GLY A C   1 
ATOM   1079 O O   . GLY A 1 135 ? -0.635  -13.740 -10.420 1.00 7.76  ? 157 GLY A O   1 
ATOM   1080 N N   A THR A 1 136 ? -2.682  -12.767 -10.501 0.50 6.89  ? 158 THR A N   1 
ATOM   1081 N N   B THR A 1 136 ? -2.643  -12.770 -10.523 0.50 7.13  ? 158 THR A N   1 
ATOM   1082 C CA  A THR A 1 136 ? -2.464  -12.017 -11.740 0.50 7.37  ? 158 THR A CA  1 
ATOM   1083 C CA  B THR A 1 136 ? -2.310  -12.175 -11.795 0.50 7.62  ? 158 THR A CA  1 
ATOM   1084 C C   A THR A 1 136 ? -1.215  -11.144 -11.563 0.50 7.14  ? 158 THR A C   1 
ATOM   1085 C C   B THR A 1 136 ? -1.203  -11.147 -11.615 0.50 7.43  ? 158 THR A C   1 
ATOM   1086 O O   A THR A 1 136 ? -1.055  -10.484 -10.527 0.50 6.61  ? 158 THR A O   1 
ATOM   1087 O O   B THR A 1 136 ? -1.223  -10.319 -10.686 0.50 7.08  ? 158 THR A O   1 
ATOM   1088 C CB  A THR A 1 136 ? -3.703  -11.119 -12.120 0.50 7.02  ? 158 THR A CB  1 
ATOM   1089 C CB  B THR A 1 136 ? -3.517  -11.547 -12.442 0.50 8.21  ? 158 THR A CB  1 
ATOM   1090 O OG1 A THR A 1 136 ? -4.898  -11.911 -12.204 0.50 8.44  ? 158 THR A OG1 1 
ATOM   1091 O OG1 B THR A 1 136 ? -4.031  -10.535 -11.574 0.50 8.27  ? 158 THR A OG1 1 
ATOM   1092 C CG2 A THR A 1 136 ? -3.493  -10.450 -13.473 0.50 8.24  ? 158 THR A CG2 1 
ATOM   1093 C CG2 B THR A 1 136 ? -4.590  -12.607 -12.693 0.50 8.13  ? 158 THR A CG2 1 
ATOM   1094 N N   A ARG A 1 137 ? -0.332  -11.131 -12.558 0.50 8.07  ? 159 ARG A N   1 
ATOM   1095 N N   B ARG A 1 137 ? -0.229  -11.210 -12.510 0.50 8.12  ? 159 ARG A N   1 
ATOM   1096 C CA  A ARG A 1 137 ? 0.945   -10.432 -12.466 0.50 8.88  ? 159 ARG A CA  1 
ATOM   1097 C CA  B ARG A 1 137 ? 0.939   -10.374 -12.430 0.50 8.77  ? 159 ARG A CA  1 
ATOM   1098 C C   A ARG A 1 137 ? 1.228   -9.554  -13.673 0.50 9.74  ? 159 ARG A C   1 
ATOM   1099 C C   B ARG A 1 137 ? 1.051   -9.450  -13.631 0.50 9.61  ? 159 ARG A C   1 
ATOM   1100 O O   A ARG A 1 137 ? 0.972   -9.967  -14.813 0.50 10.09 ? 159 ARG A O   1 
ATOM   1101 O O   B ARG A 1 137 ? 0.480   -9.705  -14.701 0.50 9.79  ? 159 ARG A O   1 
ATOM   1102 C CB  A ARG A 1 137 ? 2.082   -11.437 -12.347 0.50 9.49  ? 159 ARG A CB  1 
ATOM   1103 C CB  B ARG A 1 137 ? 2.190   -11.241 -12.318 0.50 9.32  ? 159 ARG A CB  1 
ATOM   1104 C CG  A ARG A 1 137 ? 2.251   -11.989 -10.956 0.50 9.59  ? 159 ARG A CG  1 
ATOM   1105 C CG  B ARG A 1 137 ? 2.366   -11.853 -10.935 0.50 8.87  ? 159 ARG A CG  1 
ATOM   1106 C CD  A ARG A 1 137 ? 3.450   -12.935 -10.867 0.50 10.00 ? 159 ARG A CD  1 
ATOM   1107 C CD  B ARG A 1 137 ? 3.374   -13.007 -10.949 0.50 7.94  ? 159 ARG A CD  1 
ATOM   1108 N NE  A ARG A 1 137 ? 3.508   -13.543 -9.543  0.50 10.61 ? 159 ARG A NE  1 
ATOM   1109 N NE  B ARG A 1 137 ? 3.849   -13.373 -9.613  0.50 7.24  ? 159 ARG A NE  1 
ATOM   1110 C CZ  A ARG A 1 137 ? 4.529   -13.458 -8.697  0.50 10.72 ? 159 ARG A CZ  1 
ATOM   1111 C CZ  B ARG A 1 137 ? 3.161   -14.114 -8.750  0.50 8.24  ? 159 ARG A CZ  1 
ATOM   1112 N NH1 A ARG A 1 137 ? 5.651   -12.809 -9.020  0.50 13.27 ? 159 ARG A NH1 1 
ATOM   1113 N NH1 B ARG A 1 137 ? 1.949   -14.562 -9.058  0.50 8.23  ? 159 ARG A NH1 1 
ATOM   1114 N NH2 A ARG A 1 137 ? 4.426   -14.055 -7.522  0.50 10.49 ? 159 ARG A NH2 1 
ATOM   1115 N NH2 B ARG A 1 137 ? 3.694   -14.396 -7.570  0.50 9.11  ? 159 ARG A NH2 1 
ATOM   1116 N N   . TYR A 1 138 ? 1.783   -8.367  -13.412 1.00 10.25 ? 160 TYR A N   1 
ATOM   1117 C CA  . TYR A 1 138 ? 2.209   -7.430  -14.448 1.00 11.88 ? 160 TYR A CA  1 
ATOM   1118 C C   . TYR A 1 138 ? 3.634   -7.027  -14.081 1.00 12.51 ? 160 TYR A C   1 
ATOM   1119 O O   . TYR A 1 138 ? 3.897   -6.591  -12.948 1.00 12.92 ? 160 TYR A O   1 
ATOM   1120 C CB  . TYR A 1 138 ? 1.310   -6.185  -14.489 1.00 12.89 ? 160 TYR A CB  1 
ATOM   1121 C CG  . TYR A 1 138 ? 1.931   -5.047  -15.284 1.00 16.41 ? 160 TYR A CG  1 
ATOM   1122 C CD1 . TYR A 1 138 ? 1.913   -5.067  -16.682 1.00 18.23 ? 160 TYR A CD1 1 
ATOM   1123 C CD2 . TYR A 1 138 ? 2.559   -3.972  -14.654 1.00 18.45 ? 160 TYR A CD2 1 
ATOM   1124 C CE1 . TYR A 1 138 ? 2.492   -4.043  -17.438 1.00 19.92 ? 160 TYR A CE1 1 
ATOM   1125 C CE2 . TYR A 1 138 ? 3.149   -2.939  -15.406 1.00 19.47 ? 160 TYR A CE2 1 
ATOM   1126 C CZ  . TYR A 1 138 ? 3.107   -2.981  -16.797 1.00 19.93 ? 160 TYR A CZ  1 
ATOM   1127 O OH  . TYR A 1 138 ? 3.680   -1.972  -17.556 1.00 21.98 ? 160 TYR A OH  1 
ATOM   1128 N N   . SER A 1 139 ? 4.554   -7.145  -15.032 1.00 13.74 ? 161 SER A N   1 
ATOM   1129 C CA  . SER A 1 139 ? 5.950   -6.796  -14.796 1.00 14.44 ? 161 SER A CA  1 
ATOM   1130 C C   . SER A 1 139 ? 6.431   -5.711  -15.748 1.00 14.99 ? 161 SER A C   1 
ATOM   1131 O O   . SER A 1 139 ? 5.948   -5.595  -16.881 1.00 14.61 ? 161 SER A O   1 
ATOM   1132 C CB  . SER A 1 139 ? 6.858   -8.021  -14.925 1.00 15.61 ? 161 SER A CB  1 
ATOM   1133 O OG  . SER A 1 139 ? 6.550   -9.002  -13.951 1.00 17.84 ? 161 SER A OG  1 
ATOM   1134 N N   . LYS A 1 140 ? 7.390   -4.927  -15.280 1.00 14.44 ? 162 LYS A N   1 
ATOM   1135 C CA  . LYS A 1 140 ? 8.058   -3.937  -16.111 1.00 15.45 ? 162 LYS A CA  1 
ATOM   1136 C C   . LYS A 1 140 ? 9.432   -3.671  -15.520 1.00 15.53 ? 162 LYS A C   1 
ATOM   1137 O O   . LYS A 1 140 ? 9.662   -3.893  -14.325 1.00 15.88 ? 162 LYS A O   1 
ATOM   1138 C CB  . LYS A 1 140 ? 7.232   -2.653  -16.184 1.00 15.93 ? 162 LYS A CB  1 
ATOM   1139 C CG  . LYS A 1 140 ? 7.150   -1.875  -14.876 1.00 16.66 ? 162 LYS A CG  1 
ATOM   1140 C CD  . LYS A 1 140 ? 6.126   -0.753  -14.927 1.00 18.39 ? 162 LYS A CD  1 
ATOM   1141 C CE  . LYS A 1 140 ? 6.449   0.260   -16.025 1.00 19.31 ? 162 LYS A CE  1 
ATOM   1142 N NZ  . LYS A 1 140 ? 5.645   1.509   -15.910 1.00 21.69 ? 162 LYS A NZ  1 
ATOM   1143 N N   . LYS A 1 141 ? 10.357  -3.221  -16.360 1.00 15.07 ? 163 LYS A N   1 
ATOM   1144 C CA  . LYS A 1 141 ? 11.652  -2.774  -15.882 1.00 15.29 ? 163 LYS A CA  1 
ATOM   1145 C C   . LYS A 1 141 ? 11.543  -1.306  -15.511 1.00 14.31 ? 163 LYS A C   1 
ATOM   1146 O O   . LYS A 1 141 ? 10.954  -0.521  -16.253 1.00 15.96 ? 163 LYS A O   1 
ATOM   1147 C CB  . LYS A 1 141 ? 12.730  -2.981  -16.948 1.00 16.10 ? 163 LYS A CB  1 
ATOM   1148 C CG  . LYS A 1 141 ? 13.421  -4.341  -16.883 1.00 19.80 ? 163 LYS A CG  1 
ATOM   1149 C CD  . LYS A 1 141 ? 14.509  -4.477  -17.941 1.00 24.15 ? 163 LYS A CD  1 
ATOM   1150 C CE  . LYS A 1 141 ? 15.599  -3.432  -17.782 1.00 25.67 ? 163 LYS A CE  1 
ATOM   1151 N NZ  . LYS A 1 141 ? 16.448  -3.373  -19.000 1.00 29.03 ? 163 LYS A NZ  1 
ATOM   1152 N N   . GLY A 1 142 ? 12.071  -0.936  -14.351 1.00 13.04 ? 164 GLY A N   1 
ATOM   1153 C CA  . GLY A 1 142 ? 12.043  0.451   -13.951 1.00 12.52 ? 164 GLY A CA  1 
ATOM   1154 C C   . GLY A 1 142 ? 12.631  0.705   -12.586 1.00 11.90 ? 164 GLY A C   1 
ATOM   1155 O O   . GLY A 1 142 ? 13.471  -0.052  -12.091 1.00 12.64 ? 164 GLY A O   1 
ATOM   1156 N N   . GLU A 1 143 ? 12.181  1.801   -11.993 1.00 11.27 ? 165 GLU A N   1 
ATOM   1157 C CA  . GLU A 1 143 ? 12.557  2.177   -10.644 1.00 11.29 ? 165 GLU A CA  1 
ATOM   1158 C C   . GLU A 1 143 ? 11.460  3.087   -10.098 1.00 10.70 ? 165 GLU A C   1 
ATOM   1159 O O   . GLU A 1 143 ? 10.728  3.720   -10.873 1.00 11.22 ? 165 GLU A O   1 
ATOM   1160 C CB  . GLU A 1 143 ? 13.928  2.873   -10.644 1.00 11.63 ? 165 GLU A CB  1 
ATOM   1161 C CG  . GLU A 1 143 ? 14.425  3.335   -9.274  1.00 13.54 ? 165 GLU A CG  1 
ATOM   1162 C CD  . GLU A 1 143 ? 14.534  2.201   -8.271  1.00 15.47 ? 165 GLU A CD  1 
ATOM   1163 O OE1 . GLU A 1 143 ? 15.577  1.508   -8.254  1.00 17.39 ? 165 GLU A OE1 1 
ATOM   1164 O OE2 . GLU A 1 143 ? 13.585  2.006   -7.472  1.00 13.63 ? 165 GLU A OE2 1 
ATOM   1165 N N   . TYR A 1 144 ? 11.349  3.155   -8.776  1.00 10.84 ? 166 TYR A N   1 
ATOM   1166 C CA  . TYR A 1 144 ? 10.460  4.126   -8.153  1.00 10.75 ? 166 TYR A CA  1 
ATOM   1167 C C   . TYR A 1 144 ? 11.097  4.848   -6.973  1.00 10.84 ? 166 TYR A C   1 
ATOM   1168 O O   . TYR A 1 144 ? 10.593  5.877   -6.543  1.00 10.60 ? 166 TYR A O   1 
ATOM   1169 C CB  . TYR A 1 144 ? 9.129   3.474   -7.723  1.00 10.57 ? 166 TYR A CB  1 
ATOM   1170 C CG  . TYR A 1 144 ? 9.297   2.417   -6.658  1.00 10.43 ? 166 TYR A CG  1 
ATOM   1171 C CD1 . TYR A 1 144 ? 9.289   2.752   -5.302  1.00 10.56 ? 166 TYR A CD1 1 
ATOM   1172 C CD2 . TYR A 1 144 ? 9.508   1.093   -7.002  1.00 11.70 ? 166 TYR A CD2 1 
ATOM   1173 C CE1 . TYR A 1 144 ? 9.482   1.778   -4.308  1.00 10.75 ? 166 TYR A CE1 1 
ATOM   1174 C CE2 . TYR A 1 144 ? 9.686   0.122   -6.028  1.00 13.72 ? 166 TYR A CE2 1 
ATOM   1175 C CZ  . TYR A 1 144 ? 9.683   0.469   -4.692  1.00 12.16 ? 166 TYR A CZ  1 
ATOM   1176 O OH  . TYR A 1 144 ? 9.882   -0.536  -3.763  1.00 14.23 ? 166 TYR A OH  1 
ATOM   1177 N N   . ARG A 1 145 ? 12.209  4.320   -6.465  1.00 11.94 ? 167 ARG A N   1 
ATOM   1178 C CA  . ARG A 1 145 ? 12.856  4.881   -5.270  1.00 12.92 ? 167 ARG A CA  1 
ATOM   1179 C C   . ARG A 1 145 ? 13.717  6.068   -5.656  1.00 13.70 ? 167 ARG A C   1 
ATOM   1180 O O   . ARG A 1 145 ? 14.565  5.958   -6.551  1.00 14.38 ? 167 ARG A O   1 
ATOM   1181 C CB  . ARG A 1 145 ? 13.700  3.810   -4.571  1.00 13.20 ? 167 ARG A CB  1 
ATOM   1182 C CG  . ARG A 1 145 ? 12.876  2.649   -4.059  1.00 13.67 ? 167 ARG A CG  1 
ATOM   1183 C CD  . ARG A 1 145 ? 13.701  1.407   -3.790  1.00 15.53 ? 167 ARG A CD  1 
ATOM   1184 N NE  . ARG A 1 145 ? 14.351  0.901   -4.998  1.00 16.34 ? 167 ARG A NE  1 
ATOM   1185 C CZ  . ARG A 1 145 ? 15.181  -0.141  -5.030  1.00 18.53 ? 167 ARG A CZ  1 
ATOM   1186 N NH1 . ARG A 1 145 ? 15.456  -0.821  -3.921  1.00 19.15 ? 167 ARG A NH1 1 
ATOM   1187 N NH2 . ARG A 1 145 ? 15.731  -0.507  -6.179  1.00 18.59 ? 167 ARG A NH2 1 
ATOM   1188 N N   . THR A 1 146 ? 13.483  7.204   -5.010  1.00 14.03 ? 168 THR A N   1 
ATOM   1189 C CA  . THR A 1 146 ? 14.232  8.428   -5.302  1.00 15.99 ? 168 THR A CA  1 
ATOM   1190 C C   . THR A 1 146 ? 15.274  8.767   -4.235  1.00 17.09 ? 168 THR A C   1 
ATOM   1191 O O   . THR A 1 146 ? 16.103  9.654   -4.442  1.00 18.45 ? 168 THR A O   1 
ATOM   1192 C CB  . THR A 1 146 ? 13.306  9.646   -5.485  1.00 15.65 ? 168 THR A CB  1 
ATOM   1193 O OG1 . THR A 1 146 ? 12.764  10.032  -4.218  1.00 16.09 ? 168 THR A OG1 1 
ATOM   1194 C CG2 . THR A 1 146 ? 12.176  9.342   -6.464  1.00 15.95 ? 168 THR A CG2 1 
ATOM   1195 N N   . HIS A 1 147 ? 15.231  8.077   -3.098  1.00 17.76 ? 169 HIS A N   1 
ATOM   1196 C CA  . HIS A 1 147 ? 16.187  8.310   -2.008  1.00 19.15 ? 169 HIS A CA  1 
ATOM   1197 C C   . HIS A 1 147 ? 17.216  7.187   -1.978  1.00 19.81 ? 169 HIS A C   1 
ATOM   1198 O O   . HIS A 1 147 ? 16.855  6.007   -1.926  1.00 19.60 ? 169 HIS A O   1 
ATOM   1199 C CB  . HIS A 1 147 ? 15.468  8.394   -0.658  1.00 18.76 ? 169 HIS A CB  1 
ATOM   1200 C CG  . HIS A 1 147 ? 14.562  9.580   -0.527  1.00 20.11 ? 169 HIS A CG  1 
ATOM   1201 N ND1 . HIS A 1 147 ? 13.261  9.578   -0.979  1.00 21.34 ? 169 HIS A ND1 1 
ATOM   1202 C CD2 . HIS A 1 147 ? 14.773  10.805  0.007   1.00 21.50 ? 169 HIS A CD2 1 
ATOM   1203 C CE1 . HIS A 1 147 ? 12.710  10.752  -0.731  1.00 21.45 ? 169 HIS A CE1 1 
ATOM   1204 N NE2 . HIS A 1 147 ? 13.606  11.514  -0.131  1.00 23.77 ? 169 HIS A NE2 1 
ATOM   1205 N N   . GLN A 1 148 ? 18.497  7.560   -2.011  1.00 21.41 ? 170 GLN A N   1 
ATOM   1206 C CA  . GLN A 1 148 ? 19.593  6.586   -2.082  1.00 22.28 ? 170 GLN A CA  1 
ATOM   1207 C C   . GLN A 1 148 ? 19.583  5.577   -0.922  1.00 22.42 ? 170 GLN A C   1 
ATOM   1208 O O   . GLN A 1 148 ? 19.829  4.385   -1.131  1.00 22.80 ? 170 GLN A O   1 
ATOM   1209 C CB  . GLN A 1 148 ? 20.948  7.309   -2.182  1.00 22.75 ? 170 GLN A CB  1 
ATOM   1210 C CG  . GLN A 1 148 ? 22.157  6.401   -2.469  1.00 24.44 ? 170 GLN A CG  1 
ATOM   1211 C CD  . GLN A 1 148 ? 21.987  5.522   -3.703  1.00 25.57 ? 170 GLN A CD  1 
ATOM   1212 O OE1 . GLN A 1 148 ? 21.717  6.011   -4.803  1.00 28.04 ? 170 GLN A OE1 1 
ATOM   1213 N NE2 . GLN A 1 148 ? 22.158  4.218   -3.524  1.00 26.68 ? 170 GLN A NE2 1 
ATOM   1214 N N   . GLU A 1 149 ? 19.263  6.048   0.282   1.00 23.03 ? 171 GLU A N   1 
ATOM   1215 C CA  . GLU A 1 149 ? 19.232  5.187   1.472   1.00 23.38 ? 171 GLU A CA  1 
ATOM   1216 C C   . GLU A 1 149 ? 18.166  4.080   1.420   1.00 22.84 ? 171 GLU A C   1 
ATOM   1217 O O   . GLU A 1 149 ? 18.221  3.123   2.195   1.00 23.14 ? 171 GLU A O   1 
ATOM   1218 C CB  . GLU A 1 149 ? 19.107  6.024   2.756   1.00 23.94 ? 171 GLU A CB  1 
ATOM   1219 C CG  . GLU A 1 149 ? 17.728  6.626   3.026   1.00 26.14 ? 171 GLU A CG  1 
ATOM   1220 C CD  . GLU A 1 149 ? 17.460  7.933   2.283   1.00 29.87 ? 171 GLU A CD  1 
ATOM   1221 O OE1 . GLU A 1 149 ? 18.217  8.292   1.346   1.00 30.53 ? 171 GLU A OE1 1 
ATOM   1222 O OE2 . GLU A 1 149 ? 16.468  8.604   2.643   1.00 31.60 ? 171 GLU A OE2 1 
ATOM   1223 N N   . ASP A 1 150 ? 17.209  4.207   0.503   1.00 21.96 ? 172 ASP A N   1 
ATOM   1224 C CA  . ASP A 1 150 ? 16.169  3.190   0.324   1.00 21.69 ? 172 ASP A CA  1 
ATOM   1225 C C   . ASP A 1 150 ? 16.563  2.057   -0.623  1.00 22.46 ? 172 ASP A C   1 
ATOM   1226 O O   . ASP A 1 150 ? 15.915  1.004   -0.642  1.00 23.29 ? 172 ASP A O   1 
ATOM   1227 C CB  . ASP A 1 150 ? 14.872  3.846   -0.154  1.00 20.40 ? 172 ASP A CB  1 
ATOM   1228 C CG  . ASP A 1 150 ? 14.223  4.681   0.918   1.00 17.92 ? 172 ASP A CG  1 
ATOM   1229 O OD1 . ASP A 1 150 ? 14.362  4.315   2.110   1.00 17.07 ? 172 ASP A OD1 1 
ATOM   1230 O OD2 . ASP A 1 150 ? 13.568  5.683   0.566   1.00 15.31 ? 172 ASP A OD2 1 
ATOM   1231 N N   A ILE A 1 151 ? 17.624  2.264   -1.395  0.50 22.88 ? 173 ILE A N   1 
ATOM   1232 N N   B ILE A 1 151 ? 17.625  2.287   -1.393  0.50 22.61 ? 173 ILE A N   1 
ATOM   1233 C CA  A ILE A 1 151 ? 18.063  1.267   -2.367  0.50 23.14 ? 173 ILE A CA  1 
ATOM   1234 C CA  B ILE A 1 151 ? 18.048  1.379   -2.458  0.50 22.65 ? 173 ILE A CA  1 
ATOM   1235 C C   A ILE A 1 151 ? 19.142  0.346   -1.804  0.50 23.44 ? 173 ILE A C   1 
ATOM   1236 C C   B ILE A 1 151 ? 19.199  0.472   -2.036  0.50 22.83 ? 173 ILE A C   1 
ATOM   1237 O O   A ILE A 1 151 ? 18.837  -0.721  -1.269  0.50 23.56 ? 173 ILE A O   1 
ATOM   1238 O O   B ILE A 1 151 ? 20.021  0.840   -1.199  0.50 22.59 ? 173 ILE A O   1 
ATOM   1239 C CB  A ILE A 1 151 ? 18.544  1.934   -3.660  0.50 23.28 ? 173 ILE A CB  1 
ATOM   1240 C CB  B ILE A 1 151 ? 18.467  2.176   -3.704  0.50 22.73 ? 173 ILE A CB  1 
ATOM   1241 C CG1 A ILE A 1 151 ? 17.396  2.737   -4.280  0.50 23.21 ? 173 ILE A CG1 1 
ATOM   1242 C CG1 B ILE A 1 151 ? 17.352  3.145   -4.103  0.50 22.33 ? 173 ILE A CG1 1 
ATOM   1243 C CG2 A ILE A 1 151 ? 19.074  0.891   -4.634  0.50 23.18 ? 173 ILE A CG2 1 
ATOM   1244 C CG2 B ILE A 1 151 ? 18.824  1.235   -4.851  0.50 22.78 ? 173 ILE A CG2 1 
ATOM   1245 C CD1 A ILE A 1 151 ? 17.751  3.439   -5.565  0.50 23.59 ? 173 ILE A CD1 1 
ATOM   1246 C CD1 B ILE A 1 151 ? 17.745  4.130   -5.174  0.50 22.02 ? 173 ILE A CD1 1 
HETATM 1247 S S   . DMS B 2 .   ? -7.182  -8.698  -7.514  1.00 13.21 ? 201 DMS A S   1 
HETATM 1248 O O   . DMS B 2 .   ? -6.722  -10.146 -6.674  1.00 12.42 ? 201 DMS A O   1 
HETATM 1249 C C1  . DMS B 2 .   ? -8.397  -9.262  -8.725  1.00 13.08 ? 201 DMS A C1  1 
HETATM 1250 C C2  . DMS B 2 .   ? -8.195  -7.818  -6.335  1.00 12.45 ? 201 DMS A C2  1 
HETATM 1251 S S   . SO4 C 3 .   ? -4.517  1.636   -8.296  1.00 31.43 ? 202 SO4 A S   1 
HETATM 1252 O O1  . SO4 C 3 .   ? -4.823  1.011   -9.585  1.00 33.80 ? 202 SO4 A O1  1 
HETATM 1253 O O2  . SO4 C 3 .   ? -5.770  2.133   -7.728  1.00 32.72 ? 202 SO4 A O2  1 
HETATM 1254 O O3  . SO4 C 3 .   ? -3.894  0.635   -7.433  1.00 34.75 ? 202 SO4 A O3  1 
HETATM 1255 O O4  . SO4 C 3 .   ? -3.572  2.737   -8.506  1.00 32.61 ? 202 SO4 A O4  1 
HETATM 1256 C C3  . 4XJ D 4 .   ? -3.173  -7.165  3.072   1.00 16.89 ? 203 4XJ A C3  1 
HETATM 1257 C CAI . 4XJ D 4 .   ? -0.349  -11.902 1.269   1.00 17.25 ? 203 4XJ A CAI 1 
HETATM 1258 C CAG . 4XJ D 4 .   ? 0.326   -12.072 -0.084  1.00 15.56 ? 203 4XJ A CAG 1 
HETATM 1259 C CAM . 4XJ D 4 .   ? -0.275  -11.294 -1.097  1.00 13.32 ? 203 4XJ A CAM 1 
HETATM 1260 C CAE . 4XJ D 4 .   ? 0.037   -11.569 -2.434  1.00 14.12 ? 203 4XJ A CAE 1 
HETATM 1261 C CAC . 4XJ D 4 .   ? -0.533  -10.815 -3.464  1.00 12.40 ? 203 4XJ A CAC 1 
HETATM 1262 C CAD . 4XJ D 4 .   ? -1.411  -9.748  -3.218  1.00 9.82  ? 203 4XJ A CAD 1 
HETATM 1263 C CAL . 4XJ D 4 .   ? -1.720  -9.496  -1.872  1.00 12.35 ? 203 4XJ A CAL 1 
HETATM 1264 N NAB . 4XJ D 4 .   ? -2.555  -8.488  -1.553  1.00 11.72 ? 203 4XJ A NAB 1 
HETATM 1265 C CAN . 4XJ D 4 .   ? -1.154  -10.233 -0.807  1.00 13.34 ? 203 4XJ A CAN 1 
HETATM 1266 C CAJ . 4XJ D 4 .   ? -1.505  -9.910  0.528   1.00 14.81 ? 203 4XJ A CAJ 1 
HETATM 1267 N NAO . 4XJ D 4 .   ? -0.625  -10.482 1.570   1.00 16.94 ? 203 4XJ A NAO 1 
HETATM 1268 C CAH . 4XJ D 4 .   ? -1.069  -10.266 2.982   1.00 19.75 ? 203 4XJ A CAH 1 
HETATM 1269 C C1  . 4XJ D 4 .   ? -1.414  -8.790  3.280   1.00 19.33 ? 203 4XJ A C1  1 
HETATM 1270 O O2  . 4XJ D 4 .   ? -2.747  -8.510  2.828   1.00 19.87 ? 203 4XJ A O2  1 
HETATM 1271 C CAF . 4XJ D 4 .   ? -2.210  -11.218 3.432   1.00 22.72 ? 203 4XJ A CAF 1 
HETATM 1272 O OAK . 4XJ D 4 .   ? -1.646  -12.418 3.995   1.00 26.44 ? 203 4XJ A OAK 1 
HETATM 1273 C CAA . 4XJ D 4 .   ? -2.507  -13.546 3.788   1.00 27.41 ? 203 4XJ A CAA 1 
HETATM 1274 C C3  . 4XJ E 4 .   ? 22.261  8.822   -11.437 1.00 23.96 ? 204 4XJ A C3  1 
HETATM 1275 C CAI . 4XJ E 4 .   ? 18.411  6.878   -14.310 1.00 14.39 ? 204 4XJ A CAI 1 
HETATM 1276 C CAG . 4XJ E 4 .   ? 17.623  5.958   -15.213 1.00 13.62 ? 204 4XJ A CAG 1 
HETATM 1277 C CAM . 4XJ E 4 .   ? 18.202  4.667   -15.218 1.00 14.64 ? 204 4XJ A CAM 1 
HETATM 1278 C CAE . 4XJ E 4 .   ? 17.898  3.796   -16.272 1.00 14.52 ? 204 4XJ A CAE 1 
HETATM 1279 C CAC . 4XJ E 4 .   ? 18.447  2.517   -16.335 1.00 15.82 ? 204 4XJ A CAC 1 
HETATM 1280 C CAD . 4XJ E 4 .   ? 19.319  2.084   -15.338 1.00 14.89 ? 204 4XJ A CAD 1 
HETATM 1281 C CAL . 4XJ E 4 .   ? 19.624  2.939   -14.277 1.00 15.34 ? 204 4XJ A CAL 1 
HETATM 1282 N NAB . 4XJ E 4 .   ? 20.455  2.565   -13.301 1.00 16.87 ? 204 4XJ A NAB 1 
HETATM 1283 C CAN . 4XJ E 4 .   ? 19.078  4.227   -14.195 1.00 14.76 ? 204 4XJ A CAN 1 
HETATM 1284 C CAJ . 4XJ E 4 .   ? 19.439  5.044   -13.104 1.00 14.86 ? 204 4XJ A CAJ 1 
HETATM 1285 N NAO . 4XJ E 4 .   ? 18.568  6.229   -12.987 1.00 15.03 ? 204 4XJ A NAO 1 
HETATM 1286 C CAH . 4XJ E 4 .   ? 19.030  7.135   -11.902 1.00 18.59 ? 204 4XJ A CAH 1 
HETATM 1287 C C1  . 4XJ E 4 .   ? 20.248  7.998   -12.294 1.00 20.16 ? 204 4XJ A C1  1 
HETATM 1288 O O2  . 4XJ E 4 .   ? 21.005  8.225   -11.109 1.00 23.50 ? 204 4XJ A O2  1 
HETATM 1289 C CAF . 4XJ E 4 .   ? 17.891  8.007   -11.315 1.00 21.12 ? 204 4XJ A CAF 1 
HETATM 1290 O OAK . 4XJ E 4 .   ? 17.385  8.926   -12.293 1.00 23.90 ? 204 4XJ A OAK 1 
HETATM 1291 C CAA . 4XJ E 4 .   ? 17.082  10.191  -11.700 1.00 26.52 ? 204 4XJ A CAA 1 
HETATM 1292 C C1  . GOL F 5 .   ? 0.801   -8.084  12.309  1.00 25.15 ? 205 GOL A C1  1 
HETATM 1293 O O1  . GOL F 5 .   ? 2.062   -7.586  11.899  1.00 20.81 ? 205 GOL A O1  1 
HETATM 1294 C C2  . GOL F 5 .   ? 0.481   -7.481  13.673  1.00 26.45 ? 205 GOL A C2  1 
HETATM 1295 O O2  . GOL F 5 .   ? 0.812   -8.405  14.686  1.00 28.66 ? 205 GOL A O2  1 
HETATM 1296 C C3  . GOL F 5 .   ? -0.987  -7.080  13.787  1.00 26.48 ? 205 GOL A C3  1 
HETATM 1297 O O3  . GOL F 5 .   ? -1.158  -6.249  14.916  1.00 26.57 ? 205 GOL A O3  1 
HETATM 1298 O O   . HOH G 6 .   ? -7.991  -2.273  -12.150 1.00 25.64 ? 301 HOH A O   1 
HETATM 1299 O O   . HOH G 6 .   ? 2.596   -15.324 -5.492  1.00 16.69 ? 302 HOH A O   1 
HETATM 1300 O O   . HOH G 6 .   ? 9.484   2.145   -15.399 1.00 17.97 ? 303 HOH A O   1 
HETATM 1301 O O   . HOH G 6 .   ? -9.913  -12.424 -9.334  1.00 18.34 ? 304 HOH A O   1 
HETATM 1302 O O   . HOH G 6 .   ? 9.729   -1.928  11.285  1.00 10.77 ? 305 HOH A O   1 
HETATM 1303 O O   . HOH G 6 .   ? 18.023  1.301   -9.190  1.00 30.48 ? 306 HOH A O   1 
HETATM 1304 O O   . HOH G 6 .   ? -8.525  -11.184 -5.035  1.00 11.55 ? 307 HOH A O   1 
HETATM 1305 O O   . HOH G 6 .   ? 7.290   8.193   -9.744  1.00 25.72 ? 308 HOH A O   1 
HETATM 1306 O O   . HOH G 6 .   ? -8.724  -6.673  15.156  1.00 13.27 ? 309 HOH A O   1 
HETATM 1307 O O   . HOH G 6 .   ? -0.627  12.556  1.611   1.00 17.46 ? 310 HOH A O   1 
HETATM 1308 O O   . HOH G 6 .   ? -2.744  10.343  10.504  1.00 16.82 ? 311 HOH A O   1 
HETATM 1309 O O   . HOH G 6 .   ? -8.435  5.805   14.843  1.00 25.85 ? 312 HOH A O   1 
HETATM 1310 O O   . HOH G 6 .   ? -3.910  11.379  0.183   1.00 11.53 ? 313 HOH A O   1 
HETATM 1311 O O   . HOH G 6 .   ? 6.489   -4.280  2.808   1.00 8.48  ? 314 HOH A O   1 
HETATM 1312 O O   . HOH G 6 .   ? 3.965   -12.243 -4.129  1.00 22.03 ? 315 HOH A O   1 
HETATM 1313 O O   . HOH G 6 .   ? -11.838 2.017   -4.986  1.00 7.03  ? 316 HOH A O   1 
HETATM 1314 O O   . HOH G 6 .   ? 13.044  6.190   -2.087  1.00 13.47 ? 317 HOH A O   1 
HETATM 1315 O O   . HOH G 6 .   ? 15.661  2.979   9.714   1.00 23.32 ? 318 HOH A O   1 
HETATM 1316 O O   . HOH G 6 .   ? 8.550   -2.367  17.392  1.00 10.40 ? 319 HOH A O   1 
HETATM 1317 O O   . HOH G 6 .   ? -8.797  0.935   -8.683  1.00 13.55 ? 320 HOH A O   1 
HETATM 1318 O O   . HOH G 6 .   ? -16.060 -0.729  -8.007  1.00 27.21 ? 321 HOH A O   1 
HETATM 1319 O O   . HOH G 6 .   ? -5.023  -7.640  -5.786  1.00 11.58 ? 322 HOH A O   1 
HETATM 1320 O O   . HOH G 6 .   ? 13.216  -2.653  1.189   1.00 23.78 ? 323 HOH A O   1 
HETATM 1321 O O   . HOH G 6 .   ? 16.386  4.905   -12.089 1.00 17.36 ? 324 HOH A O   1 
HETATM 1322 O O   . HOH G 6 .   ? -7.989  -5.226  -14.278 1.00 20.91 ? 325 HOH A O   1 
HETATM 1323 O O   . HOH G 6 .   ? 10.508  4.697   18.417  1.00 11.45 ? 326 HOH A O   1 
HETATM 1324 O O   . HOH G 6 .   ? 11.522  1.787   22.642  1.00 18.55 ? 327 HOH A O   1 
HETATM 1325 O O   . HOH G 6 .   ? -5.851  -5.749  -7.179  1.00 19.96 ? 328 HOH A O   1 
HETATM 1326 O O   . HOH G 6 .   ? 16.041  -6.455  -13.900 1.00 25.25 ? 329 HOH A O   1 
HETATM 1327 O O   . HOH G 6 .   ? -2.205  1.046   -11.803 1.00 28.07 ? 330 HOH A O   1 
HETATM 1328 O O   . HOH G 6 .   ? -7.391  -10.686 -12.525 1.00 12.42 ? 331 HOH A O   1 
HETATM 1329 O O   . HOH G 6 .   ? 4.275   -8.784  12.936  1.00 21.75 ? 332 HOH A O   1 
HETATM 1330 O O   . HOH G 6 .   ? 10.328  5.112   8.247   1.00 15.32 ? 333 HOH A O   1 
HETATM 1331 O O   . HOH G 6 .   ? 6.438   11.241  -13.975 1.00 28.80 ? 334 HOH A O   1 
HETATM 1332 O O   . HOH G 6 .   ? -3.456  -8.550  5.966   1.00 18.79 ? 335 HOH A O   1 
HETATM 1333 O O   . HOH G 6 .   ? -3.770  3.572   19.101  1.00 13.65 ? 336 HOH A O   1 
HETATM 1334 O O   . HOH G 6 .   ? 8.364   7.194   -7.464  1.00 13.32 ? 337 HOH A O   1 
HETATM 1335 O O   . HOH G 6 .   ? -8.649  14.097  3.966   1.00 14.92 ? 338 HOH A O   1 
HETATM 1336 O O   . HOH G 6 .   ? -14.970 -6.409  3.528   1.00 25.67 ? 339 HOH A O   1 
HETATM 1337 O O   . HOH G 6 .   ? 16.529  6.764   -8.300  1.00 23.63 ? 340 HOH A O   1 
HETATM 1338 O O   . HOH G 6 .   ? -4.619  10.211  -5.341  1.00 17.83 ? 341 HOH A O   1 
HETATM 1339 O O   . HOH G 6 .   ? 6.253   4.316   -16.446 1.00 21.27 ? 342 HOH A O   1 
HETATM 1340 O O   . HOH G 6 .   ? -0.941  -6.434  -0.277  1.00 9.25  ? 343 HOH A O   1 
HETATM 1341 O O   . HOH G 6 .   ? 6.444   -11.496 6.185   1.00 22.29 ? 344 HOH A O   1 
HETATM 1342 O O   . HOH G 6 .   ? -10.178 -10.459 10.105  1.00 34.80 ? 345 HOH A O   1 
HETATM 1343 O O   . HOH G 6 .   ? 3.162   9.978   -2.752  1.00 23.34 ? 346 HOH A O   1 
HETATM 1344 O O   . HOH G 6 .   ? -7.152  -6.170  2.444   1.00 27.59 ? 347 HOH A O   1 
HETATM 1345 O O   . HOH G 6 .   ? 1.268   -12.569 -15.833 1.00 21.84 ? 348 HOH A O   1 
HETATM 1346 O O   . HOH G 6 .   ? 3.966   -1.811  20.957  1.00 21.79 ? 349 HOH A O   1 
HETATM 1347 O O   . HOH G 6 .   ? -14.813 -5.171  -7.880  1.00 19.25 ? 350 HOH A O   1 
HETATM 1348 O O   . HOH G 6 .   ? -18.277 -1.040  -0.616  1.00 19.79 ? 351 HOH A O   1 
HETATM 1349 O O   . HOH G 6 .   ? -14.914 4.630   9.251   1.00 20.02 ? 352 HOH A O   1 
HETATM 1350 O O   . HOH G 6 .   ? -11.543 -0.221  -11.973 1.00 25.46 ? 353 HOH A O   1 
HETATM 1351 O O   . HOH G 6 .   ? -10.906 -5.697  2.917   1.00 14.82 ? 354 HOH A O   1 
HETATM 1352 O O   . HOH G 6 .   ? 5.241   -12.004 -1.792  1.00 18.77 ? 355 HOH A O   1 
HETATM 1353 O O   . HOH G 6 .   ? 5.660   -2.369  18.180  1.00 14.63 ? 356 HOH A O   1 
HETATM 1354 O O   . HOH G 6 .   ? -7.626  13.157  7.790   1.00 14.78 ? 357 HOH A O   1 
HETATM 1355 O O   . HOH G 6 .   ? 0.635   -0.277  20.346  1.00 19.68 ? 358 HOH A O   1 
HETATM 1356 O O   . HOH G 6 .   ? -20.607 5.396   -2.394  1.00 27.08 ? 359 HOH A O   1 
HETATM 1357 O O   . HOH G 6 .   ? -2.966  10.838  14.621  1.00 17.60 ? 360 HOH A O   1 
HETATM 1358 O O   . HOH G 6 .   ? -4.540  9.952   -7.471  1.00 23.03 ? 361 HOH A O   1 
HETATM 1359 O O   . HOH G 6 .   ? 3.656   -8.176  -17.556 1.00 25.97 ? 362 HOH A O   1 
HETATM 1360 O O   . HOH G 6 .   ? -11.615 4.475   12.926  1.00 17.36 ? 363 HOH A O   1 
HETATM 1361 O O   . HOH G 6 .   ? -5.174  -8.992  -0.483  1.00 13.92 ? 364 HOH A O   1 
HETATM 1362 O O   . HOH G 6 .   ? 2.040   10.990  -0.531  1.00 13.34 ? 365 HOH A O   1 
HETATM 1363 O O   . HOH G 6 .   ? -3.832  12.065  7.861   1.00 21.04 ? 366 HOH A O   1 
HETATM 1364 O O   . HOH G 6 .   ? 11.812  -6.500  0.871   1.00 23.38 ? 367 HOH A O   1 
HETATM 1365 O O   . HOH G 6 .   ? -4.364  12.425  -3.831  1.00 21.58 ? 368 HOH A O   1 
HETATM 1366 O O   . HOH G 6 .   ? 6.761   -14.563 -5.884  1.00 21.01 ? 369 HOH A O   1 
HETATM 1367 O O   . HOH G 6 .   ? -17.307 1.576   -6.783  1.00 12.22 ? 370 HOH A O   1 
HETATM 1368 O O   . HOH G 6 .   ? -13.972 9.981   6.520   1.00 27.46 ? 371 HOH A O   1 
HETATM 1369 O O   . HOH G 6 .   ? 3.657   8.180   8.265   1.00 11.30 ? 372 HOH A O   1 
HETATM 1370 O O   . HOH G 6 .   ? 0.742   7.182   17.246  1.00 11.49 ? 373 HOH A O   1 
HETATM 1371 O O   . HOH G 6 .   ? -5.989  3.379   17.607  1.00 14.06 ? 374 HOH A O   1 
HETATM 1372 O O   . HOH G 6 .   ? 7.856   -11.751 -2.651  1.00 24.70 ? 375 HOH A O   1 
HETATM 1373 O O   . HOH G 6 .   ? -7.300  -7.718  -1.815  1.00 11.55 ? 376 HOH A O   1 
HETATM 1374 O O   . HOH G 6 .   ? 6.692   -9.162  7.617   1.00 22.59 ? 377 HOH A O   1 
HETATM 1375 O O   . HOH G 6 .   ? -11.400 -1.023  19.268  1.00 25.30 ? 378 HOH A O   1 
HETATM 1376 O O   . HOH G 6 .   ? 1.314   -13.783 -3.974  1.00 23.10 ? 379 HOH A O   1 
HETATM 1377 O O   . HOH G 6 .   ? 1.791   -14.659 -1.475  1.00 21.90 ? 380 HOH A O   1 
HETATM 1378 O O   . HOH G 6 .   ? 10.421  -13.036 -1.666  1.00 22.43 ? 381 HOH A O   1 
HETATM 1379 O O   . HOH G 6 .   ? -8.625  -6.372  0.179   1.00 18.00 ? 382 HOH A O   1 
HETATM 1380 O O   . HOH G 6 .   ? -7.276  6.137   17.533  1.00 30.23 ? 383 HOH A O   1 
HETATM 1381 O O   . HOH G 6 .   ? -3.622  6.303   19.460  1.00 21.15 ? 384 HOH A O   1 
HETATM 1382 O O   . HOH G 6 .   ? 2.632   8.632   21.083  1.00 13.72 ? 385 HOH A O   1 
HETATM 1383 O O   . HOH G 6 .   ? 3.002   7.157   23.605  1.00 20.59 ? 386 HOH A O   1 
HETATM 1384 O O   . HOH G 6 .   ? -13.136 -10.376 -5.083  1.00 17.68 ? 387 HOH A O   1 
HETATM 1385 O O   . HOH G 6 .   ? -11.840 -9.769  -2.484  1.00 20.74 ? 388 HOH A O   1 
# 
